data_3UNN
# 
_entry.id   3UNN 
# 
_audit_conform.dict_name       mmcif_pdbx.dic 
_audit_conform.dict_version    5.399 
_audit_conform.dict_location   http://mmcif.pdb.org/dictionaries/ascii/mmcif_pdbx.dic 
# 
loop_
_database_2.database_id 
_database_2.database_code 
_database_2.pdbx_database_accession 
_database_2.pdbx_DOI 
PDB   3UNN         pdb_00003unn 10.2210/pdb3unn/pdb 
RCSB  RCSB068980   ?            ?                   
WWPDB D_1000068980 ?            ?                   
# 
loop_
_pdbx_audit_revision_history.ordinal 
_pdbx_audit_revision_history.data_content_type 
_pdbx_audit_revision_history.major_revision 
_pdbx_audit_revision_history.minor_revision 
_pdbx_audit_revision_history.revision_date 
1 'Structure model' 1 0 2012-01-25 
2 'Structure model' 1 1 2014-03-12 
3 'Structure model' 1 2 2017-11-08 
4 'Structure model' 1 3 2023-11-01 
5 'Structure model' 1 4 2024-11-20 
# 
_pdbx_audit_revision_details.ordinal             1 
_pdbx_audit_revision_details.revision_ordinal    1 
_pdbx_audit_revision_details.data_content_type   'Structure model' 
_pdbx_audit_revision_details.provider            repository 
_pdbx_audit_revision_details.type                'Initial release' 
_pdbx_audit_revision_details.description         ? 
_pdbx_audit_revision_details.details             ? 
# 
loop_
_pdbx_audit_revision_group.ordinal 
_pdbx_audit_revision_group.revision_ordinal 
_pdbx_audit_revision_group.data_content_type 
_pdbx_audit_revision_group.group 
1 2 'Structure model' 'Database references'    
2 3 'Structure model' 'Refinement description' 
3 4 'Structure model' 'Data collection'        
4 4 'Structure model' 'Database references'    
5 4 'Structure model' 'Derived calculations'   
6 4 'Structure model' 'Refinement description' 
7 5 'Structure model' 'Structure summary'      
# 
loop_
_pdbx_audit_revision_category.ordinal 
_pdbx_audit_revision_category.revision_ordinal 
_pdbx_audit_revision_category.data_content_type 
_pdbx_audit_revision_category.category 
1 3 'Structure model' software                      
2 4 'Structure model' chem_comp_atom                
3 4 'Structure model' chem_comp_bond                
4 4 'Structure model' database_2                    
5 4 'Structure model' pdbx_initial_refinement_model 
6 4 'Structure model' struct_conn                   
7 4 'Structure model' struct_ref_seq_dif            
8 5 'Structure model' pdbx_entry_details            
9 5 'Structure model' pdbx_modification_feature     
# 
loop_
_pdbx_audit_revision_item.ordinal 
_pdbx_audit_revision_item.revision_ordinal 
_pdbx_audit_revision_item.data_content_type 
_pdbx_audit_revision_item.item 
1 4 'Structure model' '_database_2.pdbx_DOI'                
2 4 'Structure model' '_database_2.pdbx_database_accession' 
3 4 'Structure model' '_struct_conn.pdbx_leaving_atom_flag' 
4 4 'Structure model' '_struct_ref_seq_dif.details'         
# 
_pdbx_database_status.entry_id                        3UNN 
_pdbx_database_status.status_code                     REL 
_pdbx_database_status.deposit_site                    RCSB 
_pdbx_database_status.process_site                    PDBJ 
_pdbx_database_status.recvd_initial_deposition_date   2011-11-16 
_pdbx_database_status.status_code_sf                  REL 
_pdbx_database_status.status_code_mr                  ? 
_pdbx_database_status.SG_entry                        ? 
_pdbx_database_status.status_code_cs                  ? 
_pdbx_database_status.methods_development_category    ? 
_pdbx_database_status.pdb_format_compatible           Y 
_pdbx_database_status.status_code_nmr_data            ? 
# 
loop_
_pdbx_database_related.db_name 
_pdbx_database_related.db_id 
_pdbx_database_related.details 
_pdbx_database_related.content_type 
PDB 3UMZ . unspecified 
PDB 3UNM . unspecified 
# 
loop_
_audit_author.name 
_audit_author.pdbx_ordinal 
'Luo, S.' 1 
'Ye, K.'  2 
# 
_citation.id                        primary 
_citation.title                     
'Structural mechanism of the phosphorylation-dependent dimerization of the MDC1 forkhead-associated domain' 
_citation.journal_abbrev            'Nucleic Acids Res.' 
_citation.journal_volume            40 
_citation.page_first                3898 
_citation.page_last                 3912 
_citation.year                      2012 
_citation.journal_id_ASTM           NARHAD 
_citation.country                   UK 
_citation.journal_id_ISSN           0305-1048 
_citation.journal_id_CSD            0389 
_citation.book_publisher            ? 
_citation.pdbx_database_id_PubMed   22234877 
_citation.pdbx_database_id_DOI      10.1093/nar/gkr1296 
# 
loop_
_citation_author.citation_id 
_citation_author.name 
_citation_author.ordinal 
_citation_author.identifier_ORCID 
primary 'Liu, J.'     1  ? 
primary 'Luo, S.'     2  ? 
primary 'Zhao, H.'    3  ? 
primary 'Liao, J.'    4  ? 
primary 'Li, J.'      5  ? 
primary 'Yang, C.'    6  ? 
primary 'Xu, B.'      7  ? 
primary 'Stern, D.F.' 8  ? 
primary 'Xu, X.'      9  ? 
primary 'Ye, K.'      10 ? 
# 
loop_
_entity.id 
_entity.type 
_entity.src_method 
_entity.pdbx_description 
_entity.formula_weight 
_entity.pdbx_number_of_molecules 
_entity.pdbx_ec 
_entity.pdbx_mutation 
_entity.pdbx_fragment 
_entity.details 
1 polymer man 'Mediator of DNA damage checkpoint protein 1'                         12509.480 1  ? ? 'FHA domain, residues 27-138' 
? 
2 polymer syn 'phospho-T4 peptide from Mediator of DNA damage checkpoint protein 1' 1001.949  1  ? ? ?                             
? 
3 water   nat water                                                                 18.015    71 ? ? ?                             
? 
# 
_entity_name_com.entity_id   1 
_entity_name_com.name        'Nuclear factor with BRCT domains 1' 
# 
loop_
_entity_poly.entity_id 
_entity_poly.type 
_entity_poly.nstd_linkage 
_entity_poly.nstd_monomer 
_entity_poly.pdbx_seq_one_letter_code 
_entity_poly.pdbx_seq_one_letter_code_can 
_entity_poly.pdbx_strand_id 
_entity_poly.pdbx_target_identifier 
1 'polypeptide(L)' no no  
;SNVEPVGRLHIFSGAHGPEKDFPLHLGKNVVGRMPDCSVALPFPSISKQHAEIEILAWDKAPILRDCGSLNGTQILRPPK
VLSPGVSHRLRDQELILFADLLCQYHRLDVSLP
;
;SNVEPVGRLHIFSGAHGPEKDFPLHLGKNVVGRMPDCSVALPFPSISKQHAEIEILAWDKAPILRDCGSLNGTQILRPPK
VLSPGVSHRLRDQELILFADLLCQYHRLDVSLP
;
A ? 
2 'polypeptide(L)' no yes 'MED(TPO)QAID' MEDTQAID B ? 
# 
_pdbx_entity_nonpoly.entity_id   3 
_pdbx_entity_nonpoly.name        water 
_pdbx_entity_nonpoly.comp_id     HOH 
# 
loop_
_entity_poly_seq.entity_id 
_entity_poly_seq.num 
_entity_poly_seq.mon_id 
_entity_poly_seq.hetero 
1 1   SER n 
1 2   ASN n 
1 3   VAL n 
1 4   GLU n 
1 5   PRO n 
1 6   VAL n 
1 7   GLY n 
1 8   ARG n 
1 9   LEU n 
1 10  HIS n 
1 11  ILE n 
1 12  PHE n 
1 13  SER n 
1 14  GLY n 
1 15  ALA n 
1 16  HIS n 
1 17  GLY n 
1 18  PRO n 
1 19  GLU n 
1 20  LYS n 
1 21  ASP n 
1 22  PHE n 
1 23  PRO n 
1 24  LEU n 
1 25  HIS n 
1 26  LEU n 
1 27  GLY n 
1 28  LYS n 
1 29  ASN n 
1 30  VAL n 
1 31  VAL n 
1 32  GLY n 
1 33  ARG n 
1 34  MET n 
1 35  PRO n 
1 36  ASP n 
1 37  CYS n 
1 38  SER n 
1 39  VAL n 
1 40  ALA n 
1 41  LEU n 
1 42  PRO n 
1 43  PHE n 
1 44  PRO n 
1 45  SER n 
1 46  ILE n 
1 47  SER n 
1 48  LYS n 
1 49  GLN n 
1 50  HIS n 
1 51  ALA n 
1 52  GLU n 
1 53  ILE n 
1 54  GLU n 
1 55  ILE n 
1 56  LEU n 
1 57  ALA n 
1 58  TRP n 
1 59  ASP n 
1 60  LYS n 
1 61  ALA n 
1 62  PRO n 
1 63  ILE n 
1 64  LEU n 
1 65  ARG n 
1 66  ASP n 
1 67  CYS n 
1 68  GLY n 
1 69  SER n 
1 70  LEU n 
1 71  ASN n 
1 72  GLY n 
1 73  THR n 
1 74  GLN n 
1 75  ILE n 
1 76  LEU n 
1 77  ARG n 
1 78  PRO n 
1 79  PRO n 
1 80  LYS n 
1 81  VAL n 
1 82  LEU n 
1 83  SER n 
1 84  PRO n 
1 85  GLY n 
1 86  VAL n 
1 87  SER n 
1 88  HIS n 
1 89  ARG n 
1 90  LEU n 
1 91  ARG n 
1 92  ASP n 
1 93  GLN n 
1 94  GLU n 
1 95  LEU n 
1 96  ILE n 
1 97  LEU n 
1 98  PHE n 
1 99  ALA n 
1 100 ASP n 
1 101 LEU n 
1 102 LEU n 
1 103 CYS n 
1 104 GLN n 
1 105 TYR n 
1 106 HIS n 
1 107 ARG n 
1 108 LEU n 
1 109 ASP n 
1 110 VAL n 
1 111 SER n 
1 112 LEU n 
1 113 PRO n 
2 1   MET n 
2 2   GLU n 
2 3   ASP n 
2 4   TPO n 
2 5   GLN n 
2 6   ALA n 
2 7   ILE n 
2 8   ASP n 
# 
_entity_src_gen.entity_id                          1 
_entity_src_gen.pdbx_src_id                        1 
_entity_src_gen.pdbx_alt_source_flag               sample 
_entity_src_gen.pdbx_seq_type                      ? 
_entity_src_gen.pdbx_beg_seq_num                   ? 
_entity_src_gen.pdbx_end_seq_num                   ? 
_entity_src_gen.gene_src_common_name               human 
_entity_src_gen.gene_src_genus                     ? 
_entity_src_gen.pdbx_gene_src_gene                 'MDC1, KIAA0170, NFBD1' 
_entity_src_gen.gene_src_species                   ? 
_entity_src_gen.gene_src_strain                    ? 
_entity_src_gen.gene_src_tissue                    ? 
_entity_src_gen.gene_src_tissue_fraction           ? 
_entity_src_gen.gene_src_details                   ? 
_entity_src_gen.pdbx_gene_src_fragment             ? 
_entity_src_gen.pdbx_gene_src_scientific_name      'Homo sapiens' 
_entity_src_gen.pdbx_gene_src_ncbi_taxonomy_id     9606 
_entity_src_gen.pdbx_gene_src_variant              ? 
_entity_src_gen.pdbx_gene_src_cell_line            ? 
_entity_src_gen.pdbx_gene_src_atcc                 ? 
_entity_src_gen.pdbx_gene_src_organ                ? 
_entity_src_gen.pdbx_gene_src_organelle            ? 
_entity_src_gen.pdbx_gene_src_cell                 ? 
_entity_src_gen.pdbx_gene_src_cellular_location    ? 
_entity_src_gen.host_org_common_name               ? 
_entity_src_gen.pdbx_host_org_scientific_name      'Escherichia coli' 
_entity_src_gen.pdbx_host_org_ncbi_taxonomy_id     562 
_entity_src_gen.host_org_genus                     ? 
_entity_src_gen.pdbx_host_org_gene                 ? 
_entity_src_gen.pdbx_host_org_organ                ? 
_entity_src_gen.host_org_species                   ? 
_entity_src_gen.pdbx_host_org_tissue               ? 
_entity_src_gen.pdbx_host_org_tissue_fraction      ? 
_entity_src_gen.pdbx_host_org_strain               'BL21(DE3)' 
_entity_src_gen.pdbx_host_org_variant              ? 
_entity_src_gen.pdbx_host_org_cell_line            ? 
_entity_src_gen.pdbx_host_org_atcc                 ? 
_entity_src_gen.pdbx_host_org_culture_collection   ? 
_entity_src_gen.pdbx_host_org_cell                 ? 
_entity_src_gen.pdbx_host_org_organelle            ? 
_entity_src_gen.pdbx_host_org_cellular_location    ? 
_entity_src_gen.pdbx_host_org_vector_type          plasmid 
_entity_src_gen.pdbx_host_org_vector               ? 
_entity_src_gen.host_org_details                   ? 
_entity_src_gen.expression_system_id               ? 
_entity_src_gen.plasmid_name                       ? 
_entity_src_gen.plasmid_details                    ? 
_entity_src_gen.pdbx_description                   ? 
# 
_pdbx_entity_src_syn.entity_id              2 
_pdbx_entity_src_syn.pdbx_src_id            1 
_pdbx_entity_src_syn.pdbx_alt_source_flag   sample 
_pdbx_entity_src_syn.pdbx_beg_seq_num       ? 
_pdbx_entity_src_syn.pdbx_end_seq_num       ? 
_pdbx_entity_src_syn.organism_scientific    'Homo sapiens' 
_pdbx_entity_src_syn.organism_common_name   human 
_pdbx_entity_src_syn.ncbi_taxonomy_id       9606 
_pdbx_entity_src_syn.details                ? 
# 
loop_
_chem_comp.id 
_chem_comp.type 
_chem_comp.mon_nstd_flag 
_chem_comp.name 
_chem_comp.pdbx_synonyms 
_chem_comp.formula 
_chem_comp.formula_weight 
ALA 'L-peptide linking' y ALANINE          ?                  'C3 H7 N O2'     89.093  
ARG 'L-peptide linking' y ARGININE         ?                  'C6 H15 N4 O2 1' 175.209 
ASN 'L-peptide linking' y ASPARAGINE       ?                  'C4 H8 N2 O3'    132.118 
ASP 'L-peptide linking' y 'ASPARTIC ACID'  ?                  'C4 H7 N O4'     133.103 
CYS 'L-peptide linking' y CYSTEINE         ?                  'C3 H7 N O2 S'   121.158 
GLN 'L-peptide linking' y GLUTAMINE        ?                  'C5 H10 N2 O3'   146.144 
GLU 'L-peptide linking' y 'GLUTAMIC ACID'  ?                  'C5 H9 N O4'     147.129 
GLY 'peptide linking'   y GLYCINE          ?                  'C2 H5 N O2'     75.067  
HIS 'L-peptide linking' y HISTIDINE        ?                  'C6 H10 N3 O2 1' 156.162 
HOH non-polymer         . WATER            ?                  'H2 O'           18.015  
ILE 'L-peptide linking' y ISOLEUCINE       ?                  'C6 H13 N O2'    131.173 
LEU 'L-peptide linking' y LEUCINE          ?                  'C6 H13 N O2'    131.173 
LYS 'L-peptide linking' y LYSINE           ?                  'C6 H15 N2 O2 1' 147.195 
MET 'L-peptide linking' y METHIONINE       ?                  'C5 H11 N O2 S'  149.211 
PHE 'L-peptide linking' y PHENYLALANINE    ?                  'C9 H11 N O2'    165.189 
PRO 'L-peptide linking' y PROLINE          ?                  'C5 H9 N O2'     115.130 
SER 'L-peptide linking' y SERINE           ?                  'C3 H7 N O3'     105.093 
THR 'L-peptide linking' y THREONINE        ?                  'C4 H9 N O3'     119.119 
TPO 'L-peptide linking' n PHOSPHOTHREONINE PHOSPHONOTHREONINE 'C4 H10 N O6 P'  199.099 
TRP 'L-peptide linking' y TRYPTOPHAN       ?                  'C11 H12 N2 O2'  204.225 
TYR 'L-peptide linking' y TYROSINE         ?                  'C9 H11 N O3'    181.189 
VAL 'L-peptide linking' y VALINE           ?                  'C5 H11 N O2'    117.146 
# 
loop_
_pdbx_poly_seq_scheme.asym_id 
_pdbx_poly_seq_scheme.entity_id 
_pdbx_poly_seq_scheme.seq_id 
_pdbx_poly_seq_scheme.mon_id 
_pdbx_poly_seq_scheme.ndb_seq_num 
_pdbx_poly_seq_scheme.pdb_seq_num 
_pdbx_poly_seq_scheme.auth_seq_num 
_pdbx_poly_seq_scheme.pdb_mon_id 
_pdbx_poly_seq_scheme.auth_mon_id 
_pdbx_poly_seq_scheme.pdb_strand_id 
_pdbx_poly_seq_scheme.pdb_ins_code 
_pdbx_poly_seq_scheme.hetero 
A 1 1   SER 1   26  26  SER SER A . n 
A 1 2   ASN 2   27  27  ASN ASN A . n 
A 1 3   VAL 3   28  28  VAL VAL A . n 
A 1 4   GLU 4   29  29  GLU GLU A . n 
A 1 5   PRO 5   30  30  PRO PRO A . n 
A 1 6   VAL 6   31  31  VAL VAL A . n 
A 1 7   GLY 7   32  32  GLY GLY A . n 
A 1 8   ARG 8   33  33  ARG ARG A . n 
A 1 9   LEU 9   34  34  LEU LEU A . n 
A 1 10  HIS 10  35  35  HIS HIS A . n 
A 1 11  ILE 11  36  36  ILE ILE A . n 
A 1 12  PHE 12  37  37  PHE PHE A . n 
A 1 13  SER 13  38  38  SER SER A . n 
A 1 14  GLY 14  39  39  GLY GLY A . n 
A 1 15  ALA 15  40  40  ALA ALA A . n 
A 1 16  HIS 16  41  41  HIS HIS A . n 
A 1 17  GLY 17  42  42  GLY GLY A . n 
A 1 18  PRO 18  43  43  PRO PRO A . n 
A 1 19  GLU 19  44  44  GLU GLU A . n 
A 1 20  LYS 20  45  45  LYS LYS A . n 
A 1 21  ASP 21  46  46  ASP ASP A . n 
A 1 22  PHE 22  47  47  PHE PHE A . n 
A 1 23  PRO 23  48  48  PRO PRO A . n 
A 1 24  LEU 24  49  49  LEU LEU A . n 
A 1 25  HIS 25  50  50  HIS HIS A . n 
A 1 26  LEU 26  51  51  LEU LEU A . n 
A 1 27  GLY 27  52  52  GLY GLY A . n 
A 1 28  LYS 28  53  53  LYS LYS A . n 
A 1 29  ASN 29  54  54  ASN ASN A . n 
A 1 30  VAL 30  55  55  VAL VAL A . n 
A 1 31  VAL 31  56  56  VAL VAL A . n 
A 1 32  GLY 32  57  57  GLY GLY A . n 
A 1 33  ARG 33  58  58  ARG ARG A . n 
A 1 34  MET 34  59  59  MET MET A . n 
A 1 35  PRO 35  60  60  PRO PRO A . n 
A 1 36  ASP 36  61  61  ASP ASP A . n 
A 1 37  CYS 37  62  62  CYS CYS A . n 
A 1 38  SER 38  63  63  SER SER A . n 
A 1 39  VAL 39  64  64  VAL VAL A . n 
A 1 40  ALA 40  65  65  ALA ALA A . n 
A 1 41  LEU 41  66  66  LEU LEU A . n 
A 1 42  PRO 42  67  67  PRO PRO A . n 
A 1 43  PHE 43  68  68  PHE PHE A . n 
A 1 44  PRO 44  69  69  PRO PRO A . n 
A 1 45  SER 45  70  70  SER SER A . n 
A 1 46  ILE 46  71  71  ILE ILE A . n 
A 1 47  SER 47  72  72  SER SER A . n 
A 1 48  LYS 48  73  73  LYS LYS A . n 
A 1 49  GLN 49  74  74  GLN GLN A . n 
A 1 50  HIS 50  75  75  HIS HIS A . n 
A 1 51  ALA 51  76  76  ALA ALA A . n 
A 1 52  GLU 52  77  77  GLU GLU A . n 
A 1 53  ILE 53  78  78  ILE ILE A . n 
A 1 54  GLU 54  79  79  GLU GLU A . n 
A 1 55  ILE 55  80  80  ILE ILE A . n 
A 1 56  LEU 56  81  81  LEU LEU A . n 
A 1 57  ALA 57  82  82  ALA ALA A . n 
A 1 58  TRP 58  83  83  TRP TRP A . n 
A 1 59  ASP 59  84  84  ASP ASP A . n 
A 1 60  LYS 60  85  85  LYS LYS A . n 
A 1 61  ALA 61  86  86  ALA ALA A . n 
A 1 62  PRO 62  87  87  PRO PRO A . n 
A 1 63  ILE 63  88  88  ILE ILE A . n 
A 1 64  LEU 64  89  89  LEU LEU A . n 
A 1 65  ARG 65  90  90  ARG ARG A . n 
A 1 66  ASP 66  91  91  ASP ASP A . n 
A 1 67  CYS 67  92  92  CYS CYS A . n 
A 1 68  GLY 68  93  93  GLY GLY A . n 
A 1 69  SER 69  94  94  SER SER A . n 
A 1 70  LEU 70  95  95  LEU LEU A . n 
A 1 71  ASN 71  96  96  ASN ASN A . n 
A 1 72  GLY 72  97  97  GLY GLY A . n 
A 1 73  THR 73  98  98  THR THR A . n 
A 1 74  GLN 74  99  99  GLN GLN A . n 
A 1 75  ILE 75  100 100 ILE ILE A . n 
A 1 76  LEU 76  101 101 LEU LEU A . n 
A 1 77  ARG 77  102 102 ARG ARG A . n 
A 1 78  PRO 78  103 103 PRO PRO A . n 
A 1 79  PRO 79  104 104 PRO PRO A . n 
A 1 80  LYS 80  105 105 LYS LYS A . n 
A 1 81  VAL 81  106 106 VAL VAL A . n 
A 1 82  LEU 82  107 107 LEU LEU A . n 
A 1 83  SER 83  108 108 SER SER A . n 
A 1 84  PRO 84  109 109 PRO PRO A . n 
A 1 85  GLY 85  110 110 GLY GLY A . n 
A 1 86  VAL 86  111 111 VAL VAL A . n 
A 1 87  SER 87  112 112 SER SER A . n 
A 1 88  HIS 88  113 113 HIS HIS A . n 
A 1 89  ARG 89  114 114 ARG ARG A . n 
A 1 90  LEU 90  115 115 LEU LEU A . n 
A 1 91  ARG 91  116 116 ARG ARG A . n 
A 1 92  ASP 92  117 117 ASP ASP A . n 
A 1 93  GLN 93  118 118 GLN GLN A . n 
A 1 94  GLU 94  119 119 GLU GLU A . n 
A 1 95  LEU 95  120 120 LEU LEU A . n 
A 1 96  ILE 96  121 121 ILE ILE A . n 
A 1 97  LEU 97  122 122 LEU LEU A . n 
A 1 98  PHE 98  123 123 PHE PHE A . n 
A 1 99  ALA 99  124 124 ALA ALA A . n 
A 1 100 ASP 100 125 125 ASP ASP A . n 
A 1 101 LEU 101 126 126 LEU LEU A . n 
A 1 102 LEU 102 127 127 LEU LEU A . n 
A 1 103 CYS 103 128 128 CYS CYS A . n 
A 1 104 GLN 104 129 129 GLN GLN A . n 
A 1 105 TYR 105 130 130 TYR TYR A . n 
A 1 106 HIS 106 131 131 HIS HIS A . n 
A 1 107 ARG 107 132 132 ARG ARG A . n 
A 1 108 LEU 108 133 133 LEU LEU A . n 
A 1 109 ASP 109 134 ?   ?   ?   A . n 
A 1 110 VAL 110 135 ?   ?   ?   A . n 
A 1 111 SER 111 136 ?   ?   ?   A . n 
A 1 112 LEU 112 137 ?   ?   ?   A . n 
A 1 113 PRO 113 138 ?   ?   ?   A . n 
B 2 1   MET 1   1   1   MET MET B . n 
B 2 2   GLU 2   2   2   GLU GLU B . n 
B 2 3   ASP 3   3   3   ASP ASP B . n 
B 2 4   TPO 4   4   4   TPO TPO B . n 
B 2 5   GLN 5   5   5   GLN GLN B . n 
B 2 6   ALA 6   6   6   ALA ALA B . n 
B 2 7   ILE 7   7   7   ILE ILE B . n 
B 2 8   ASP 8   8   8   ASP ASP B . n 
# 
loop_
_pdbx_nonpoly_scheme.asym_id 
_pdbx_nonpoly_scheme.entity_id 
_pdbx_nonpoly_scheme.mon_id 
_pdbx_nonpoly_scheme.ndb_seq_num 
_pdbx_nonpoly_scheme.pdb_seq_num 
_pdbx_nonpoly_scheme.auth_seq_num 
_pdbx_nonpoly_scheme.pdb_mon_id 
_pdbx_nonpoly_scheme.auth_mon_id 
_pdbx_nonpoly_scheme.pdb_strand_id 
_pdbx_nonpoly_scheme.pdb_ins_code 
C 3 HOH 1  1   1  HOH HOH A . 
C 3 HOH 2  2   2  HOH HOH A . 
C 3 HOH 3  3   3  HOH HOH A . 
C 3 HOH 4  5   5  HOH HOH A . 
C 3 HOH 5  7   7  HOH HOH A . 
C 3 HOH 6  8   8  HOH HOH A . 
C 3 HOH 7  9   9  HOH HOH A . 
C 3 HOH 8  10  10 HOH HOH A . 
C 3 HOH 9  11  11 HOH HOH A . 
C 3 HOH 10 12  12 HOH HOH A . 
C 3 HOH 11 13  13 HOH HOH A . 
C 3 HOH 12 14  14 HOH HOH A . 
C 3 HOH 13 15  15 HOH HOH A . 
C 3 HOH 14 16  16 HOH HOH A . 
C 3 HOH 15 18  18 HOH HOH A . 
C 3 HOH 16 19  19 HOH HOH A . 
C 3 HOH 17 20  20 HOH HOH A . 
C 3 HOH 18 21  21 HOH HOH A . 
C 3 HOH 19 22  22 HOH HOH A . 
C 3 HOH 20 23  23 HOH HOH A . 
C 3 HOH 21 24  24 HOH HOH A . 
C 3 HOH 22 25  25 HOH HOH A . 
C 3 HOH 23 139 26 HOH HOH A . 
C 3 HOH 24 140 27 HOH HOH A . 
C 3 HOH 25 141 28 HOH HOH A . 
C 3 HOH 26 142 29 HOH HOH A . 
C 3 HOH 27 143 30 HOH HOH A . 
C 3 HOH 28 144 31 HOH HOH A . 
C 3 HOH 29 145 32 HOH HOH A . 
C 3 HOH 30 146 33 HOH HOH A . 
C 3 HOH 31 147 34 HOH HOH A . 
C 3 HOH 32 148 35 HOH HOH A . 
C 3 HOH 33 149 36 HOH HOH A . 
C 3 HOH 34 150 38 HOH HOH A . 
C 3 HOH 35 151 39 HOH HOH A . 
C 3 HOH 36 152 40 HOH HOH A . 
C 3 HOH 37 153 41 HOH HOH A . 
C 3 HOH 38 154 42 HOH HOH A . 
C 3 HOH 39 155 43 HOH HOH A . 
C 3 HOH 40 156 45 HOH HOH A . 
C 3 HOH 41 157 46 HOH HOH A . 
C 3 HOH 42 158 47 HOH HOH A . 
C 3 HOH 43 159 48 HOH HOH A . 
C 3 HOH 44 160 51 HOH HOH A . 
C 3 HOH 45 161 52 HOH HOH A . 
C 3 HOH 46 162 53 HOH HOH A . 
C 3 HOH 47 163 54 HOH HOH A . 
C 3 HOH 48 164 55 HOH HOH A . 
C 3 HOH 49 165 56 HOH HOH A . 
C 3 HOH 50 166 57 HOH HOH A . 
C 3 HOH 51 167 58 HOH HOH A . 
C 3 HOH 52 168 59 HOH HOH A . 
C 3 HOH 53 169 60 HOH HOH A . 
C 3 HOH 54 170 62 HOH HOH A . 
C 3 HOH 55 171 63 HOH HOH A . 
C 3 HOH 56 172 64 HOH HOH A . 
C 3 HOH 57 173 65 HOH HOH A . 
C 3 HOH 58 174 66 HOH HOH A . 
C 3 HOH 59 175 67 HOH HOH A . 
C 3 HOH 60 176 68 HOH HOH A . 
C 3 HOH 61 177 69 HOH HOH A . 
C 3 HOH 62 178 70 HOH HOH A . 
C 3 HOH 63 179 71 HOH HOH A . 
D 3 HOH 1  9   4  HOH HOH B . 
D 3 HOH 2  10  6  HOH HOH B . 
D 3 HOH 3  17  17 HOH HOH B . 
D 3 HOH 4  37  37 HOH HOH B . 
D 3 HOH 5  44  44 HOH HOH B . 
D 3 HOH 6  49  49 HOH HOH B . 
D 3 HOH 7  50  50 HOH HOH B . 
D 3 HOH 8  61  61 HOH HOH B . 
# 
loop_
_software.pdbx_ordinal 
_software.name 
_software.version 
_software.date 
_software.type 
_software.contact_author 
_software.contact_author_email 
_software.classification 
_software.location 
_software.language 
_software.citation_id 
1 DENZO       .        ?               package 'Zbyszek Otwinowski' hkl@hkl-xray.com         'data reduction'  
http://www.hkl-xray.com/                     ?          ? 
2 SCALEPACK   .        ?               package 'Zbyszek Otwinowski' hkl@hkl-xray.com         'data scaling'    
http://www.hkl-xray.com/                     ?          ? 
3 REFMAC      5.5.0109 ?               program 'Garib N. Murshudov' garib@ysbl.york.ac.uk    refinement        
http://www.ccp4.ac.uk/dist/html/refmac5.html Fortran_77 ? 
4 PDB_EXTRACT 3.10     'June 10, 2010' package PDB                  deposit@deposit.rcsb.org 'data extraction' 
http://sw-tools.pdb.org/apps/PDB_EXTRACT/    C++        ? 
5 HKL-2000    .        ?               ?       ?                    ?                        'data reduction'  ? ?          ? 
6 HKL-2000    .        ?               ?       ?                    ?                        'data scaling'    ? ?          ? 
7 PHASER      .        ?               ?       ?                    ?                        phasing           ? ?          ? 
# 
_cell.length_a           52.935 
_cell.length_b           52.935 
_cell.length_c           81.241 
_cell.angle_alpha        90.000 
_cell.angle_beta         90.000 
_cell.angle_gamma        120.000 
_cell.entry_id           3UNN 
_cell.pdbx_unique_axis   ? 
_cell.Z_PDB              6 
_cell.length_a_esd       ? 
_cell.length_b_esd       ? 
_cell.length_c_esd       ? 
_cell.angle_alpha_esd    ? 
_cell.angle_beta_esd     ? 
_cell.angle_gamma_esd    ? 
# 
_symmetry.space_group_name_H-M             'P 31 2 1' 
_symmetry.entry_id                         3UNN 
_symmetry.Int_Tables_number                152 
_symmetry.pdbx_full_space_group_name_H-M   ? 
_symmetry.cell_setting                     ? 
_symmetry.space_group_name_Hall            ? 
# 
_exptl.crystals_number   1 
_exptl.entry_id          3UNN 
_exptl.method            'X-RAY DIFFRACTION' 
# 
_exptl_crystal.id                    1 
_exptl_crystal.pdbx_mosaicity        0.455 
_exptl_crystal.pdbx_mosaicity_esd    ? 
_exptl_crystal.density_Matthews      2.43 
_exptl_crystal.density_diffrn        ? 
_exptl_crystal.density_meas          ? 
_exptl_crystal.density_meas_temp     ? 
_exptl_crystal.density_percent_sol   49.42 
_exptl_crystal.size_max              ? 
_exptl_crystal.size_mid              ? 
_exptl_crystal.size_min              ? 
_exptl_crystal.size_rad              ? 
_exptl_crystal.description           ? 
_exptl_crystal.F_000                 ? 
_exptl_crystal.preparation           ? 
# 
_exptl_crystal_grow.crystal_id      1 
_exptl_crystal_grow.method          'VAPOR DIFFUSION, SITTING DROP' 
_exptl_crystal_grow.pH              6.6 
_exptl_crystal_grow.temp            293 
_exptl_crystal_grow.pdbx_details    
'0.2M Ammonium acetate, 0.1M HEPES, 57% MPD, pH 6.6, VAPOR DIFFUSION, SITTING DROP, temperature 293K' 
_exptl_crystal_grow.temp_details    ? 
_exptl_crystal_grow.pdbx_pH_range   ? 
# 
_diffrn.id                     1 
_diffrn.ambient_temp           100 
_diffrn.ambient_temp_details   ? 
_diffrn.crystal_id             1 
# 
_diffrn_detector.diffrn_id              1 
_diffrn_detector.detector               CCD 
_diffrn_detector.type                   'ADSC QUANTUM 210' 
_diffrn_detector.pdbx_collection_date   2010-02-09 
_diffrn_detector.details                ? 
# 
_diffrn_radiation.diffrn_id                        1 
_diffrn_radiation.pdbx_diffrn_protocol             'SINGLE WAVELENGTH' 
_diffrn_radiation.monochromator                    ? 
_diffrn_radiation.wavelength_id                    1 
_diffrn_radiation.pdbx_monochromatic_or_laue_m_l   M 
_diffrn_radiation.pdbx_scattering_type             x-ray 
# 
_diffrn_radiation_wavelength.id           1 
_diffrn_radiation_wavelength.wavelength   0.96396 
_diffrn_radiation_wavelength.wt           1.0 
# 
_diffrn_source.diffrn_id                   1 
_diffrn_source.source                      SYNCHROTRON 
_diffrn_source.type                        'PHOTON FACTORY BEAMLINE AR-NW12A' 
_diffrn_source.pdbx_wavelength_list        0.96396 
_diffrn_source.pdbx_wavelength             ? 
_diffrn_source.pdbx_synchrotron_site       'Photon Factory' 
_diffrn_source.pdbx_synchrotron_beamline   AR-NW12A 
# 
_reflns.entry_id                     3UNN 
_reflns.d_resolution_high            1.700 
_reflns.d_resolution_low             45.000 
_reflns.number_obs                   14992 
_reflns.pdbx_Rmerge_I_obs            0.046 
_reflns.pdbx_netI_over_sigmaI        14.800 
_reflns.pdbx_chi_squared             1.426 
_reflns.pdbx_redundancy              10.700 
_reflns.percent_possible_obs         99.900 
_reflns.observed_criterion_sigma_F   ? 
_reflns.observed_criterion_sigma_I   ? 
_reflns.number_all                   ? 
_reflns.pdbx_Rsym_value              ? 
_reflns.B_iso_Wilson_estimate        ? 
_reflns.R_free_details               ? 
_reflns.limit_h_max                  ? 
_reflns.limit_h_min                  ? 
_reflns.limit_k_max                  ? 
_reflns.limit_k_min                  ? 
_reflns.limit_l_max                  ? 
_reflns.limit_l_min                  ? 
_reflns.observed_criterion_F_max     ? 
_reflns.observed_criterion_F_min     ? 
_reflns.pdbx_scaling_rejects         ? 
_reflns.pdbx_ordinal                 1 
_reflns.pdbx_diffrn_id               1 
# 
loop_
_reflns_shell.d_res_high 
_reflns_shell.d_res_low 
_reflns_shell.number_measured_obs 
_reflns_shell.number_measured_all 
_reflns_shell.number_unique_obs 
_reflns_shell.pdbx_rejects 
_reflns_shell.Rmerge_I_obs 
_reflns_shell.meanI_over_sigI_obs 
_reflns_shell.pdbx_Rsym_value 
_reflns_shell.pdbx_chi_squared 
_reflns_shell.pdbx_redundancy 
_reflns_shell.percent_possible_obs 
_reflns_shell.pdbx_netI_over_sigmaI_obs 
_reflns_shell.number_possible 
_reflns_shell.number_unique_all 
_reflns_shell.Rmerge_F_all 
_reflns_shell.Rmerge_F_obs 
_reflns_shell.Rmerge_I_all 
_reflns_shell.meanI_over_sigI_all 
_reflns_shell.percent_possible_all 
_reflns_shell.pdbx_Rrim_I_all 
_reflns_shell.pdbx_Rpim_I_all 
_reflns_shell.pdbx_ordinal 
_reflns_shell.pdbx_diffrn_id 
1.700 1.730  ? ? ? ? 0.425 ? ? 1.293 10.700 ? ? ? 730 ? ? ? ? 100.000 ? ? 1  1 
1.730 1.760  ? ? ? ? 0.372 ? ? 1.328 10.800 ? ? ? 737 ? ? ? ? 100.000 ? ? 2  1 
1.760 1.790  ? ? ? ? 0.322 ? ? 1.381 10.900 ? ? ? 725 ? ? ? ? 100.000 ? ? 3  1 
1.790 1.830  ? ? ? ? 0.284 ? ? 1.501 10.900 ? ? ? 743 ? ? ? ? 100.000 ? ? 4  1 
1.830 1.870  ? ? ? ? 0.256 ? ? 1.408 10.900 ? ? ? 715 ? ? ? ? 100.000 ? ? 5  1 
1.870 1.910  ? ? ? ? 0.193 ? ? 1.446 10.800 ? ? ? 746 ? ? ? ? 100.000 ? ? 6  1 
1.910 1.960  ? ? ? ? 0.161 ? ? 1.523 11.000 ? ? ? 737 ? ? ? ? 100.000 ? ? 7  1 
1.960 2.020  ? ? ? ? 0.125 ? ? 1.581 10.900 ? ? ? 731 ? ? ? ? 100.000 ? ? 8  1 
2.020 2.070  ? ? ? ? 0.115 ? ? 1.552 10.900 ? ? ? 754 ? ? ? ? 100.000 ? ? 9  1 
2.070 2.140  ? ? ? ? 0.093 ? ? 1.595 10.900 ? ? ? 738 ? ? ? ? 100.000 ? ? 10 1 
2.140 2.220  ? ? ? ? 0.083 ? ? 1.602 10.800 ? ? ? 752 ? ? ? ? 100.000 ? ? 11 1 
2.220 2.310  ? ? ? ? 0.076 ? ? 1.608 10.900 ? ? ? 756 ? ? ? ? 100.000 ? ? 12 1 
2.310 2.410  ? ? ? ? 0.064 ? ? 1.495 10.800 ? ? ? 745 ? ? ? ? 100.000 ? ? 13 1 
2.410 2.540  ? ? ? ? 0.060 ? ? 1.471 10.900 ? ? ? 733 ? ? ? ? 100.000 ? ? 14 1 
2.540 2.700  ? ? ? ? 0.051 ? ? 1.398 10.800 ? ? ? 758 ? ? ? ? 100.000 ? ? 15 1 
2.700 2.910  ? ? ? ? 0.041 ? ? 1.383 10.800 ? ? ? 747 ? ? ? ? 100.000 ? ? 16 1 
2.910 3.200  ? ? ? ? 0.034 ? ? 1.302 10.700 ? ? ? 754 ? ? ? ? 100.000 ? ? 17 1 
3.200 3.660  ? ? ? ? 0.029 ? ? 1.289 10.600 ? ? ? 770 ? ? ? ? 100.000 ? ? 18 1 
3.660 4.610  ? ? ? ? 0.025 ? ? 1.191 10.400 ? ? ? 794 ? ? ? ? 100.000 ? ? 19 1 
4.610 45.000 ? ? ? ? 0.025 ? ? 1.166 9.600  ? ? ? 827 ? ? ? ? 98.500  ? ? 20 1 
# 
_refine.entry_id                                 3UNN 
_refine.ls_d_res_high                            1.7000 
_refine.ls_d_res_low                             20.0000 
_refine.pdbx_ls_sigma_F                          0.000 
_refine.pdbx_data_cutoff_high_absF               ? 
_refine.pdbx_data_cutoff_low_absF                ? 
_refine.ls_percent_reflns_obs                    99.9400 
_refine.ls_number_reflns_obs                     14946 
_refine.ls_number_reflns_all                     ? 
_refine.pdbx_ls_cross_valid_method               THROUGHOUT 
_refine.pdbx_R_Free_selection_details            RANDOM 
_refine.details                                  
;HYDROGENS HAVE BEEN ADDED IN THE RIDING POSITIONS 
U VALUES: REFINED INDIVIDUALLY
;
_refine.ls_R_factor_all                          ? 
_refine.ls_R_factor_obs                          0.2085 
_refine.ls_R_factor_R_work                       0.2073 
_refine.ls_wR_factor_R_work                      ? 
_refine.ls_R_factor_R_free                       0.2319 
_refine.ls_wR_factor_R_free                      ? 
_refine.ls_percent_reflns_R_free                 5.1000 
_refine.ls_number_reflns_R_free                  756 
_refine.ls_R_factor_R_free_error                 ? 
_refine.B_iso_mean                               21.4101 
_refine.solvent_model_param_bsol                 ? 
_refine.solvent_model_param_ksol                 ? 
_refine.pdbx_isotropic_thermal_model             ? 
_refine.aniso_B[1][1]                            0.3900 
_refine.aniso_B[2][2]                            0.3900 
_refine.aniso_B[3][3]                            -0.5900 
_refine.aniso_B[1][2]                            0.2000 
_refine.aniso_B[1][3]                            0.0000 
_refine.aniso_B[2][3]                            0.0000 
_refine.correlation_coeff_Fo_to_Fc               0.9490 
_refine.correlation_coeff_Fo_to_Fc_free          0.9410 
_refine.overall_SU_R_Cruickshank_DPI             ? 
_refine.overall_SU_R_free                        ? 
_refine.pdbx_overall_ESU_R_Free                  0.1060 
_refine.overall_SU_ML                            0.0640 
_refine.overall_SU_B                             1.8800 
_refine.solvent_model_details                    MASK 
_refine.pdbx_solvent_vdw_probe_radii             1.4000 
_refine.pdbx_solvent_ion_probe_radii             0.8000 
_refine.pdbx_solvent_shrinkage_radii             0.8000 
_refine.ls_number_parameters                     ? 
_refine.ls_number_restraints                     ? 
_refine.pdbx_starting_model                      'PDB ENTRY 3UMZ' 
_refine.pdbx_method_to_determine_struct          'MOLECULAR REPLACEMENT' 
_refine.pdbx_stereochemistry_target_values       'MAXIMUM LIKELIHOOD' 
_refine.pdbx_stereochem_target_val_spec_case     ? 
_refine.overall_FOM_work_R_set                   ? 
_refine.B_iso_max                                51.160 
_refine.B_iso_min                                11.190 
_refine.pdbx_overall_phase_error                 ? 
_refine.occupancy_max                            1.000 
_refine.occupancy_min                            1.000 
_refine.pdbx_ls_sigma_I                          ? 
_refine.ls_redundancy_reflns_obs                 ? 
_refine.ls_R_factor_R_free_error_details         ? 
_refine.pdbx_data_cutoff_high_rms_absF           ? 
_refine.pdbx_overall_ESU_R                       ? 
_refine.overall_FOM_free_R_set                   ? 
_refine.pdbx_diffrn_id                           1 
_refine.pdbx_refine_id                           'X-RAY DIFFRACTION' 
_refine.pdbx_TLS_residual_ADP_flag               ? 
_refine.pdbx_overall_SU_R_free_Cruickshank_DPI   ? 
_refine.pdbx_overall_SU_R_Blow_DPI               ? 
_refine.pdbx_overall_SU_R_free_Blow_DPI          ? 
# 
_refine_hist.pdbx_refine_id                   'X-RAY DIFFRACTION' 
_refine_hist.cycle_id                         LAST 
_refine_hist.pdbx_number_atoms_protein        910 
_refine_hist.pdbx_number_atoms_nucleic_acid   0 
_refine_hist.pdbx_number_atoms_ligand         0 
_refine_hist.number_atoms_solvent             71 
_refine_hist.number_atoms_total               981 
_refine_hist.d_res_high                       1.7000 
_refine_hist.d_res_low                        20.0000 
# 
loop_
_refine_ls_restr.type 
_refine_ls_restr.number 
_refine_ls_restr.dev_ideal 
_refine_ls_restr.dev_ideal_target 
_refine_ls_restr.weight 
_refine_ls_restr.pdbx_restraint_function 
_refine_ls_restr.pdbx_refine_id 
r_bond_refined_d       931  0.007  0.022  ? ? 'X-RAY DIFFRACTION' 
r_angle_refined_deg    1264 1.192  1.994  ? ? 'X-RAY DIFFRACTION' 
r_dihedral_angle_1_deg 114  5.781  5.000  ? ? 'X-RAY DIFFRACTION' 
r_dihedral_angle_2_deg 41   39.293 23.659 ? ? 'X-RAY DIFFRACTION' 
r_dihedral_angle_3_deg 157  13.024 15.000 ? ? 'X-RAY DIFFRACTION' 
r_dihedral_angle_4_deg 7    17.732 15.000 ? ? 'X-RAY DIFFRACTION' 
r_chiral_restr         140  0.074  0.200  ? ? 'X-RAY DIFFRACTION' 
r_gen_planes_refined   705  0.005  0.022  ? ? 'X-RAY DIFFRACTION' 
r_mcbond_it            581  0.688  1.500  ? ? 'X-RAY DIFFRACTION' 
r_mcangle_it           940  1.313  2.000  ? ? 'X-RAY DIFFRACTION' 
r_scbond_it            350  1.675  3.000  ? ? 'X-RAY DIFFRACTION' 
r_scangle_it           324  2.887  4.500  ? ? 'X-RAY DIFFRACTION' 
# 
_refine_ls_shell.d_res_high                       1.7010 
_refine_ls_shell.d_res_low                        1.7450 
_refine_ls_shell.pdbx_total_number_of_bins_used   20 
_refine_ls_shell.percent_reflns_obs               99.9100 
_refine_ls_shell.number_reflns_R_work             994 
_refine_ls_shell.R_factor_all                     ? 
_refine_ls_shell.R_factor_R_work                  0.2420 
_refine_ls_shell.R_factor_R_free                  0.2680 
_refine_ls_shell.percent_reflns_R_free            ? 
_refine_ls_shell.number_reflns_R_free             67 
_refine_ls_shell.R_factor_R_free_error            ? 
_refine_ls_shell.number_reflns_all                1061 
_refine_ls_shell.number_reflns_obs                ? 
_refine_ls_shell.pdbx_refine_id                   'X-RAY DIFFRACTION' 
_refine_ls_shell.redundancy_reflns_obs            ? 
# 
_struct.entry_id                  3UNN 
_struct.title                     'Monomeric structure of the human MDC1 FHA domain in complex with an MDC1 phospho-T4 peptide' 
_struct.pdbx_model_details        ? 
_struct.pdbx_CASP_flag            ? 
_struct.pdbx_model_type_details   ? 
# 
_struct_keywords.entry_id        3UNN 
_struct_keywords.text            'FHA, Protein binding, Phosphoprotein binding' 
_struct_keywords.pdbx_keywords   'PROTEIN BINDING' 
# 
loop_
_struct_asym.id 
_struct_asym.pdbx_blank_PDB_chainid_flag 
_struct_asym.pdbx_modified 
_struct_asym.entity_id 
_struct_asym.details 
A N N 1 ? 
B N N 2 ? 
C N N 3 ? 
D N N 3 ? 
# 
loop_
_struct_ref.id 
_struct_ref.db_name 
_struct_ref.db_code 
_struct_ref.pdbx_db_accession 
_struct_ref.entity_id 
_struct_ref.pdbx_seq_one_letter_code 
_struct_ref.pdbx_align_begin 
_struct_ref.pdbx_db_isoform 
1 UNP MDC1_HUMAN Q14676 1 
;NVEPVGRLHIFSGAHGPEKDFPLHLGKNVVGRMPDCSVALPFPSISKQHAEIEILAWDKAPILRDCGSLNGTQILRPPKV
LSPGVSHRLRDQELILFADLLCQYHRLDVSLP
;
27 ? 
2 UNP MDC1_HUMAN Q14676 2 MEDTQAID 1  ? 
# 
loop_
_struct_ref_seq.align_id 
_struct_ref_seq.ref_id 
_struct_ref_seq.pdbx_PDB_id_code 
_struct_ref_seq.pdbx_strand_id 
_struct_ref_seq.seq_align_beg 
_struct_ref_seq.pdbx_seq_align_beg_ins_code 
_struct_ref_seq.seq_align_end 
_struct_ref_seq.pdbx_seq_align_end_ins_code 
_struct_ref_seq.pdbx_db_accession 
_struct_ref_seq.db_align_beg 
_struct_ref_seq.pdbx_db_align_beg_ins_code 
_struct_ref_seq.db_align_end 
_struct_ref_seq.pdbx_db_align_end_ins_code 
_struct_ref_seq.pdbx_auth_seq_align_beg 
_struct_ref_seq.pdbx_auth_seq_align_end 
1 1 3UNN A 2 ? 113 ? Q14676 27 ? 138 ? 27 138 
2 2 3UNN B 1 ? 8   ? Q14676 1  ? 8   ? 1  8   
# 
_struct_ref_seq_dif.align_id                     1 
_struct_ref_seq_dif.pdbx_pdb_id_code             3UNN 
_struct_ref_seq_dif.mon_id                       SER 
_struct_ref_seq_dif.pdbx_pdb_strand_id           A 
_struct_ref_seq_dif.seq_num                      1 
_struct_ref_seq_dif.pdbx_pdb_ins_code            ? 
_struct_ref_seq_dif.pdbx_seq_db_name             UNP 
_struct_ref_seq_dif.pdbx_seq_db_accession_code   Q14676 
_struct_ref_seq_dif.db_mon_id                    ? 
_struct_ref_seq_dif.pdbx_seq_db_seq_num          ? 
_struct_ref_seq_dif.details                      'expression tag' 
_struct_ref_seq_dif.pdbx_auth_seq_num            26 
_struct_ref_seq_dif.pdbx_ordinal                 1 
# 
_pdbx_struct_assembly.id                   1 
_pdbx_struct_assembly.details              author_and_software_defined_assembly 
_pdbx_struct_assembly.method_details       PISA 
_pdbx_struct_assembly.oligomeric_details   dimeric 
_pdbx_struct_assembly.oligomeric_count     2 
# 
loop_
_pdbx_struct_assembly_prop.biol_id 
_pdbx_struct_assembly_prop.type 
_pdbx_struct_assembly_prop.value 
_pdbx_struct_assembly_prop.details 
1 'ABSA (A^2)' 810  ? 
1 MORE         -8   ? 
1 'SSA (A^2)'  6430 ? 
# 
_pdbx_struct_assembly_gen.assembly_id       1 
_pdbx_struct_assembly_gen.oper_expression   1 
_pdbx_struct_assembly_gen.asym_id_list      A,B,C,D 
# 
_pdbx_struct_oper_list.id                   1 
_pdbx_struct_oper_list.type                 'identity operation' 
_pdbx_struct_oper_list.name                 1_555 
_pdbx_struct_oper_list.symmetry_operation   x,y,z 
_pdbx_struct_oper_list.matrix[1][1]         1.0000000000 
_pdbx_struct_oper_list.matrix[1][2]         0.0000000000 
_pdbx_struct_oper_list.matrix[1][3]         0.0000000000 
_pdbx_struct_oper_list.vector[1]            0.0000000000 
_pdbx_struct_oper_list.matrix[2][1]         0.0000000000 
_pdbx_struct_oper_list.matrix[2][2]         1.0000000000 
_pdbx_struct_oper_list.matrix[2][3]         0.0000000000 
_pdbx_struct_oper_list.vector[2]            0.0000000000 
_pdbx_struct_oper_list.matrix[3][1]         0.0000000000 
_pdbx_struct_oper_list.matrix[3][2]         0.0000000000 
_pdbx_struct_oper_list.matrix[3][3]         1.0000000000 
_pdbx_struct_oper_list.vector[3]            0.0000000000 
# 
_struct_biol.id        1 
_struct_biol.details   ? 
# 
loop_
_struct_conn.id 
_struct_conn.conn_type_id 
_struct_conn.pdbx_leaving_atom_flag 
_struct_conn.pdbx_PDB_id 
_struct_conn.ptnr1_label_asym_id 
_struct_conn.ptnr1_label_comp_id 
_struct_conn.ptnr1_label_seq_id 
_struct_conn.ptnr1_label_atom_id 
_struct_conn.pdbx_ptnr1_label_alt_id 
_struct_conn.pdbx_ptnr1_PDB_ins_code 
_struct_conn.pdbx_ptnr1_standard_comp_id 
_struct_conn.ptnr1_symmetry 
_struct_conn.ptnr2_label_asym_id 
_struct_conn.ptnr2_label_comp_id 
_struct_conn.ptnr2_label_seq_id 
_struct_conn.ptnr2_label_atom_id 
_struct_conn.pdbx_ptnr2_label_alt_id 
_struct_conn.pdbx_ptnr2_PDB_ins_code 
_struct_conn.ptnr1_auth_asym_id 
_struct_conn.ptnr1_auth_comp_id 
_struct_conn.ptnr1_auth_seq_id 
_struct_conn.ptnr2_auth_asym_id 
_struct_conn.ptnr2_auth_comp_id 
_struct_conn.ptnr2_auth_seq_id 
_struct_conn.ptnr2_symmetry 
_struct_conn.pdbx_ptnr3_label_atom_id 
_struct_conn.pdbx_ptnr3_label_seq_id 
_struct_conn.pdbx_ptnr3_label_comp_id 
_struct_conn.pdbx_ptnr3_label_asym_id 
_struct_conn.pdbx_ptnr3_label_alt_id 
_struct_conn.pdbx_ptnr3_PDB_ins_code 
_struct_conn.details 
_struct_conn.pdbx_dist_value 
_struct_conn.pdbx_value_order 
_struct_conn.pdbx_role 
covale1 covale both ? B ASP 3 C ? ? ? 1_555 B TPO 4 N ? ? B ASP 3 B TPO 4 1_555 ? ? ? ? ? ? ? 1.328 ? ? 
covale2 covale both ? B TPO 4 C ? ? ? 1_555 B GLN 5 N ? ? B TPO 4 B GLN 5 1_555 ? ? ? ? ? ? ? 1.330 ? ? 
# 
_struct_conn_type.id          covale 
_struct_conn_type.criteria    ? 
_struct_conn_type.reference   ? 
# 
_pdbx_modification_feature.ordinal                            1 
_pdbx_modification_feature.label_comp_id                      TPO 
_pdbx_modification_feature.label_asym_id                      B 
_pdbx_modification_feature.label_seq_id                       4 
_pdbx_modification_feature.label_alt_id                       ? 
_pdbx_modification_feature.modified_residue_label_comp_id     . 
_pdbx_modification_feature.modified_residue_label_asym_id     . 
_pdbx_modification_feature.modified_residue_label_seq_id      . 
_pdbx_modification_feature.modified_residue_label_alt_id      . 
_pdbx_modification_feature.auth_comp_id                       TPO 
_pdbx_modification_feature.auth_asym_id                       B 
_pdbx_modification_feature.auth_seq_id                        4 
_pdbx_modification_feature.PDB_ins_code                       ? 
_pdbx_modification_feature.symmetry                           1_555 
_pdbx_modification_feature.modified_residue_auth_comp_id      . 
_pdbx_modification_feature.modified_residue_auth_asym_id      . 
_pdbx_modification_feature.modified_residue_auth_seq_id       . 
_pdbx_modification_feature.modified_residue_PDB_ins_code      . 
_pdbx_modification_feature.modified_residue_symmetry          . 
_pdbx_modification_feature.comp_id_linking_atom               . 
_pdbx_modification_feature.modified_residue_id_linking_atom   . 
_pdbx_modification_feature.modified_residue_id                THR 
_pdbx_modification_feature.ref_pcm_id                         1 
_pdbx_modification_feature.ref_comp_id                        TPO 
_pdbx_modification_feature.type                               Phosphorylation 
_pdbx_modification_feature.category                           'Named protein modification' 
# 
_struct_mon_prot_cis.pdbx_id                1 
_struct_mon_prot_cis.label_comp_id          ARG 
_struct_mon_prot_cis.label_seq_id           77 
_struct_mon_prot_cis.label_asym_id          A 
_struct_mon_prot_cis.label_alt_id           . 
_struct_mon_prot_cis.pdbx_PDB_ins_code      ? 
_struct_mon_prot_cis.auth_comp_id           ARG 
_struct_mon_prot_cis.auth_seq_id            102 
_struct_mon_prot_cis.auth_asym_id           A 
_struct_mon_prot_cis.pdbx_label_comp_id_2   PRO 
_struct_mon_prot_cis.pdbx_label_seq_id_2    78 
_struct_mon_prot_cis.pdbx_label_asym_id_2   A 
_struct_mon_prot_cis.pdbx_PDB_ins_code_2    ? 
_struct_mon_prot_cis.pdbx_auth_comp_id_2    PRO 
_struct_mon_prot_cis.pdbx_auth_seq_id_2     103 
_struct_mon_prot_cis.pdbx_auth_asym_id_2    A 
_struct_mon_prot_cis.pdbx_PDB_model_num     1 
_struct_mon_prot_cis.pdbx_omega_angle       -2.68 
# 
loop_
_struct_sheet.id 
_struct_sheet.type 
_struct_sheet.number_strands 
_struct_sheet.details 
A ? 6 ? 
B ? 5 ? 
# 
loop_
_struct_sheet_order.sheet_id 
_struct_sheet_order.range_id_1 
_struct_sheet_order.range_id_2 
_struct_sheet_order.offset 
_struct_sheet_order.sense 
A 1 2 ? anti-parallel 
A 2 3 ? anti-parallel 
A 3 4 ? anti-parallel 
A 4 5 ? anti-parallel 
A 5 6 ? anti-parallel 
B 1 2 ? parallel      
B 2 3 ? anti-parallel 
B 3 4 ? anti-parallel 
B 4 5 ? anti-parallel 
# 
loop_
_struct_sheet_range.sheet_id 
_struct_sheet_range.id 
_struct_sheet_range.beg_label_comp_id 
_struct_sheet_range.beg_label_asym_id 
_struct_sheet_range.beg_label_seq_id 
_struct_sheet_range.pdbx_beg_PDB_ins_code 
_struct_sheet_range.end_label_comp_id 
_struct_sheet_range.end_label_asym_id 
_struct_sheet_range.end_label_seq_id 
_struct_sheet_range.pdbx_end_PDB_ins_code 
_struct_sheet_range.beg_auth_comp_id 
_struct_sheet_range.beg_auth_asym_id 
_struct_sheet_range.beg_auth_seq_id 
_struct_sheet_range.end_auth_comp_id 
_struct_sheet_range.end_auth_asym_id 
_struct_sheet_range.end_auth_seq_id 
A 1 LYS A 20  ? LEU A 24  ? LYS A 45  LEU A 49  
A 2 GLY A 7   ? ILE A 11  ? GLY A 32  ILE A 36  
A 3 LEU A 101 ? ARG A 107 ? LEU A 126 ARG A 132 
A 4 LEU A 95  ? PHE A 98  ? LEU A 120 PHE A 123 
A 5 THR A 73  ? ILE A 75  ? THR A 98  ILE A 100 
A 6 LYS A 80  ? VAL A 81  ? LYS A 105 VAL A 106 
B 1 VAL A 39  ? ALA A 40  ? VAL A 64  ALA A 65  
B 2 GLY A 27  ? GLY A 32  ? GLY A 52  GLY A 57  
B 3 ALA A 51  ? ILE A 55  ? ALA A 76  ILE A 80  
B 4 ILE A 63  ? ASP A 66  ? ILE A 88  ASP A 91  
B 5 HIS A 88  ? ARG A 89  ? HIS A 113 ARG A 114 
# 
loop_
_pdbx_struct_sheet_hbond.sheet_id 
_pdbx_struct_sheet_hbond.range_id_1 
_pdbx_struct_sheet_hbond.range_id_2 
_pdbx_struct_sheet_hbond.range_1_label_atom_id 
_pdbx_struct_sheet_hbond.range_1_label_comp_id 
_pdbx_struct_sheet_hbond.range_1_label_asym_id 
_pdbx_struct_sheet_hbond.range_1_label_seq_id 
_pdbx_struct_sheet_hbond.range_1_PDB_ins_code 
_pdbx_struct_sheet_hbond.range_1_auth_atom_id 
_pdbx_struct_sheet_hbond.range_1_auth_comp_id 
_pdbx_struct_sheet_hbond.range_1_auth_asym_id 
_pdbx_struct_sheet_hbond.range_1_auth_seq_id 
_pdbx_struct_sheet_hbond.range_2_label_atom_id 
_pdbx_struct_sheet_hbond.range_2_label_comp_id 
_pdbx_struct_sheet_hbond.range_2_label_asym_id 
_pdbx_struct_sheet_hbond.range_2_label_seq_id 
_pdbx_struct_sheet_hbond.range_2_PDB_ins_code 
_pdbx_struct_sheet_hbond.range_2_auth_atom_id 
_pdbx_struct_sheet_hbond.range_2_auth_comp_id 
_pdbx_struct_sheet_hbond.range_2_auth_asym_id 
_pdbx_struct_sheet_hbond.range_2_auth_seq_id 
A 1 2 O LYS A 20  ? O LYS A 45  N ILE A 11  ? N ILE A 36  
A 2 3 N HIS A 10  ? N HIS A 35  O GLN A 104 ? O GLN A 129 
A 3 4 O CYS A 103 ? O CYS A 128 N ILE A 96  ? N ILE A 121 
A 4 5 O LEU A 97  ? O LEU A 122 N GLN A 74  ? N GLN A 99  
A 5 6 N ILE A 75  ? N ILE A 100 O LYS A 80  ? O LYS A 105 
B 1 2 O VAL A 39  ? O VAL A 64  N VAL A 30  ? N VAL A 55  
B 2 3 N GLY A 27  ? N GLY A 52  O ILE A 55  ? O ILE A 80  
B 3 4 N GLU A 54  ? N GLU A 79  O ILE A 63  ? O ILE A 88  
B 4 5 N LEU A 64  ? N LEU A 89  O HIS A 88  ? O HIS A 113 
# 
_pdbx_entry_details.entry_id                   3UNN 
_pdbx_entry_details.compound_details           ? 
_pdbx_entry_details.source_details             ? 
_pdbx_entry_details.nonpolymer_details         ? 
_pdbx_entry_details.sequence_details           ? 
_pdbx_entry_details.has_ligand_of_interest     ? 
_pdbx_entry_details.has_protein_modification   Y 
# 
loop_
_pdbx_validate_torsion.id 
_pdbx_validate_torsion.PDB_model_num 
_pdbx_validate_torsion.auth_comp_id 
_pdbx_validate_torsion.auth_asym_id 
_pdbx_validate_torsion.auth_seq_id 
_pdbx_validate_torsion.PDB_ins_code 
_pdbx_validate_torsion.label_alt_id 
_pdbx_validate_torsion.phi 
_pdbx_validate_torsion.psi 
1 1 ARG A 102 ? ? 41.64 70.40   
2 1 ALA A 124 ? ? 52.42 -120.04 
# 
_pdbx_struct_mod_residue.id               1 
_pdbx_struct_mod_residue.label_asym_id    B 
_pdbx_struct_mod_residue.label_comp_id    TPO 
_pdbx_struct_mod_residue.label_seq_id     4 
_pdbx_struct_mod_residue.auth_asym_id     B 
_pdbx_struct_mod_residue.auth_comp_id     TPO 
_pdbx_struct_mod_residue.auth_seq_id      4 
_pdbx_struct_mod_residue.PDB_ins_code     ? 
_pdbx_struct_mod_residue.parent_comp_id   THR 
_pdbx_struct_mod_residue.details          PHOSPHOTHREONINE 
# 
loop_
_pdbx_unobs_or_zero_occ_residues.id 
_pdbx_unobs_or_zero_occ_residues.PDB_model_num 
_pdbx_unobs_or_zero_occ_residues.polymer_flag 
_pdbx_unobs_or_zero_occ_residues.occupancy_flag 
_pdbx_unobs_or_zero_occ_residues.auth_asym_id 
_pdbx_unobs_or_zero_occ_residues.auth_comp_id 
_pdbx_unobs_or_zero_occ_residues.auth_seq_id 
_pdbx_unobs_or_zero_occ_residues.PDB_ins_code 
_pdbx_unobs_or_zero_occ_residues.label_asym_id 
_pdbx_unobs_or_zero_occ_residues.label_comp_id 
_pdbx_unobs_or_zero_occ_residues.label_seq_id 
1 1 Y 1 A ASP 134 ? A ASP 109 
2 1 Y 1 A VAL 135 ? A VAL 110 
3 1 Y 1 A SER 136 ? A SER 111 
4 1 Y 1 A LEU 137 ? A LEU 112 
5 1 Y 1 A PRO 138 ? A PRO 113 
# 
loop_
_chem_comp_atom.comp_id 
_chem_comp_atom.atom_id 
_chem_comp_atom.type_symbol 
_chem_comp_atom.pdbx_aromatic_flag 
_chem_comp_atom.pdbx_stereo_config 
_chem_comp_atom.pdbx_ordinal 
ALA N    N N N 1   
ALA CA   C N S 2   
ALA C    C N N 3   
ALA O    O N N 4   
ALA CB   C N N 5   
ALA OXT  O N N 6   
ALA H    H N N 7   
ALA H2   H N N 8   
ALA HA   H N N 9   
ALA HB1  H N N 10  
ALA HB2  H N N 11  
ALA HB3  H N N 12  
ALA HXT  H N N 13  
ARG N    N N N 14  
ARG CA   C N S 15  
ARG C    C N N 16  
ARG O    O N N 17  
ARG CB   C N N 18  
ARG CG   C N N 19  
ARG CD   C N N 20  
ARG NE   N N N 21  
ARG CZ   C N N 22  
ARG NH1  N N N 23  
ARG NH2  N N N 24  
ARG OXT  O N N 25  
ARG H    H N N 26  
ARG H2   H N N 27  
ARG HA   H N N 28  
ARG HB2  H N N 29  
ARG HB3  H N N 30  
ARG HG2  H N N 31  
ARG HG3  H N N 32  
ARG HD2  H N N 33  
ARG HD3  H N N 34  
ARG HE   H N N 35  
ARG HH11 H N N 36  
ARG HH12 H N N 37  
ARG HH21 H N N 38  
ARG HH22 H N N 39  
ARG HXT  H N N 40  
ASN N    N N N 41  
ASN CA   C N S 42  
ASN C    C N N 43  
ASN O    O N N 44  
ASN CB   C N N 45  
ASN CG   C N N 46  
ASN OD1  O N N 47  
ASN ND2  N N N 48  
ASN OXT  O N N 49  
ASN H    H N N 50  
ASN H2   H N N 51  
ASN HA   H N N 52  
ASN HB2  H N N 53  
ASN HB3  H N N 54  
ASN HD21 H N N 55  
ASN HD22 H N N 56  
ASN HXT  H N N 57  
ASP N    N N N 58  
ASP CA   C N S 59  
ASP C    C N N 60  
ASP O    O N N 61  
ASP CB   C N N 62  
ASP CG   C N N 63  
ASP OD1  O N N 64  
ASP OD2  O N N 65  
ASP OXT  O N N 66  
ASP H    H N N 67  
ASP H2   H N N 68  
ASP HA   H N N 69  
ASP HB2  H N N 70  
ASP HB3  H N N 71  
ASP HD2  H N N 72  
ASP HXT  H N N 73  
CYS N    N N N 74  
CYS CA   C N R 75  
CYS C    C N N 76  
CYS O    O N N 77  
CYS CB   C N N 78  
CYS SG   S N N 79  
CYS OXT  O N N 80  
CYS H    H N N 81  
CYS H2   H N N 82  
CYS HA   H N N 83  
CYS HB2  H N N 84  
CYS HB3  H N N 85  
CYS HG   H N N 86  
CYS HXT  H N N 87  
GLN N    N N N 88  
GLN CA   C N S 89  
GLN C    C N N 90  
GLN O    O N N 91  
GLN CB   C N N 92  
GLN CG   C N N 93  
GLN CD   C N N 94  
GLN OE1  O N N 95  
GLN NE2  N N N 96  
GLN OXT  O N N 97  
GLN H    H N N 98  
GLN H2   H N N 99  
GLN HA   H N N 100 
GLN HB2  H N N 101 
GLN HB3  H N N 102 
GLN HG2  H N N 103 
GLN HG3  H N N 104 
GLN HE21 H N N 105 
GLN HE22 H N N 106 
GLN HXT  H N N 107 
GLU N    N N N 108 
GLU CA   C N S 109 
GLU C    C N N 110 
GLU O    O N N 111 
GLU CB   C N N 112 
GLU CG   C N N 113 
GLU CD   C N N 114 
GLU OE1  O N N 115 
GLU OE2  O N N 116 
GLU OXT  O N N 117 
GLU H    H N N 118 
GLU H2   H N N 119 
GLU HA   H N N 120 
GLU HB2  H N N 121 
GLU HB3  H N N 122 
GLU HG2  H N N 123 
GLU HG3  H N N 124 
GLU HE2  H N N 125 
GLU HXT  H N N 126 
GLY N    N N N 127 
GLY CA   C N N 128 
GLY C    C N N 129 
GLY O    O N N 130 
GLY OXT  O N N 131 
GLY H    H N N 132 
GLY H2   H N N 133 
GLY HA2  H N N 134 
GLY HA3  H N N 135 
GLY HXT  H N N 136 
HIS N    N N N 137 
HIS CA   C N S 138 
HIS C    C N N 139 
HIS O    O N N 140 
HIS CB   C N N 141 
HIS CG   C Y N 142 
HIS ND1  N Y N 143 
HIS CD2  C Y N 144 
HIS CE1  C Y N 145 
HIS NE2  N Y N 146 
HIS OXT  O N N 147 
HIS H    H N N 148 
HIS H2   H N N 149 
HIS HA   H N N 150 
HIS HB2  H N N 151 
HIS HB3  H N N 152 
HIS HD1  H N N 153 
HIS HD2  H N N 154 
HIS HE1  H N N 155 
HIS HE2  H N N 156 
HIS HXT  H N N 157 
HOH O    O N N 158 
HOH H1   H N N 159 
HOH H2   H N N 160 
ILE N    N N N 161 
ILE CA   C N S 162 
ILE C    C N N 163 
ILE O    O N N 164 
ILE CB   C N S 165 
ILE CG1  C N N 166 
ILE CG2  C N N 167 
ILE CD1  C N N 168 
ILE OXT  O N N 169 
ILE H    H N N 170 
ILE H2   H N N 171 
ILE HA   H N N 172 
ILE HB   H N N 173 
ILE HG12 H N N 174 
ILE HG13 H N N 175 
ILE HG21 H N N 176 
ILE HG22 H N N 177 
ILE HG23 H N N 178 
ILE HD11 H N N 179 
ILE HD12 H N N 180 
ILE HD13 H N N 181 
ILE HXT  H N N 182 
LEU N    N N N 183 
LEU CA   C N S 184 
LEU C    C N N 185 
LEU O    O N N 186 
LEU CB   C N N 187 
LEU CG   C N N 188 
LEU CD1  C N N 189 
LEU CD2  C N N 190 
LEU OXT  O N N 191 
LEU H    H N N 192 
LEU H2   H N N 193 
LEU HA   H N N 194 
LEU HB2  H N N 195 
LEU HB3  H N N 196 
LEU HG   H N N 197 
LEU HD11 H N N 198 
LEU HD12 H N N 199 
LEU HD13 H N N 200 
LEU HD21 H N N 201 
LEU HD22 H N N 202 
LEU HD23 H N N 203 
LEU HXT  H N N 204 
LYS N    N N N 205 
LYS CA   C N S 206 
LYS C    C N N 207 
LYS O    O N N 208 
LYS CB   C N N 209 
LYS CG   C N N 210 
LYS CD   C N N 211 
LYS CE   C N N 212 
LYS NZ   N N N 213 
LYS OXT  O N N 214 
LYS H    H N N 215 
LYS H2   H N N 216 
LYS HA   H N N 217 
LYS HB2  H N N 218 
LYS HB3  H N N 219 
LYS HG2  H N N 220 
LYS HG3  H N N 221 
LYS HD2  H N N 222 
LYS HD3  H N N 223 
LYS HE2  H N N 224 
LYS HE3  H N N 225 
LYS HZ1  H N N 226 
LYS HZ2  H N N 227 
LYS HZ3  H N N 228 
LYS HXT  H N N 229 
MET N    N N N 230 
MET CA   C N S 231 
MET C    C N N 232 
MET O    O N N 233 
MET CB   C N N 234 
MET CG   C N N 235 
MET SD   S N N 236 
MET CE   C N N 237 
MET OXT  O N N 238 
MET H    H N N 239 
MET H2   H N N 240 
MET HA   H N N 241 
MET HB2  H N N 242 
MET HB3  H N N 243 
MET HG2  H N N 244 
MET HG3  H N N 245 
MET HE1  H N N 246 
MET HE2  H N N 247 
MET HE3  H N N 248 
MET HXT  H N N 249 
PHE N    N N N 250 
PHE CA   C N S 251 
PHE C    C N N 252 
PHE O    O N N 253 
PHE CB   C N N 254 
PHE CG   C Y N 255 
PHE CD1  C Y N 256 
PHE CD2  C Y N 257 
PHE CE1  C Y N 258 
PHE CE2  C Y N 259 
PHE CZ   C Y N 260 
PHE OXT  O N N 261 
PHE H    H N N 262 
PHE H2   H N N 263 
PHE HA   H N N 264 
PHE HB2  H N N 265 
PHE HB3  H N N 266 
PHE HD1  H N N 267 
PHE HD2  H N N 268 
PHE HE1  H N N 269 
PHE HE2  H N N 270 
PHE HZ   H N N 271 
PHE HXT  H N N 272 
PRO N    N N N 273 
PRO CA   C N S 274 
PRO C    C N N 275 
PRO O    O N N 276 
PRO CB   C N N 277 
PRO CG   C N N 278 
PRO CD   C N N 279 
PRO OXT  O N N 280 
PRO H    H N N 281 
PRO HA   H N N 282 
PRO HB2  H N N 283 
PRO HB3  H N N 284 
PRO HG2  H N N 285 
PRO HG3  H N N 286 
PRO HD2  H N N 287 
PRO HD3  H N N 288 
PRO HXT  H N N 289 
SER N    N N N 290 
SER CA   C N S 291 
SER C    C N N 292 
SER O    O N N 293 
SER CB   C N N 294 
SER OG   O N N 295 
SER OXT  O N N 296 
SER H    H N N 297 
SER H2   H N N 298 
SER HA   H N N 299 
SER HB2  H N N 300 
SER HB3  H N N 301 
SER HG   H N N 302 
SER HXT  H N N 303 
THR N    N N N 304 
THR CA   C N S 305 
THR C    C N N 306 
THR O    O N N 307 
THR CB   C N R 308 
THR OG1  O N N 309 
THR CG2  C N N 310 
THR OXT  O N N 311 
THR H    H N N 312 
THR H2   H N N 313 
THR HA   H N N 314 
THR HB   H N N 315 
THR HG1  H N N 316 
THR HG21 H N N 317 
THR HG22 H N N 318 
THR HG23 H N N 319 
THR HXT  H N N 320 
TPO N    N N N 321 
TPO CA   C N S 322 
TPO CB   C N R 323 
TPO CG2  C N N 324 
TPO OG1  O N N 325 
TPO P    P N N 326 
TPO O1P  O N N 327 
TPO O2P  O N N 328 
TPO O3P  O N N 329 
TPO C    C N N 330 
TPO O    O N N 331 
TPO OXT  O N N 332 
TPO H    H N N 333 
TPO H2   H N N 334 
TPO HA   H N N 335 
TPO HB   H N N 336 
TPO HG21 H N N 337 
TPO HG22 H N N 338 
TPO HG23 H N N 339 
TPO HOP2 H N N 340 
TPO HOP3 H N N 341 
TPO HXT  H N N 342 
TRP N    N N N 343 
TRP CA   C N S 344 
TRP C    C N N 345 
TRP O    O N N 346 
TRP CB   C N N 347 
TRP CG   C Y N 348 
TRP CD1  C Y N 349 
TRP CD2  C Y N 350 
TRP NE1  N Y N 351 
TRP CE2  C Y N 352 
TRP CE3  C Y N 353 
TRP CZ2  C Y N 354 
TRP CZ3  C Y N 355 
TRP CH2  C Y N 356 
TRP OXT  O N N 357 
TRP H    H N N 358 
TRP H2   H N N 359 
TRP HA   H N N 360 
TRP HB2  H N N 361 
TRP HB3  H N N 362 
TRP HD1  H N N 363 
TRP HE1  H N N 364 
TRP HE3  H N N 365 
TRP HZ2  H N N 366 
TRP HZ3  H N N 367 
TRP HH2  H N N 368 
TRP HXT  H N N 369 
TYR N    N N N 370 
TYR CA   C N S 371 
TYR C    C N N 372 
TYR O    O N N 373 
TYR CB   C N N 374 
TYR CG   C Y N 375 
TYR CD1  C Y N 376 
TYR CD2  C Y N 377 
TYR CE1  C Y N 378 
TYR CE2  C Y N 379 
TYR CZ   C Y N 380 
TYR OH   O N N 381 
TYR OXT  O N N 382 
TYR H    H N N 383 
TYR H2   H N N 384 
TYR HA   H N N 385 
TYR HB2  H N N 386 
TYR HB3  H N N 387 
TYR HD1  H N N 388 
TYR HD2  H N N 389 
TYR HE1  H N N 390 
TYR HE2  H N N 391 
TYR HH   H N N 392 
TYR HXT  H N N 393 
VAL N    N N N 394 
VAL CA   C N S 395 
VAL C    C N N 396 
VAL O    O N N 397 
VAL CB   C N N 398 
VAL CG1  C N N 399 
VAL CG2  C N N 400 
VAL OXT  O N N 401 
VAL H    H N N 402 
VAL H2   H N N 403 
VAL HA   H N N 404 
VAL HB   H N N 405 
VAL HG11 H N N 406 
VAL HG12 H N N 407 
VAL HG13 H N N 408 
VAL HG21 H N N 409 
VAL HG22 H N N 410 
VAL HG23 H N N 411 
VAL HXT  H N N 412 
# 
loop_
_chem_comp_bond.comp_id 
_chem_comp_bond.atom_id_1 
_chem_comp_bond.atom_id_2 
_chem_comp_bond.value_order 
_chem_comp_bond.pdbx_aromatic_flag 
_chem_comp_bond.pdbx_stereo_config 
_chem_comp_bond.pdbx_ordinal 
ALA N   CA   sing N N 1   
ALA N   H    sing N N 2   
ALA N   H2   sing N N 3   
ALA CA  C    sing N N 4   
ALA CA  CB   sing N N 5   
ALA CA  HA   sing N N 6   
ALA C   O    doub N N 7   
ALA C   OXT  sing N N 8   
ALA CB  HB1  sing N N 9   
ALA CB  HB2  sing N N 10  
ALA CB  HB3  sing N N 11  
ALA OXT HXT  sing N N 12  
ARG N   CA   sing N N 13  
ARG N   H    sing N N 14  
ARG N   H2   sing N N 15  
ARG CA  C    sing N N 16  
ARG CA  CB   sing N N 17  
ARG CA  HA   sing N N 18  
ARG C   O    doub N N 19  
ARG C   OXT  sing N N 20  
ARG CB  CG   sing N N 21  
ARG CB  HB2  sing N N 22  
ARG CB  HB3  sing N N 23  
ARG CG  CD   sing N N 24  
ARG CG  HG2  sing N N 25  
ARG CG  HG3  sing N N 26  
ARG CD  NE   sing N N 27  
ARG CD  HD2  sing N N 28  
ARG CD  HD3  sing N N 29  
ARG NE  CZ   sing N N 30  
ARG NE  HE   sing N N 31  
ARG CZ  NH1  sing N N 32  
ARG CZ  NH2  doub N N 33  
ARG NH1 HH11 sing N N 34  
ARG NH1 HH12 sing N N 35  
ARG NH2 HH21 sing N N 36  
ARG NH2 HH22 sing N N 37  
ARG OXT HXT  sing N N 38  
ASN N   CA   sing N N 39  
ASN N   H    sing N N 40  
ASN N   H2   sing N N 41  
ASN CA  C    sing N N 42  
ASN CA  CB   sing N N 43  
ASN CA  HA   sing N N 44  
ASN C   O    doub N N 45  
ASN C   OXT  sing N N 46  
ASN CB  CG   sing N N 47  
ASN CB  HB2  sing N N 48  
ASN CB  HB3  sing N N 49  
ASN CG  OD1  doub N N 50  
ASN CG  ND2  sing N N 51  
ASN ND2 HD21 sing N N 52  
ASN ND2 HD22 sing N N 53  
ASN OXT HXT  sing N N 54  
ASP N   CA   sing N N 55  
ASP N   H    sing N N 56  
ASP N   H2   sing N N 57  
ASP CA  C    sing N N 58  
ASP CA  CB   sing N N 59  
ASP CA  HA   sing N N 60  
ASP C   O    doub N N 61  
ASP C   OXT  sing N N 62  
ASP CB  CG   sing N N 63  
ASP CB  HB2  sing N N 64  
ASP CB  HB3  sing N N 65  
ASP CG  OD1  doub N N 66  
ASP CG  OD2  sing N N 67  
ASP OD2 HD2  sing N N 68  
ASP OXT HXT  sing N N 69  
CYS N   CA   sing N N 70  
CYS N   H    sing N N 71  
CYS N   H2   sing N N 72  
CYS CA  C    sing N N 73  
CYS CA  CB   sing N N 74  
CYS CA  HA   sing N N 75  
CYS C   O    doub N N 76  
CYS C   OXT  sing N N 77  
CYS CB  SG   sing N N 78  
CYS CB  HB2  sing N N 79  
CYS CB  HB3  sing N N 80  
CYS SG  HG   sing N N 81  
CYS OXT HXT  sing N N 82  
GLN N   CA   sing N N 83  
GLN N   H    sing N N 84  
GLN N   H2   sing N N 85  
GLN CA  C    sing N N 86  
GLN CA  CB   sing N N 87  
GLN CA  HA   sing N N 88  
GLN C   O    doub N N 89  
GLN C   OXT  sing N N 90  
GLN CB  CG   sing N N 91  
GLN CB  HB2  sing N N 92  
GLN CB  HB3  sing N N 93  
GLN CG  CD   sing N N 94  
GLN CG  HG2  sing N N 95  
GLN CG  HG3  sing N N 96  
GLN CD  OE1  doub N N 97  
GLN CD  NE2  sing N N 98  
GLN NE2 HE21 sing N N 99  
GLN NE2 HE22 sing N N 100 
GLN OXT HXT  sing N N 101 
GLU N   CA   sing N N 102 
GLU N   H    sing N N 103 
GLU N   H2   sing N N 104 
GLU CA  C    sing N N 105 
GLU CA  CB   sing N N 106 
GLU CA  HA   sing N N 107 
GLU C   O    doub N N 108 
GLU C   OXT  sing N N 109 
GLU CB  CG   sing N N 110 
GLU CB  HB2  sing N N 111 
GLU CB  HB3  sing N N 112 
GLU CG  CD   sing N N 113 
GLU CG  HG2  sing N N 114 
GLU CG  HG3  sing N N 115 
GLU CD  OE1  doub N N 116 
GLU CD  OE2  sing N N 117 
GLU OE2 HE2  sing N N 118 
GLU OXT HXT  sing N N 119 
GLY N   CA   sing N N 120 
GLY N   H    sing N N 121 
GLY N   H2   sing N N 122 
GLY CA  C    sing N N 123 
GLY CA  HA2  sing N N 124 
GLY CA  HA3  sing N N 125 
GLY C   O    doub N N 126 
GLY C   OXT  sing N N 127 
GLY OXT HXT  sing N N 128 
HIS N   CA   sing N N 129 
HIS N   H    sing N N 130 
HIS N   H2   sing N N 131 
HIS CA  C    sing N N 132 
HIS CA  CB   sing N N 133 
HIS CA  HA   sing N N 134 
HIS C   O    doub N N 135 
HIS C   OXT  sing N N 136 
HIS CB  CG   sing N N 137 
HIS CB  HB2  sing N N 138 
HIS CB  HB3  sing N N 139 
HIS CG  ND1  sing Y N 140 
HIS CG  CD2  doub Y N 141 
HIS ND1 CE1  doub Y N 142 
HIS ND1 HD1  sing N N 143 
HIS CD2 NE2  sing Y N 144 
HIS CD2 HD2  sing N N 145 
HIS CE1 NE2  sing Y N 146 
HIS CE1 HE1  sing N N 147 
HIS NE2 HE2  sing N N 148 
HIS OXT HXT  sing N N 149 
HOH O   H1   sing N N 150 
HOH O   H2   sing N N 151 
ILE N   CA   sing N N 152 
ILE N   H    sing N N 153 
ILE N   H2   sing N N 154 
ILE CA  C    sing N N 155 
ILE CA  CB   sing N N 156 
ILE CA  HA   sing N N 157 
ILE C   O    doub N N 158 
ILE C   OXT  sing N N 159 
ILE CB  CG1  sing N N 160 
ILE CB  CG2  sing N N 161 
ILE CB  HB   sing N N 162 
ILE CG1 CD1  sing N N 163 
ILE CG1 HG12 sing N N 164 
ILE CG1 HG13 sing N N 165 
ILE CG2 HG21 sing N N 166 
ILE CG2 HG22 sing N N 167 
ILE CG2 HG23 sing N N 168 
ILE CD1 HD11 sing N N 169 
ILE CD1 HD12 sing N N 170 
ILE CD1 HD13 sing N N 171 
ILE OXT HXT  sing N N 172 
LEU N   CA   sing N N 173 
LEU N   H    sing N N 174 
LEU N   H2   sing N N 175 
LEU CA  C    sing N N 176 
LEU CA  CB   sing N N 177 
LEU CA  HA   sing N N 178 
LEU C   O    doub N N 179 
LEU C   OXT  sing N N 180 
LEU CB  CG   sing N N 181 
LEU CB  HB2  sing N N 182 
LEU CB  HB3  sing N N 183 
LEU CG  CD1  sing N N 184 
LEU CG  CD2  sing N N 185 
LEU CG  HG   sing N N 186 
LEU CD1 HD11 sing N N 187 
LEU CD1 HD12 sing N N 188 
LEU CD1 HD13 sing N N 189 
LEU CD2 HD21 sing N N 190 
LEU CD2 HD22 sing N N 191 
LEU CD2 HD23 sing N N 192 
LEU OXT HXT  sing N N 193 
LYS N   CA   sing N N 194 
LYS N   H    sing N N 195 
LYS N   H2   sing N N 196 
LYS CA  C    sing N N 197 
LYS CA  CB   sing N N 198 
LYS CA  HA   sing N N 199 
LYS C   O    doub N N 200 
LYS C   OXT  sing N N 201 
LYS CB  CG   sing N N 202 
LYS CB  HB2  sing N N 203 
LYS CB  HB3  sing N N 204 
LYS CG  CD   sing N N 205 
LYS CG  HG2  sing N N 206 
LYS CG  HG3  sing N N 207 
LYS CD  CE   sing N N 208 
LYS CD  HD2  sing N N 209 
LYS CD  HD3  sing N N 210 
LYS CE  NZ   sing N N 211 
LYS CE  HE2  sing N N 212 
LYS CE  HE3  sing N N 213 
LYS NZ  HZ1  sing N N 214 
LYS NZ  HZ2  sing N N 215 
LYS NZ  HZ3  sing N N 216 
LYS OXT HXT  sing N N 217 
MET N   CA   sing N N 218 
MET N   H    sing N N 219 
MET N   H2   sing N N 220 
MET CA  C    sing N N 221 
MET CA  CB   sing N N 222 
MET CA  HA   sing N N 223 
MET C   O    doub N N 224 
MET C   OXT  sing N N 225 
MET CB  CG   sing N N 226 
MET CB  HB2  sing N N 227 
MET CB  HB3  sing N N 228 
MET CG  SD   sing N N 229 
MET CG  HG2  sing N N 230 
MET CG  HG3  sing N N 231 
MET SD  CE   sing N N 232 
MET CE  HE1  sing N N 233 
MET CE  HE2  sing N N 234 
MET CE  HE3  sing N N 235 
MET OXT HXT  sing N N 236 
PHE N   CA   sing N N 237 
PHE N   H    sing N N 238 
PHE N   H2   sing N N 239 
PHE CA  C    sing N N 240 
PHE CA  CB   sing N N 241 
PHE CA  HA   sing N N 242 
PHE C   O    doub N N 243 
PHE C   OXT  sing N N 244 
PHE CB  CG   sing N N 245 
PHE CB  HB2  sing N N 246 
PHE CB  HB3  sing N N 247 
PHE CG  CD1  doub Y N 248 
PHE CG  CD2  sing Y N 249 
PHE CD1 CE1  sing Y N 250 
PHE CD1 HD1  sing N N 251 
PHE CD2 CE2  doub Y N 252 
PHE CD2 HD2  sing N N 253 
PHE CE1 CZ   doub Y N 254 
PHE CE1 HE1  sing N N 255 
PHE CE2 CZ   sing Y N 256 
PHE CE2 HE2  sing N N 257 
PHE CZ  HZ   sing N N 258 
PHE OXT HXT  sing N N 259 
PRO N   CA   sing N N 260 
PRO N   CD   sing N N 261 
PRO N   H    sing N N 262 
PRO CA  C    sing N N 263 
PRO CA  CB   sing N N 264 
PRO CA  HA   sing N N 265 
PRO C   O    doub N N 266 
PRO C   OXT  sing N N 267 
PRO CB  CG   sing N N 268 
PRO CB  HB2  sing N N 269 
PRO CB  HB3  sing N N 270 
PRO CG  CD   sing N N 271 
PRO CG  HG2  sing N N 272 
PRO CG  HG3  sing N N 273 
PRO CD  HD2  sing N N 274 
PRO CD  HD3  sing N N 275 
PRO OXT HXT  sing N N 276 
SER N   CA   sing N N 277 
SER N   H    sing N N 278 
SER N   H2   sing N N 279 
SER CA  C    sing N N 280 
SER CA  CB   sing N N 281 
SER CA  HA   sing N N 282 
SER C   O    doub N N 283 
SER C   OXT  sing N N 284 
SER CB  OG   sing N N 285 
SER CB  HB2  sing N N 286 
SER CB  HB3  sing N N 287 
SER OG  HG   sing N N 288 
SER OXT HXT  sing N N 289 
THR N   CA   sing N N 290 
THR N   H    sing N N 291 
THR N   H2   sing N N 292 
THR CA  C    sing N N 293 
THR CA  CB   sing N N 294 
THR CA  HA   sing N N 295 
THR C   O    doub N N 296 
THR C   OXT  sing N N 297 
THR CB  OG1  sing N N 298 
THR CB  CG2  sing N N 299 
THR CB  HB   sing N N 300 
THR OG1 HG1  sing N N 301 
THR CG2 HG21 sing N N 302 
THR CG2 HG22 sing N N 303 
THR CG2 HG23 sing N N 304 
THR OXT HXT  sing N N 305 
TPO N   CA   sing N N 306 
TPO N   H    sing N N 307 
TPO N   H2   sing N N 308 
TPO CA  CB   sing N N 309 
TPO CA  C    sing N N 310 
TPO CA  HA   sing N N 311 
TPO CB  CG2  sing N N 312 
TPO CB  OG1  sing N N 313 
TPO CB  HB   sing N N 314 
TPO CG2 HG21 sing N N 315 
TPO CG2 HG22 sing N N 316 
TPO CG2 HG23 sing N N 317 
TPO OG1 P    sing N N 318 
TPO P   O1P  doub N N 319 
TPO P   O2P  sing N N 320 
TPO P   O3P  sing N N 321 
TPO O2P HOP2 sing N N 322 
TPO O3P HOP3 sing N N 323 
TPO C   O    doub N N 324 
TPO C   OXT  sing N N 325 
TPO OXT HXT  sing N N 326 
TRP N   CA   sing N N 327 
TRP N   H    sing N N 328 
TRP N   H2   sing N N 329 
TRP CA  C    sing N N 330 
TRP CA  CB   sing N N 331 
TRP CA  HA   sing N N 332 
TRP C   O    doub N N 333 
TRP C   OXT  sing N N 334 
TRP CB  CG   sing N N 335 
TRP CB  HB2  sing N N 336 
TRP CB  HB3  sing N N 337 
TRP CG  CD1  doub Y N 338 
TRP CG  CD2  sing Y N 339 
TRP CD1 NE1  sing Y N 340 
TRP CD1 HD1  sing N N 341 
TRP CD2 CE2  doub Y N 342 
TRP CD2 CE3  sing Y N 343 
TRP NE1 CE2  sing Y N 344 
TRP NE1 HE1  sing N N 345 
TRP CE2 CZ2  sing Y N 346 
TRP CE3 CZ3  doub Y N 347 
TRP CE3 HE3  sing N N 348 
TRP CZ2 CH2  doub Y N 349 
TRP CZ2 HZ2  sing N N 350 
TRP CZ3 CH2  sing Y N 351 
TRP CZ3 HZ3  sing N N 352 
TRP CH2 HH2  sing N N 353 
TRP OXT HXT  sing N N 354 
TYR N   CA   sing N N 355 
TYR N   H    sing N N 356 
TYR N   H2   sing N N 357 
TYR CA  C    sing N N 358 
TYR CA  CB   sing N N 359 
TYR CA  HA   sing N N 360 
TYR C   O    doub N N 361 
TYR C   OXT  sing N N 362 
TYR CB  CG   sing N N 363 
TYR CB  HB2  sing N N 364 
TYR CB  HB3  sing N N 365 
TYR CG  CD1  doub Y N 366 
TYR CG  CD2  sing Y N 367 
TYR CD1 CE1  sing Y N 368 
TYR CD1 HD1  sing N N 369 
TYR CD2 CE2  doub Y N 370 
TYR CD2 HD2  sing N N 371 
TYR CE1 CZ   doub Y N 372 
TYR CE1 HE1  sing N N 373 
TYR CE2 CZ   sing Y N 374 
TYR CE2 HE2  sing N N 375 
TYR CZ  OH   sing N N 376 
TYR OH  HH   sing N N 377 
TYR OXT HXT  sing N N 378 
VAL N   CA   sing N N 379 
VAL N   H    sing N N 380 
VAL N   H2   sing N N 381 
VAL CA  C    sing N N 382 
VAL CA  CB   sing N N 383 
VAL CA  HA   sing N N 384 
VAL C   O    doub N N 385 
VAL C   OXT  sing N N 386 
VAL CB  CG1  sing N N 387 
VAL CB  CG2  sing N N 388 
VAL CB  HB   sing N N 389 
VAL CG1 HG11 sing N N 390 
VAL CG1 HG12 sing N N 391 
VAL CG1 HG13 sing N N 392 
VAL CG2 HG21 sing N N 393 
VAL CG2 HG22 sing N N 394 
VAL CG2 HG23 sing N N 395 
VAL OXT HXT  sing N N 396 
# 
_pdbx_initial_refinement_model.id               1 
_pdbx_initial_refinement_model.entity_id_list   ? 
_pdbx_initial_refinement_model.type             'experimental model' 
_pdbx_initial_refinement_model.source_name      PDB 
_pdbx_initial_refinement_model.accession_code   3UMZ 
_pdbx_initial_refinement_model.details          'PDB ENTRY 3UMZ' 
# 
_atom_sites.entry_id                    3UNN 
_atom_sites.fract_transf_matrix[1][1]   0.01888758 
_atom_sites.fract_transf_matrix[1][2]   0.01057409 
_atom_sites.fract_transf_matrix[1][3]   -0.00269823 
_atom_sites.fract_transf_matrix[2][1]   0.01687548 
_atom_sites.fract_transf_matrix[2][2]   -0.01006111 
_atom_sites.fract_transf_matrix[2][3]   -0.00947856 
_atom_sites.fract_transf_matrix[3][1]   -0.00380464 
_atom_sites.fract_transf_matrix[3][2]   0.00398741 
_atom_sites.fract_transf_matrix[3][3]   -0.01100621 
_atom_sites.fract_transf_vector[1]      -0.361673 
_atom_sites.fract_transf_vector[2]      -0.039121 
_atom_sites.fract_transf_vector[3]      0.009581 
# 
loop_
_atom_type.symbol 
C 
N 
O 
P 
S 
# 
loop_
_atom_site.group_PDB 
_atom_site.id 
_atom_site.type_symbol 
_atom_site.label_atom_id 
_atom_site.label_alt_id 
_atom_site.label_comp_id 
_atom_site.label_asym_id 
_atom_site.label_entity_id 
_atom_site.label_seq_id 
_atom_site.pdbx_PDB_ins_code 
_atom_site.Cartn_x 
_atom_site.Cartn_y 
_atom_site.Cartn_z 
_atom_site.occupancy 
_atom_site.B_iso_or_equiv 
_atom_site.pdbx_formal_charge 
_atom_site.auth_seq_id 
_atom_site.auth_comp_id 
_atom_site.auth_asym_id 
_atom_site.auth_atom_id 
_atom_site.pdbx_PDB_model_num 
ATOM   1   N N   . SER A 1 1   ? -8.381  21.824  -3.592  1.00 22.04 ? 26  SER A N   1 
ATOM   2   C CA  . SER A 1 1   ? -8.410  21.203  -4.954  1.00 22.57 ? 26  SER A CA  1 
ATOM   3   C C   . SER A 1 1   ? -9.635  20.294  -5.127  1.00 22.50 ? 26  SER A C   1 
ATOM   4   O O   . SER A 1 1   ? -10.458 20.180  -4.215  1.00 21.90 ? 26  SER A O   1 
ATOM   5   C CB  . SER A 1 1   ? -7.099  20.462  -5.255  1.00 22.82 ? 26  SER A CB  1 
ATOM   6   O OG  . SER A 1 1   ? -6.903  19.357  -4.387  1.00 25.08 ? 26  SER A OG  1 
ATOM   7   N N   . ASN A 1 2   ? -9.735  19.652  -6.291  1.00 22.55 ? 27  ASN A N   1 
ATOM   8   C CA  . ASN A 1 2   ? -10.986 19.028  -6.750  1.00 23.08 ? 27  ASN A CA  1 
ATOM   9   C C   . ASN A 1 2   ? -11.132 17.536  -6.483  1.00 23.64 ? 27  ASN A C   1 
ATOM   10  O O   . ASN A 1 2   ? -12.259 17.040  -6.357  1.00 23.34 ? 27  ASN A O   1 
ATOM   11  C CB  . ASN A 1 2   ? -11.171 19.244  -8.256  1.00 22.78 ? 27  ASN A CB  1 
ATOM   12  C CG  . ASN A 1 2   ? -11.321 20.713  -8.640  1.00 22.95 ? 27  ASN A CG  1 
ATOM   13  O OD1 . ASN A 1 2   ? -11.540 21.024  -9.808  1.00 25.18 ? 27  ASN A OD1 1 
ATOM   14  N ND2 . ASN A 1 2   ? -11.220 21.610  -7.669  1.00 21.17 ? 27  ASN A ND2 1 
ATOM   15  N N   . VAL A 1 3   ? -10.009 16.821  -6.447  1.00 24.30 ? 28  VAL A N   1 
ATOM   16  C CA  . VAL A 1 3   ? -10.039 15.362  -6.326  1.00 24.77 ? 28  VAL A CA  1 
ATOM   17  C C   . VAL A 1 3   ? -10.674 14.940  -5.004  1.00 24.53 ? 28  VAL A C   1 
ATOM   18  O O   . VAL A 1 3   ? -10.371 15.493  -3.947  1.00 24.79 ? 28  VAL A O   1 
ATOM   19  C CB  . VAL A 1 3   ? -8.635  14.723  -6.529  1.00 25.11 ? 28  VAL A CB  1 
ATOM   20  C CG1 . VAL A 1 3   ? -7.686  15.057  -5.374  1.00 25.79 ? 28  VAL A CG1 1 
ATOM   21  C CG2 . VAL A 1 3   ? -8.749  13.216  -6.746  1.00 25.72 ? 28  VAL A CG2 1 
ATOM   22  N N   . GLU A 1 4   ? -11.589 13.981  -5.084  1.00 24.41 ? 29  GLU A N   1 
ATOM   23  C CA  . GLU A 1 4   ? -12.257 13.466  -3.900  1.00 24.22 ? 29  GLU A CA  1 
ATOM   24  C C   . GLU A 1 4   ? -11.738 12.070  -3.613  1.00 23.86 ? 29  GLU A C   1 
ATOM   25  O O   . GLU A 1 4   ? -11.692 11.234  -4.519  1.00 24.07 ? 29  GLU A O   1 
ATOM   26  C CB  . GLU A 1 4   ? -13.769 13.428  -4.106  1.00 24.49 ? 29  GLU A CB  1 
ATOM   27  C CG  . GLU A 1 4   ? -14.380 14.785  -4.365  1.00 25.87 ? 29  GLU A CG  1 
ATOM   28  C CD  . GLU A 1 4   ? -15.887 14.748  -4.354  1.00 27.22 ? 29  GLU A CD  1 
ATOM   29  O OE1 . GLU A 1 4   ? -16.476 15.458  -3.512  1.00 29.31 ? 29  GLU A OE1 1 
ATOM   30  O OE2 . GLU A 1 4   ? -16.479 14.003  -5.169  1.00 28.52 ? 29  GLU A OE2 1 
ATOM   31  N N   . PRO A 1 5   ? -11.321 11.821  -2.360  1.00 23.62 ? 30  PRO A N   1 
ATOM   32  C CA  . PRO A 1 5   ? -10.889 10.486  -1.967  1.00 23.14 ? 30  PRO A CA  1 
ATOM   33  C C   . PRO A 1 5   ? -12.033 9.482   -2.046  1.00 22.70 ? 30  PRO A C   1 
ATOM   34  O O   . PRO A 1 5   ? -13.183 9.820   -1.749  1.00 23.02 ? 30  PRO A O   1 
ATOM   35  C CB  . PRO A 1 5   ? -10.433 10.682  -0.517  1.00 23.46 ? 30  PRO A CB  1 
ATOM   36  C CG  . PRO A 1 5   ? -10.026 12.115  -0.452  1.00 23.71 ? 30  PRO A CG  1 
ATOM   37  C CD  . PRO A 1 5   ? -11.060 12.808  -1.296  1.00 23.65 ? 30  PRO A CD  1 
ATOM   38  N N   . VAL A 1 6   ? -11.711 8.262   -2.470  1.00 21.49 ? 31  VAL A N   1 
ATOM   39  C CA  . VAL A 1 6   ? -12.694 7.184   -2.578  1.00 20.97 ? 31  VAL A CA  1 
ATOM   40  C C   . VAL A 1 6   ? -12.311 6.033   -1.653  1.00 20.51 ? 31  VAL A C   1 
ATOM   41  O O   . VAL A 1 6   ? -13.000 5.018   -1.575  1.00 20.64 ? 31  VAL A O   1 
ATOM   42  C CB  . VAL A 1 6   ? -12.844 6.678   -4.033  1.00 20.95 ? 31  VAL A CB  1 
ATOM   43  C CG1 . VAL A 1 6   ? -13.504 7.740   -4.903  1.00 21.32 ? 31  VAL A CG1 1 
ATOM   44  C CG2 . VAL A 1 6   ? -11.488 6.262   -4.616  1.00 21.32 ? 31  VAL A CG2 1 
ATOM   45  N N   . GLY A 1 7   ? -11.199 6.213   -0.950  1.00 19.96 ? 32  GLY A N   1 
ATOM   46  C CA  . GLY A 1 7   ? -10.714 5.222   -0.005  1.00 19.25 ? 32  GLY A CA  1 
ATOM   47  C C   . GLY A 1 7   ? -9.670  5.814   0.915   1.00 18.89 ? 32  GLY A C   1 
ATOM   48  O O   . GLY A 1 7   ? -9.253  6.965   0.748   1.00 18.90 ? 32  GLY A O   1 
ATOM   49  N N   . ARG A 1 8   ? -9.242  5.011   1.884   1.00 18.47 ? 33  ARG A N   1 
ATOM   50  C CA  . ARG A 1 8   ? -8.248  5.424   2.856   1.00 18.55 ? 33  ARG A CA  1 
ATOM   51  C C   . ARG A 1 8   ? -7.305  4.255   3.119   1.00 17.63 ? 33  ARG A C   1 
ATOM   52  O O   . ARG A 1 8   ? -7.741  3.108   3.216   1.00 18.11 ? 33  ARG A O   1 
ATOM   53  C CB  . ARG A 1 8   ? -8.944  5.863   4.152   1.00 18.84 ? 33  ARG A CB  1 
ATOM   54  C CG  . ARG A 1 8   ? -8.027  6.147   5.330   1.00 21.33 ? 33  ARG A CG  1 
ATOM   55  C CD  . ARG A 1 8   ? -8.786  6.807   6.473   1.00 22.72 ? 33  ARG A CD  1 
ATOM   56  N NE  . ARG A 1 8   ? -9.825  5.951   7.057   1.00 25.25 ? 33  ARG A NE  1 
ATOM   57  C CZ  . ARG A 1 8   ? -9.663  5.199   8.143   1.00 25.06 ? 33  ARG A CZ  1 
ATOM   58  N NH1 . ARG A 1 8   ? -8.498  5.170   8.780   1.00 25.95 ? 33  ARG A NH1 1 
ATOM   59  N NH2 . ARG A 1 8   ? -10.675 4.467   8.596   1.00 25.39 ? 33  ARG A NH2 1 
ATOM   60  N N   . LEU A 1 9   ? -6.010  4.548   3.189   1.00 17.05 ? 34  LEU A N   1 
ATOM   61  C CA  . LEU A 1 9   ? -5.042  3.568   3.658   1.00 16.07 ? 34  LEU A CA  1 
ATOM   62  C C   . LEU A 1 9   ? -4.498  4.016   5.005   1.00 15.53 ? 34  LEU A C   1 
ATOM   63  O O   . LEU A 1 9   ? -3.917  5.094   5.129   1.00 15.38 ? 34  LEU A O   1 
ATOM   64  C CB  . LEU A 1 9   ? -3.910  3.376   2.643   1.00 16.56 ? 34  LEU A CB  1 
ATOM   65  C CG  . LEU A 1 9   ? -3.013  2.155   2.867   1.00 16.42 ? 34  LEU A CG  1 
ATOM   66  C CD1 . LEU A 1 9   ? -3.774  0.832   2.772   1.00 16.89 ? 34  LEU A CD1 1 
ATOM   67  C CD2 . LEU A 1 9   ? -1.865  2.175   1.870   1.00 18.32 ? 34  LEU A CD2 1 
ATOM   68  N N   . HIS A 1 10  ? -4.704  3.185   6.016   1.00 15.02 ? 35  HIS A N   1 
ATOM   69  C CA  . HIS A 1 10  ? -4.222  3.480   7.354   1.00 15.16 ? 35  HIS A CA  1 
ATOM   70  C C   . HIS A 1 10  ? -2.926  2.722   7.596   1.00 14.88 ? 35  HIS A C   1 
ATOM   71  O O   . HIS A 1 10  ? -2.851  1.524   7.341   1.00 14.52 ? 35  HIS A O   1 
ATOM   72  C CB  . HIS A 1 10  ? -5.273  3.082   8.390   1.00 15.34 ? 35  HIS A CB  1 
ATOM   73  C CG  . HIS A 1 10  ? -4.865  3.365   9.803   1.00 15.78 ? 35  HIS A CG  1 
ATOM   74  N ND1 . HIS A 1 10  ? -4.845  4.639   10.330  1.00 17.35 ? 35  HIS A ND1 1 
ATOM   75  C CD2 . HIS A 1 10  ? -4.462  2.538   10.796  1.00 16.87 ? 35  HIS A CD2 1 
ATOM   76  C CE1 . HIS A 1 10  ? -4.445  4.584   11.588  1.00 17.83 ? 35  HIS A CE1 1 
ATOM   77  N NE2 . HIS A 1 10  ? -4.216  3.320   11.897  1.00 16.97 ? 35  HIS A NE2 1 
ATOM   78  N N   . ILE A 1 11  ? -1.902  3.435   8.061   1.00 14.67 ? 36  ILE A N   1 
ATOM   79  C CA  . ILE A 1 11  ? -0.633  2.818   8.425   1.00 15.31 ? 36  ILE A CA  1 
ATOM   80  C C   . ILE A 1 11  ? -0.580  2.816   9.947   1.00 14.73 ? 36  ILE A C   1 
ATOM   81  O O   . ILE A 1 11  ? -0.590  3.876   10.571  1.00 15.12 ? 36  ILE A O   1 
ATOM   82  C CB  . ILE A 1 11  ? 0.589   3.607   7.879   1.00 15.46 ? 36  ILE A CB  1 
ATOM   83  C CG1 . ILE A 1 11  ? 0.348   4.164   6.461   1.00 17.20 ? 36  ILE A CG1 1 
ATOM   84  C CG2 . ILE A 1 11  ? 1.872   2.771   7.989   1.00 17.29 ? 36  ILE A CG2 1 
ATOM   85  C CD1 . ILE A 1 11  ? -0.052  3.152   5.380   1.00 17.23 ? 36  ILE A CD1 1 
ATOM   86  N N   . PHE A 1 12  ? -0.558  1.633   10.551  1.00 14.36 ? 37  PHE A N   1 
ATOM   87  C CA  . PHE A 1 12  ? -0.549  1.547   12.012  1.00 14.17 ? 37  PHE A CA  1 
ATOM   88  C C   . PHE A 1 12  ? 0.729   2.097   12.615  1.00 14.12 ? 37  PHE A C   1 
ATOM   89  O O   . PHE A 1 12  ? 1.797   2.008   12.003  1.00 14.67 ? 37  PHE A O   1 
ATOM   90  C CB  . PHE A 1 12  ? -0.753  0.101   12.474  1.00 13.89 ? 37  PHE A CB  1 
ATOM   91  C CG  . PHE A 1 12  ? -2.112  -0.436  12.156  1.00 13.57 ? 37  PHE A CG  1 
ATOM   92  C CD1 . PHE A 1 12  ? -3.200  -0.153  12.981  1.00 14.05 ? 37  PHE A CD1 1 
ATOM   93  C CD2 . PHE A 1 12  ? -2.313  -1.225  11.029  1.00 14.79 ? 37  PHE A CD2 1 
ATOM   94  C CE1 . PHE A 1 12  ? -4.462  -0.646  12.680  1.00 14.87 ? 37  PHE A CE1 1 
ATOM   95  C CE2 . PHE A 1 12  ? -3.576  -1.712  10.720  1.00 15.46 ? 37  PHE A CE2 1 
ATOM   96  C CZ  . PHE A 1 12  ? -4.647  -1.431  11.553  1.00 14.06 ? 37  PHE A CZ  1 
ATOM   97  N N   . SER A 1 13  ? 0.602   2.671   13.810  1.00 14.24 ? 38  SER A N   1 
ATOM   98  C CA  . SER A 1 13  ? 1.770   3.083   14.584  1.00 14.23 ? 38  SER A CA  1 
ATOM   99  C C   . SER A 1 13  ? 2.518   1.840   15.058  1.00 14.02 ? 38  SER A C   1 
ATOM   100 O O   . SER A 1 13  ? 1.986   0.723   15.020  1.00 14.15 ? 38  SER A O   1 
ATOM   101 C CB  . SER A 1 13  ? 1.375   3.972   15.777  1.00 14.41 ? 38  SER A CB  1 
ATOM   102 O OG  . SER A 1 13  ? 0.695   3.243   16.795  1.00 14.39 ? 38  SER A OG  1 
ATOM   103 N N   . GLY A 1 14  ? 3.752   2.037   15.501  1.00 14.28 ? 39  GLY A N   1 
ATOM   104 C CA  . GLY A 1 14  ? 4.547   0.933   16.021  1.00 14.15 ? 39  GLY A CA  1 
ATOM   105 C C   . GLY A 1 14  ? 5.964   1.378   16.287  1.00 14.32 ? 39  GLY A C   1 
ATOM   106 O O   . GLY A 1 14  ? 6.215   2.550   16.579  1.00 13.66 ? 39  GLY A O   1 
ATOM   107 N N   . ALA A 1 15  ? 6.892   0.434   16.170  1.00 14.80 ? 40  ALA A N   1 
ATOM   108 C CA  . ALA A 1 15  ? 8.291   0.689   16.479  1.00 15.47 ? 40  ALA A CA  1 
ATOM   109 C C   . ALA A 1 15  ? 8.903   1.742   15.554  1.00 15.87 ? 40  ALA A C   1 
ATOM   110 O O   . ALA A 1 15  ? 9.859   2.433   15.918  1.00 16.29 ? 40  ALA A O   1 
ATOM   111 C CB  . ALA A 1 15  ? 9.066   -0.601  16.412  1.00 15.42 ? 40  ALA A CB  1 
ATOM   112 N N   . HIS A 1 16  ? 8.331   1.874   14.360  1.00 16.07 ? 41  HIS A N   1 
ATOM   113 C CA  . HIS A 1 16  ? 8.817   2.800   13.340  1.00 16.46 ? 41  HIS A CA  1 
ATOM   114 C C   . HIS A 1 16  ? 8.327   4.235   13.563  1.00 16.79 ? 41  HIS A C   1 
ATOM   115 O O   . HIS A 1 16  ? 8.783   5.160   12.877  1.00 17.44 ? 41  HIS A O   1 
ATOM   116 C CB  . HIS A 1 16  ? 8.324   2.336   11.973  1.00 16.52 ? 41  HIS A CB  1 
ATOM   117 C CG  . HIS A 1 16  ? 6.837   2.274   11.890  1.00 16.00 ? 41  HIS A CG  1 
ATOM   118 N ND1 . HIS A 1 16  ? 6.107   1.233   12.421  1.00 16.23 ? 41  HIS A ND1 1 
ATOM   119 C CD2 . HIS A 1 16  ? 5.936   3.154   11.395  1.00 15.67 ? 41  HIS A CD2 1 
ATOM   120 C CE1 . HIS A 1 16  ? 4.821   1.463   12.233  1.00 14.48 ? 41  HIS A CE1 1 
ATOM   121 N NE2 . HIS A 1 16  ? 4.690   2.626   11.621  1.00 14.82 ? 41  HIS A NE2 1 
ATOM   122 N N   . GLY A 1 17  ? 7.386   4.417   14.489  1.00 16.84 ? 42  GLY A N   1 
ATOM   123 C CA  . GLY A 1 17  ? 6.803   5.739   14.745  1.00 17.42 ? 42  GLY A CA  1 
ATOM   124 C C   . GLY A 1 17  ? 5.281   5.793   14.706  1.00 17.75 ? 42  GLY A C   1 
ATOM   125 O O   . GLY A 1 17  ? 4.620   4.756   14.795  1.00 16.98 ? 42  GLY A O   1 
ATOM   126 N N   . PRO A 1 18  ? 4.711   7.005   14.565  1.00 18.03 ? 43  PRO A N   1 
ATOM   127 C CA  . PRO A 1 18  ? 3.263   7.157   14.707  1.00 18.33 ? 43  PRO A CA  1 
ATOM   128 C C   . PRO A 1 18  ? 2.443   6.717   13.492  1.00 18.38 ? 43  PRO A C   1 
ATOM   129 O O   . PRO A 1 18  ? 2.990   6.492   12.404  1.00 17.98 ? 43  PRO A O   1 
ATOM   130 C CB  . PRO A 1 18  ? 3.089   8.662   14.968  1.00 18.89 ? 43  PRO A CB  1 
ATOM   131 C CG  . PRO A 1 18  ? 4.256   9.290   14.351  1.00 19.00 ? 43  PRO A CG  1 
ATOM   132 C CD  . PRO A 1 18  ? 5.389   8.306   14.395  1.00 18.61 ? 43  PRO A CD  1 
ATOM   133 N N   . GLU A 1 19  ? 1.138   6.595   13.705  1.00 18.81 ? 44  GLU A N   1 
ATOM   134 C CA  . GLU A 1 19  ? 0.204   6.203   12.653  1.00 19.40 ? 44  GLU A CA  1 
ATOM   135 C C   . GLU A 1 19  ? 0.033   7.300   11.602  1.00 20.15 ? 44  GLU A C   1 
ATOM   136 O O   . GLU A 1 19  ? 0.315   8.480   11.863  1.00 19.84 ? 44  GLU A O   1 
ATOM   137 C CB  . GLU A 1 19  ? -1.157  5.827   13.256  1.00 19.69 ? 44  GLU A CB  1 
ATOM   138 C CG  . GLU A 1 19  ? -1.869  6.970   13.988  1.00 20.37 ? 44  GLU A CG  1 
ATOM   139 C CD  . GLU A 1 19  ? -1.540  7.028   15.475  1.00 22.42 ? 44  GLU A CD  1 
ATOM   140 O OE1 . GLU A 1 19  ? -0.347  6.993   15.854  1.00 23.45 ? 44  GLU A OE1 1 
ATOM   141 O OE2 . GLU A 1 19  ? -2.491  7.128   16.269  1.00 26.31 ? 44  GLU A OE2 1 
ATOM   142 N N   . LYS A 1 20  ? -0.417  6.895   10.415  1.00 20.41 ? 45  LYS A N   1 
ATOM   143 C CA  . LYS A 1 20  ? -0.666  7.820   9.313   1.00 21.35 ? 45  LYS A CA  1 
ATOM   144 C C   . LYS A 1 20  ? -1.879  7.374   8.526   1.00 21.03 ? 45  LYS A C   1 
ATOM   145 O O   . LYS A 1 20  ? -2.154  6.182   8.411   1.00 20.24 ? 45  LYS A O   1 
ATOM   146 C CB  . LYS A 1 20  ? 0.533   7.868   8.364   1.00 21.74 ? 45  LYS A CB  1 
ATOM   147 C CG  . LYS A 1 20  ? 1.739   8.640   8.874   1.00 24.78 ? 45  LYS A CG  1 
ATOM   148 C CD  . LYS A 1 20  ? 3.016   8.058   8.290   1.00 28.66 ? 45  LYS A CD  1 
ATOM   149 C CE  . LYS A 1 20  ? 3.344   6.752   8.986   1.00 30.02 ? 45  LYS A CE  1 
ATOM   150 N NZ  . LYS A 1 20  ? 4.292   5.906   8.231   1.00 31.81 ? 45  LYS A NZ  1 
ATOM   151 N N   . ASP A 1 21  ? -2.600  8.340   7.974   1.00 21.17 ? 46  ASP A N   1 
ATOM   152 C CA  . ASP A 1 21  ? -3.709  8.045   7.081   1.00 21.26 ? 46  ASP A CA  1 
ATOM   153 C C   . ASP A 1 21  ? -3.474  8.711   5.734   1.00 20.87 ? 46  ASP A C   1 
ATOM   154 O O   . ASP A 1 21  ? -3.104  9.883   5.668   1.00 21.47 ? 46  ASP A O   1 
ATOM   155 C CB  . ASP A 1 21  ? -5.029  8.504   7.688   1.00 21.78 ? 46  ASP A CB  1 
ATOM   156 C CG  . ASP A 1 21  ? -5.424  7.677   8.883   1.00 23.21 ? 46  ASP A CG  1 
ATOM   157 O OD1 . ASP A 1 21  ? -5.782  6.497   8.690   1.00 23.36 ? 46  ASP A OD1 1 
ATOM   158 O OD2 . ASP A 1 21  ? -5.356  8.204   10.016  1.00 26.40 ? 46  ASP A OD2 1 
ATOM   159 N N   . PHE A 1 22  ? -3.660  7.946   4.666   1.00 19.85 ? 47  PHE A N   1 
ATOM   160 C CA  . PHE A 1 22  ? -3.487  8.449   3.315   1.00 19.39 ? 47  PHE A CA  1 
ATOM   161 C C   . PHE A 1 22  ? -4.800  8.331   2.557   1.00 19.12 ? 47  PHE A C   1 
ATOM   162 O O   . PHE A 1 22  ? -5.430  7.279   2.584   1.00 18.94 ? 47  PHE A O   1 
ATOM   163 C CB  . PHE A 1 22  ? -2.410  7.648   2.572   1.00 19.19 ? 47  PHE A CB  1 
ATOM   164 C CG  . PHE A 1 22  ? -1.029  7.819   3.123   1.00 19.17 ? 47  PHE A CG  1 
ATOM   165 C CD1 . PHE A 1 22  ? -0.192  8.816   2.633   1.00 20.05 ? 47  PHE A CD1 1 
ATOM   166 C CD2 . PHE A 1 22  ? -0.553  6.968   4.119   1.00 19.19 ? 47  PHE A CD2 1 
ATOM   167 C CE1 . PHE A 1 22  ? 1.104   8.978   3.141   1.00 20.68 ? 47  PHE A CE1 1 
ATOM   168 C CE2 . PHE A 1 22  ? 0.738   7.116   4.625   1.00 19.41 ? 47  PHE A CE2 1 
ATOM   169 C CZ  . PHE A 1 22  ? 1.564   8.127   4.135   1.00 19.94 ? 47  PHE A CZ  1 
ATOM   170 N N   . PRO A 1 23  ? -5.222  9.411   1.878   1.00 19.17 ? 48  PRO A N   1 
ATOM   171 C CA  . PRO A 1 23  ? -6.369  9.294   0.983   1.00 19.10 ? 48  PRO A CA  1 
ATOM   172 C C   . PRO A 1 23  ? -5.987  8.511   -0.264  1.00 18.87 ? 48  PRO A C   1 
ATOM   173 O O   . PRO A 1 23  ? -4.841  8.569   -0.713  1.00 19.00 ? 48  PRO A O   1 
ATOM   174 C CB  . PRO A 1 23  ? -6.676  10.751  0.613   1.00 19.18 ? 48  PRO A CB  1 
ATOM   175 C CG  . PRO A 1 23  ? -5.387  11.463  0.768   1.00 19.64 ? 48  PRO A CG  1 
ATOM   176 C CD  . PRO A 1 23  ? -4.676  10.781  1.907   1.00 19.39 ? 48  PRO A CD  1 
ATOM   177 N N   . LEU A 1 24  ? -6.950  7.772   -0.802  1.00 18.82 ? 49  LEU A N   1 
ATOM   178 C CA  . LEU A 1 24  ? -6.777  7.063   -2.059  1.00 18.77 ? 49  LEU A CA  1 
ATOM   179 C C   . LEU A 1 24  ? -7.757  7.637   -3.064  1.00 19.31 ? 49  LEU A C   1 
ATOM   180 O O   . LEU A 1 24  ? -8.904  7.919   -2.721  1.00 19.51 ? 49  LEU A O   1 
ATOM   181 C CB  . LEU A 1 24  ? -7.025  5.566   -1.877  1.00 18.32 ? 49  LEU A CB  1 
ATOM   182 C CG  . LEU A 1 24  ? -6.055  4.809   -0.959  1.00 18.46 ? 49  LEU A CG  1 
ATOM   183 C CD1 . LEU A 1 24  ? -6.569  3.409   -0.688  1.00 18.19 ? 49  LEU A CD1 1 
ATOM   184 C CD2 . LEU A 1 24  ? -4.652  4.765   -1.554  1.00 19.24 ? 49  LEU A CD2 1 
ATOM   185 N N   . HIS A 1 25  ? -7.294  7.801   -4.298  1.00 20.13 ? 50  HIS A N   1 
ATOM   186 C CA  . HIS A 1 25  ? -8.091  8.424   -5.352  1.00 20.88 ? 50  HIS A CA  1 
ATOM   187 C C   . HIS A 1 25  ? -8.359  7.473   -6.515  1.00 20.92 ? 50  HIS A C   1 
ATOM   188 O O   . HIS A 1 25  ? -7.730  6.414   -6.627  1.00 20.62 ? 50  HIS A O   1 
ATOM   189 C CB  . HIS A 1 25  ? -7.392  9.696   -5.848  1.00 21.58 ? 50  HIS A CB  1 
ATOM   190 C CG  . HIS A 1 25  ? -7.104  10.683  -4.757  1.00 24.33 ? 50  HIS A CG  1 
ATOM   191 N ND1 . HIS A 1 25  ? -8.099  11.356  -4.080  1.00 27.84 ? 50  HIS A ND1 1 
ATOM   192 C CD2 . HIS A 1 25  ? -5.934  11.096  -4.213  1.00 26.90 ? 50  HIS A CD2 1 
ATOM   193 C CE1 . HIS A 1 25  ? -7.554  12.146  -3.170  1.00 27.57 ? 50  HIS A CE1 1 
ATOM   194 N NE2 . HIS A 1 25  ? -6.243  12.006  -3.230  1.00 27.92 ? 50  HIS A NE2 1 
ATOM   195 N N   . LEU A 1 26  ? -9.308  7.849   -7.374  1.00 20.53 ? 51  LEU A N   1 
ATOM   196 C CA  . LEU A 1 26  ? -9.515  7.128   -8.626  1.00 20.72 ? 51  LEU A CA  1 
ATOM   197 C C   . LEU A 1 26  ? -8.225  7.127   -9.439  1.00 20.65 ? 51  LEU A C   1 
ATOM   198 O O   . LEU A 1 26  ? -7.471  8.109   -9.441  1.00 20.80 ? 51  LEU A O   1 
ATOM   199 C CB  . LEU A 1 26  ? -10.659 7.742   -9.446  1.00 20.82 ? 51  LEU A CB  1 
ATOM   200 C CG  . LEU A 1 26  ? -12.082 7.689   -8.882  1.00 21.72 ? 51  LEU A CG  1 
ATOM   201 C CD1 . LEU A 1 26  ? -13.036 8.396   -9.838  1.00 22.91 ? 51  LEU A CD1 1 
ATOM   202 C CD2 . LEU A 1 26  ? -12.542 6.260   -8.631  1.00 21.50 ? 51  LEU A CD2 1 
ATOM   203 N N   . GLY A 1 27  ? -7.970  6.012   -10.110 1.00 20.60 ? 52  GLY A N   1 
ATOM   204 C CA  . GLY A 1 27  ? -6.738  5.831   -10.856 1.00 20.57 ? 52  GLY A CA  1 
ATOM   205 C C   . GLY A 1 27  ? -5.703  5.088   -10.037 1.00 20.73 ? 52  GLY A C   1 
ATOM   206 O O   . GLY A 1 27  ? -6.037  4.312   -9.141  1.00 20.48 ? 52  GLY A O   1 
ATOM   207 N N   . LYS A 1 28  ? -4.440  5.336   -10.350 1.00 20.80 ? 53  LYS A N   1 
ATOM   208 C CA  . LYS A 1 28  ? -3.337  4.606   -9.745  1.00 20.95 ? 53  LYS A CA  1 
ATOM   209 C C   . LYS A 1 28  ? -2.769  5.363   -8.541  1.00 20.52 ? 53  LYS A C   1 
ATOM   210 O O   . LYS A 1 28  ? -2.459  6.555   -8.628  1.00 21.31 ? 53  LYS A O   1 
ATOM   211 C CB  . LYS A 1 28  ? -2.278  4.287   -10.808 1.00 21.32 ? 53  LYS A CB  1 
ATOM   212 C CG  . LYS A 1 28  ? -2.818  3.329   -11.879 1.00 23.47 ? 53  LYS A CG  1 
ATOM   213 C CD  . LYS A 1 28  ? -1.961  3.226   -13.132 1.00 26.77 ? 53  LYS A CD  1 
ATOM   214 C CE  . LYS A 1 28  ? -2.403  2.016   -13.954 1.00 29.16 ? 53  LYS A CE  1 
ATOM   215 N NZ  . LYS A 1 28  ? -1.636  1.839   -15.222 1.00 31.18 ? 53  LYS A NZ  1 
ATOM   216 N N   . ASN A 1 29  ? -2.692  4.665   -7.410  1.00 19.67 ? 54  ASN A N   1 
ATOM   217 C CA  . ASN A 1 29  ? -2.106  5.191   -6.184  1.00 18.87 ? 54  ASN A CA  1 
ATOM   218 C C   . ASN A 1 29  ? -0.865  4.367   -5.893  1.00 18.54 ? 54  ASN A C   1 
ATOM   219 O O   . ASN A 1 29  ? -0.968  3.195   -5.515  1.00 18.48 ? 54  ASN A O   1 
ATOM   220 C CB  . ASN A 1 29  ? -3.071  5.065   -4.995  1.00 18.66 ? 54  ASN A CB  1 
ATOM   221 C CG  . ASN A 1 29  ? -4.414  5.737   -5.235  1.00 18.87 ? 54  ASN A CG  1 
ATOM   222 O OD1 . ASN A 1 29  ? -4.654  6.843   -4.755  1.00 18.48 ? 54  ASN A OD1 1 
ATOM   223 N ND2 . ASN A 1 29  ? -5.308  5.054   -5.942  1.00 19.32 ? 54  ASN A ND2 1 
ATOM   224 N N   . VAL A 1 30  ? 0.310   4.958   -6.093  1.00 18.01 ? 55  VAL A N   1 
ATOM   225 C CA  . VAL A 1 30  ? 1.561   4.238   -5.861  1.00 17.59 ? 55  VAL A CA  1 
ATOM   226 C C   . VAL A 1 30  ? 1.945   4.296   -4.377  1.00 17.22 ? 55  VAL A C   1 
ATOM   227 O O   . VAL A 1 30  ? 1.856   5.347   -3.734  1.00 17.35 ? 55  VAL A O   1 
ATOM   228 C CB  . VAL A 1 30  ? 2.713   4.763   -6.777  1.00 17.76 ? 55  VAL A CB  1 
ATOM   229 C CG1 . VAL A 1 30  ? 4.026   4.039   -6.486  1.00 18.07 ? 55  VAL A CG1 1 
ATOM   230 C CG2 . VAL A 1 30  ? 2.346   4.593   -8.254  1.00 18.04 ? 55  VAL A CG2 1 
ATOM   231 N N   . VAL A 1 31  ? 2.335   3.140   -3.846  1.00 16.67 ? 56  VAL A N   1 
ATOM   232 C CA  . VAL A 1 31  ? 2.814   2.996   -2.485  1.00 16.19 ? 56  VAL A CA  1 
ATOM   233 C C   . VAL A 1 31  ? 4.323   2.794   -2.589  1.00 15.98 ? 56  VAL A C   1 
ATOM   234 O O   . VAL A 1 31  ? 4.787   1.954   -3.355  1.00 15.26 ? 56  VAL A O   1 
ATOM   235 C CB  . VAL A 1 31  ? 2.186   1.750   -1.799  1.00 16.34 ? 56  VAL A CB  1 
ATOM   236 C CG1 . VAL A 1 31  ? 2.701   1.598   -0.375  1.00 16.37 ? 56  VAL A CG1 1 
ATOM   237 C CG2 . VAL A 1 31  ? 0.653   1.839   -1.812  1.00 16.55 ? 56  VAL A CG2 1 
ATOM   238 N N   . GLY A 1 32  ? 5.090   3.574   -1.839  1.00 16.09 ? 57  GLY A N   1 
ATOM   239 C CA  . GLY A 1 32  ? 6.540   3.404   -1.860  1.00 16.60 ? 57  GLY A CA  1 
ATOM   240 C C   . GLY A 1 32  ? 7.280   4.429   -1.038  1.00 17.59 ? 57  GLY A C   1 
ATOM   241 O O   . GLY A 1 32  ? 6.668   5.288   -0.402  1.00 17.19 ? 57  GLY A O   1 
ATOM   242 N N   . ARG A 1 33  ? 8.605   4.329   -1.063  1.00 18.90 ? 58  ARG A N   1 
ATOM   243 C CA  . ARG A 1 33  ? 9.462   5.174   -0.239  1.00 20.83 ? 58  ARG A CA  1 
ATOM   244 C C   . ARG A 1 33  ? 9.731   6.558   -0.851  1.00 22.22 ? 58  ARG A C   1 
ATOM   245 O O   . ARG A 1 33  ? 10.061  7.497   -0.126  1.00 22.91 ? 58  ARG A O   1 
ATOM   246 C CB  . ARG A 1 33  ? 10.766  4.436   0.074   1.00 20.60 ? 58  ARG A CB  1 
ATOM   247 C CG  . ARG A 1 33  ? 11.734  5.190   0.981   1.00 21.74 ? 58  ARG A CG  1 
ATOM   248 C CD  . ARG A 1 33  ? 12.750  4.273   1.629   1.00 23.05 ? 58  ARG A CD  1 
ATOM   249 N NE  . ARG A 1 33  ? 13.111  3.153   0.771   1.00 24.64 ? 58  ARG A NE  1 
ATOM   250 C CZ  . ARG A 1 33  ? 14.165  3.120   -0.042  1.00 25.23 ? 58  ARG A CZ  1 
ATOM   251 N NH1 . ARG A 1 33  ? 15.009  4.143   -0.105  1.00 26.43 ? 58  ARG A NH1 1 
ATOM   252 N NH2 . ARG A 1 33  ? 14.382  2.048   -0.781  1.00 24.58 ? 58  ARG A NH2 1 
ATOM   253 N N   . MET A 1 34  ? 9.583   6.677   -2.171  1.00 24.00 ? 59  MET A N   1 
ATOM   254 C CA  . MET A 1 34  ? 9.776   7.962   -2.860  1.00 25.65 ? 59  MET A CA  1 
ATOM   255 C C   . MET A 1 34  ? 8.766   8.992   -2.344  1.00 26.03 ? 59  MET A C   1 
ATOM   256 O O   . MET A 1 34  ? 7.583   8.682   -2.220  1.00 25.59 ? 59  MET A O   1 
ATOM   257 C CB  . MET A 1 34  ? 9.624   7.798   -4.376  1.00 26.50 ? 59  MET A CB  1 
ATOM   258 C CG  . MET A 1 34  ? 10.595  6.823   -5.043  1.00 29.65 ? 59  MET A CG  1 
ATOM   259 S SD  . MET A 1 34  ? 12.300  7.402   -5.113  1.00 38.23 ? 59  MET A SD  1 
ATOM   260 C CE  . MET A 1 34  ? 12.816  6.684   -6.675  1.00 37.13 ? 59  MET A CE  1 
ATOM   261 N N   . PRO A 1 35  ? 9.228   10.223  -2.033  1.00 26.46 ? 60  PRO A N   1 
ATOM   262 C CA  . PRO A 1 35  ? 8.328   11.255  -1.496  1.00 26.97 ? 60  PRO A CA  1 
ATOM   263 C C   . PRO A 1 35  ? 7.170   11.609  -2.434  1.00 27.38 ? 60  PRO A C   1 
ATOM   264 O O   . PRO A 1 35  ? 6.136   12.100  -1.976  1.00 27.73 ? 60  PRO A O   1 
ATOM   265 C CB  . PRO A 1 35  ? 9.253   12.468  -1.291  1.00 26.92 ? 60  PRO A CB  1 
ATOM   266 C CG  . PRO A 1 35  ? 10.475  12.175  -2.097  1.00 26.94 ? 60  PRO A CG  1 
ATOM   267 C CD  . PRO A 1 35  ? 10.625  10.690  -2.082  1.00 26.80 ? 60  PRO A CD  1 
ATOM   268 N N   . ASP A 1 36  ? 7.346   11.333  -3.724  1.00 27.76 ? 61  ASP A N   1 
ATOM   269 C CA  . ASP A 1 36  ? 6.347   11.627  -4.754  1.00 28.20 ? 61  ASP A CA  1 
ATOM   270 C C   . ASP A 1 36  ? 5.238   10.572  -4.847  1.00 27.61 ? 61  ASP A C   1 
ATOM   271 O O   . ASP A 1 36  ? 4.274   10.743  -5.602  1.00 27.97 ? 61  ASP A O   1 
ATOM   272 C CB  . ASP A 1 36  ? 7.035   11.789  -6.119  1.00 28.93 ? 61  ASP A CB  1 
ATOM   273 C CG  . ASP A 1 36  ? 8.184   10.809  -6.316  1.00 31.13 ? 61  ASP A CG  1 
ATOM   274 O OD1 . ASP A 1 36  ? 9.274   11.027  -5.729  1.00 33.68 ? 61  ASP A OD1 1 
ATOM   275 O OD2 . ASP A 1 36  ? 8.002   9.820   -7.057  1.00 34.72 ? 61  ASP A OD2 1 
ATOM   276 N N   . CYS A 1 37  ? 5.376   9.483   -4.093  1.00 26.78 ? 62  CYS A N   1 
ATOM   277 C CA  . CYS A 1 37  ? 4.349   8.439   -4.064  1.00 25.40 ? 62  CYS A CA  1 
ATOM   278 C C   . CYS A 1 37  ? 3.063   8.951   -3.437  1.00 25.05 ? 62  CYS A C   1 
ATOM   279 O O   . CYS A 1 37  ? 3.094   9.729   -2.479  1.00 24.99 ? 62  CYS A O   1 
ATOM   280 C CB  . CYS A 1 37  ? 4.836   7.218   -3.275  1.00 25.55 ? 62  CYS A CB  1 
ATOM   281 S SG  . CYS A 1 37  ? 6.149   6.286   -4.063  1.00 24.47 ? 62  CYS A SG  1 
ATOM   282 N N   . SER A 1 38  ? 1.935   8.496   -3.974  1.00 24.23 ? 63  SER A N   1 
ATOM   283 C CA  . SER A 1 38  ? 0.620   8.792   -3.415  1.00 23.72 ? 63  SER A CA  1 
ATOM   284 C C   . SER A 1 38  ? 0.594   8.402   -1.945  1.00 22.99 ? 63  SER A C   1 
ATOM   285 O O   . SER A 1 38  ? 0.088   9.141   -1.098  1.00 23.04 ? 63  SER A O   1 
ATOM   286 C CB  . SER A 1 38  ? -0.466  8.022   -4.172  1.00 23.79 ? 63  SER A CB  1 
ATOM   287 O OG  . SER A 1 38  ? -0.288  8.125   -5.577  1.00 26.02 ? 63  SER A OG  1 
ATOM   288 N N   . VAL A 1 39  ? 1.155   7.232   -1.653  1.00 21.72 ? 64  VAL A N   1 
ATOM   289 C CA  . VAL A 1 39  ? 1.304   6.761   -0.289  1.00 20.51 ? 64  VAL A CA  1 
ATOM   290 C C   . VAL A 1 39  ? 2.809   6.644   -0.034  1.00 19.99 ? 64  VAL A C   1 
ATOM   291 O O   . VAL A 1 39  ? 3.430   5.627   -0.352  1.00 19.33 ? 64  VAL A O   1 
ATOM   292 C CB  . VAL A 1 39  ? 0.569   5.414   -0.079  1.00 20.56 ? 64  VAL A CB  1 
ATOM   293 C CG1 . VAL A 1 39  ? 0.713   4.931   1.358   1.00 20.75 ? 64  VAL A CG1 1 
ATOM   294 C CG2 . VAL A 1 39  ? -0.915  5.554   -0.443  1.00 20.24 ? 64  VAL A CG2 1 
ATOM   295 N N   . ALA A 1 40  ? 3.390   7.713   0.504   1.00 19.53 ? 65  ALA A N   1 
ATOM   296 C CA  . ALA A 1 40  ? 4.829   7.761   0.763   1.00 18.86 ? 65  ALA A CA  1 
ATOM   297 C C   . ALA A 1 40  ? 5.142   7.204   2.146   1.00 18.24 ? 65  ALA A C   1 
ATOM   298 O O   . ALA A 1 40  ? 4.660   7.722   3.160   1.00 18.71 ? 65  ALA A O   1 
ATOM   299 C CB  . ALA A 1 40  ? 5.343   9.188   0.631   1.00 19.13 ? 65  ALA A CB  1 
ATOM   300 N N   . LEU A 1 41  ? 5.938   6.135   2.169   1.00 17.96 ? 66  LEU A N   1 
ATOM   301 C CA  . LEU A 1 41  ? 6.324   5.451   3.405   1.00 17.27 ? 66  LEU A CA  1 
ATOM   302 C C   . LEU A 1 41  ? 7.842   5.473   3.538   1.00 17.30 ? 66  LEU A C   1 
ATOM   303 O O   . LEU A 1 41  ? 8.532   4.599   3.001   1.00 16.46 ? 66  LEU A O   1 
ATOM   304 C CB  . LEU A 1 41  ? 5.793   4.011   3.429   1.00 17.25 ? 66  LEU A CB  1 
ATOM   305 C CG  . LEU A 1 41  ? 4.287   3.804   3.218   1.00 16.77 ? 66  LEU A CG  1 
ATOM   306 C CD1 . LEU A 1 41  ? 3.970   2.316   3.117   1.00 16.44 ? 66  LEU A CD1 1 
ATOM   307 C CD2 . LEU A 1 41  ? 3.447   4.462   4.305   1.00 17.19 ? 66  LEU A CD2 1 
ATOM   308 N N   . PRO A 1 42  ? 8.369   6.493   4.240   1.00 17.37 ? 67  PRO A N   1 
ATOM   309 C CA  . PRO A 1 42  ? 9.805   6.771   4.286   1.00 17.37 ? 67  PRO A CA  1 
ATOM   310 C C   . PRO A 1 42  ? 10.567  5.878   5.266   1.00 17.43 ? 67  PRO A C   1 
ATOM   311 O O   . PRO A 1 42  ? 11.143  6.362   6.250   1.00 17.46 ? 67  PRO A O   1 
ATOM   312 C CB  . PRO A 1 42  ? 9.850   8.244   4.713   1.00 17.89 ? 67  PRO A CB  1 
ATOM   313 C CG  . PRO A 1 42  ? 8.657   8.390   5.578   1.00 17.45 ? 67  PRO A CG  1 
ATOM   314 C CD  . PRO A 1 42  ? 7.591   7.533   4.940   1.00 17.58 ? 67  PRO A CD  1 
ATOM   315 N N   . PHE A 1 43  ? 10.568  4.576   4.972   1.00 16.56 ? 68  PHE A N   1 
ATOM   316 C CA  . PHE A 1 43  ? 11.178  3.565   5.840   1.00 16.56 ? 68  PHE A CA  1 
ATOM   317 C C   . PHE A 1 43  ? 12.058  2.633   5.027   1.00 16.06 ? 68  PHE A C   1 
ATOM   318 O O   . PHE A 1 43  ? 11.726  2.297   3.890   1.00 16.47 ? 68  PHE A O   1 
ATOM   319 C CB  . PHE A 1 43  ? 10.106  2.774   6.593   1.00 16.39 ? 68  PHE A CB  1 
ATOM   320 C CG  . PHE A 1 43  ? 9.161   3.641   7.352   1.00 17.18 ? 68  PHE A CG  1 
ATOM   321 C CD1 . PHE A 1 43  ? 9.569   4.259   8.524   1.00 17.98 ? 68  PHE A CD1 1 
ATOM   322 C CD2 . PHE A 1 43  ? 7.885   3.888   6.864   1.00 17.87 ? 68  PHE A CD2 1 
ATOM   323 C CE1 . PHE A 1 43  ? 8.703   5.082   9.221   1.00 19.03 ? 68  PHE A CE1 1 
ATOM   324 C CE2 . PHE A 1 43  ? 7.017   4.711   7.553   1.00 18.93 ? 68  PHE A CE2 1 
ATOM   325 C CZ  . PHE A 1 43  ? 7.429   5.312   8.734   1.00 18.52 ? 68  PHE A CZ  1 
ATOM   326 N N   . PRO A 1 44  ? 13.199  2.219   5.605   1.00 15.97 ? 69  PRO A N   1 
ATOM   327 C CA  . PRO A 1 44  ? 14.258  1.534   4.849   1.00 15.62 ? 69  PRO A CA  1 
ATOM   328 C C   . PRO A 1 44  ? 13.872  0.198   4.208   1.00 15.18 ? 69  PRO A C   1 
ATOM   329 O O   . PRO A 1 44  ? 14.499  -0.211  3.234   1.00 15.60 ? 69  PRO A O   1 
ATOM   330 C CB  . PRO A 1 44  ? 15.366  1.323   5.891   1.00 15.68 ? 69  PRO A CB  1 
ATOM   331 C CG  . PRO A 1 44  ? 14.710  1.546   7.230   1.00 15.55 ? 69  PRO A CG  1 
ATOM   332 C CD  . PRO A 1 44  ? 13.617  2.529   6.984   1.00 15.96 ? 69  PRO A CD  1 
ATOM   333 N N   . SER A 1 45  ? 12.847  -0.464  4.743   1.00 14.44 ? 70  SER A N   1 
ATOM   334 C CA  . SER A 1 45  ? 12.415  -1.768  4.258   1.00 13.80 ? 70  SER A CA  1 
ATOM   335 C C   . SER A 1 45  ? 11.401  -1.668  3.118   1.00 13.66 ? 70  SER A C   1 
ATOM   336 O O   . SER A 1 45  ? 11.060  -2.678  2.507   1.00 13.94 ? 70  SER A O   1 
ATOM   337 C CB  . SER A 1 45  ? 11.782  -2.555  5.410   1.00 13.51 ? 70  SER A CB  1 
ATOM   338 O OG  . SER A 1 45  ? 10.781  -1.780  6.022   1.00 14.34 ? 70  SER A OG  1 
ATOM   339 N N   . ILE A 1 46  ? 10.913  -0.454  2.857   1.00 13.30 ? 71  ILE A N   1 
ATOM   340 C CA  . ILE A 1 46  ? 9.918   -0.207  1.804   1.00 13.45 ? 71  ILE A CA  1 
ATOM   341 C C   . ILE A 1 46  ? 10.634  0.115   0.494   1.00 14.07 ? 71  ILE A C   1 
ATOM   342 O O   . ILE A 1 46  ? 11.554  0.944   0.470   1.00 14.21 ? 71  ILE A O   1 
ATOM   343 C CB  . ILE A 1 46  ? 8.947   0.952   2.193   1.00 13.59 ? 71  ILE A CB  1 
ATOM   344 C CG1 . ILE A 1 46  ? 8.202   0.633   3.504   1.00 13.31 ? 71  ILE A CG1 1 
ATOM   345 C CG2 . ILE A 1 46  ? 7.975   1.295   1.041   1.00 13.50 ? 71  ILE A CG2 1 
ATOM   346 C CD1 . ILE A 1 46  ? 7.209   -0.548  3.423   1.00 12.77 ? 71  ILE A CD1 1 
ATOM   347 N N   . SER A 1 47  ? 10.214  -0.540  -0.589  1.00 14.13 ? 72  SER A N   1 
ATOM   348 C CA  . SER A 1 47  ? 10.798  -0.290  -1.907  1.00 14.58 ? 72  SER A CA  1 
ATOM   349 C C   . SER A 1 47  ? 10.442  1.107   -2.438  1.00 15.11 ? 72  SER A C   1 
ATOM   350 O O   . SER A 1 47  ? 9.415   1.674   -2.074  1.00 14.59 ? 72  SER A O   1 
ATOM   351 C CB  . SER A 1 47  ? 10.383  -1.392  -2.882  1.00 14.37 ? 72  SER A CB  1 
ATOM   352 O OG  . SER A 1 47  ? 11.046  -2.603  -2.561  1.00 14.20 ? 72  SER A OG  1 
ATOM   353 N N   . LYS A 1 48  ? 11.313  1.668   -3.277  1.00 16.07 ? 73  LYS A N   1 
ATOM   354 C CA  . LYS A 1 48  ? 11.074  2.997   -3.857  1.00 17.25 ? 73  LYS A CA  1 
ATOM   355 C C   . LYS A 1 48  ? 9.715   3.048   -4.555  1.00 17.10 ? 73  LYS A C   1 
ATOM   356 O O   . LYS A 1 48  ? 8.953   4.008   -4.388  1.00 17.52 ? 73  LYS A O   1 
ATOM   357 C CB  . LYS A 1 48  ? 12.190  3.361   -4.840  1.00 17.42 ? 73  LYS A CB  1 
ATOM   358 C CG  . LYS A 1 48  ? 13.512  3.688   -4.165  1.00 19.70 ? 73  LYS A CG  1 
ATOM   359 C CD  . LYS A 1 48  ? 14.644  3.923   -5.169  1.00 22.71 ? 73  LYS A CD  1 
ATOM   360 C CE  . LYS A 1 48  ? 15.164  2.626   -5.778  1.00 24.70 ? 73  LYS A CE  1 
ATOM   361 N NZ  . LYS A 1 48  ? 15.792  1.736   -4.758  1.00 26.66 ? 73  LYS A NZ  1 
ATOM   362 N N   . GLN A 1 49  ? 9.439   2.007   -5.342  1.00 17.28 ? 74  GLN A N   1 
ATOM   363 C CA  . GLN A 1 49  ? 8.133   1.769   -5.941  1.00 17.71 ? 74  GLN A CA  1 
ATOM   364 C C   . GLN A 1 49  ? 7.699   0.391   -5.468  1.00 16.41 ? 74  GLN A C   1 
ATOM   365 O O   . GLN A 1 49  ? 8.142   -0.628  -5.999  1.00 17.16 ? 74  GLN A O   1 
ATOM   366 C CB  . GLN A 1 49  ? 8.235   1.817   -7.467  1.00 18.40 ? 74  GLN A CB  1 
ATOM   367 C CG  . GLN A 1 49  ? 6.918   1.687   -8.199  1.00 23.10 ? 74  GLN A CG  1 
ATOM   368 C CD  . GLN A 1 49  ? 7.035   2.138   -9.639  1.00 27.75 ? 74  GLN A CD  1 
ATOM   369 O OE1 . GLN A 1 49  ? 7.317   3.310   -9.912  1.00 30.81 ? 74  GLN A OE1 1 
ATOM   370 N NE2 . GLN A 1 49  ? 6.830   1.209   -10.572 1.00 29.49 ? 74  GLN A NE2 1 
ATOM   371 N N   . HIS A 1 50  ? 6.850   0.358   -4.447  1.00 15.00 ? 75  HIS A N   1 
ATOM   372 C CA  . HIS A 1 50  ? 6.605   -0.897  -3.738  1.00 13.64 ? 75  HIS A CA  1 
ATOM   373 C C   . HIS A 1 50  ? 5.366   -1.630  -4.252  1.00 13.30 ? 75  HIS A C   1 
ATOM   374 O O   . HIS A 1 50  ? 5.413   -2.823  -4.550  1.00 12.60 ? 75  HIS A O   1 
ATOM   375 C CB  . HIS A 1 50  ? 6.502   -0.638  -2.235  1.00 12.86 ? 75  HIS A CB  1 
ATOM   376 C CG  . HIS A 1 50  ? 6.571   -1.881  -1.408  1.00 12.00 ? 75  HIS A CG  1 
ATOM   377 N ND1 . HIS A 1 50  ? 7.656   -2.191  -0.617  1.00 11.19 ? 75  HIS A ND1 1 
ATOM   378 C CD2 . HIS A 1 50  ? 5.695   -2.905  -1.269  1.00 11.86 ? 75  HIS A CD2 1 
ATOM   379 C CE1 . HIS A 1 50  ? 7.439   -3.347  -0.015  1.00 11.75 ? 75  HIS A CE1 1 
ATOM   380 N NE2 . HIS A 1 50  ? 6.257   -3.800  -0.393  1.00 12.04 ? 75  HIS A NE2 1 
ATOM   381 N N   . ALA A 1 51  ? 4.260   -0.901  -4.351  1.00 13.92 ? 76  ALA A N   1 
ATOM   382 C CA  . ALA A 1 51  ? 2.997   -1.491  -4.761  1.00 14.35 ? 76  ALA A CA  1 
ATOM   383 C C   . ALA A 1 51  ? 2.122   -0.416  -5.394  1.00 15.23 ? 76  ALA A C   1 
ATOM   384 O O   . ALA A 1 51  ? 2.462   0.766   -5.365  1.00 15.16 ? 76  ALA A O   1 
ATOM   385 C CB  . ALA A 1 51  ? 2.293   -2.143  -3.563  1.00 14.30 ? 76  ALA A CB  1 
ATOM   386 N N   . GLU A 1 52  ? 0.996   -0.830  -5.963  1.00 15.60 ? 77  GLU A N   1 
ATOM   387 C CA  . GLU A 1 52  ? 0.097   0.088   -6.639  1.00 16.83 ? 77  GLU A CA  1 
ATOM   388 C C   . GLU A 1 52  ? -1.326  -0.325  -6.306  1.00 16.53 ? 77  GLU A C   1 
ATOM   389 O O   . GLU A 1 52  ? -1.667  -1.500  -6.422  1.00 16.52 ? 77  GLU A O   1 
ATOM   390 C CB  . GLU A 1 52  ? 0.345   -0.002  -8.141  1.00 17.50 ? 77  GLU A CB  1 
ATOM   391 C CG  . GLU A 1 52  ? -0.363  1.009   -9.007  1.00 22.02 ? 77  GLU A CG  1 
ATOM   392 C CD  . GLU A 1 52  ? 0.134   0.935   -10.443 1.00 27.34 ? 77  GLU A CD  1 
ATOM   393 O OE1 . GLU A 1 52  ? 0.947   0.037   -10.756 1.00 30.07 ? 77  GLU A OE1 1 
ATOM   394 O OE2 . GLU A 1 52  ? -0.271  1.778   -11.261 1.00 31.22 ? 77  GLU A OE2 1 
ATOM   395 N N   . ILE A 1 53  ? -2.132  0.634   -5.853  1.00 16.64 ? 78  ILE A N   1 
ATOM   396 C CA  . ILE A 1 53  ? -3.567  0.413   -5.650  1.00 16.70 ? 78  ILE A CA  1 
ATOM   397 C C   . ILE A 1 53  ? -4.297  1.182   -6.736  1.00 17.30 ? 78  ILE A C   1 
ATOM   398 O O   . ILE A 1 53  ? -4.268  2.417   -6.756  1.00 17.16 ? 78  ILE A O   1 
ATOM   399 C CB  . ILE A 1 53  ? -4.058  0.875   -4.252  1.00 16.65 ? 78  ILE A CB  1 
ATOM   400 C CG1 . ILE A 1 53  ? -3.325  0.111   -3.141  1.00 16.82 ? 78  ILE A CG1 1 
ATOM   401 C CG2 . ILE A 1 53  ? -5.580  0.694   -4.126  1.00 16.51 ? 78  ILE A CG2 1 
ATOM   402 C CD1 . ILE A 1 53  ? -3.587  0.637   -1.731  1.00 17.80 ? 78  ILE A CD1 1 
ATOM   403 N N   . GLU A 1 54  ? -4.930  0.444   -7.644  1.00 17.84 ? 79  GLU A N   1 
ATOM   404 C CA  . GLU A 1 54  ? -5.670  1.036   -8.749  1.00 19.08 ? 79  GLU A CA  1 
ATOM   405 C C   . GLU A 1 54  ? -7.161  0.986   -8.445  1.00 19.19 ? 79  GLU A C   1 
ATOM   406 O O   . GLU A 1 54  ? -7.719  -0.081  -8.190  1.00 18.63 ? 79  GLU A O   1 
ATOM   407 C CB  . GLU A 1 54  ? -5.366  0.313   -10.059 1.00 19.34 ? 79  GLU A CB  1 
ATOM   408 C CG  . GLU A 1 54  ? -6.021  0.963   -11.276 1.00 22.71 ? 79  GLU A CG  1 
ATOM   409 C CD  . GLU A 1 54  ? -5.636  0.302   -12.587 1.00 26.26 ? 79  GLU A CD  1 
ATOM   410 O OE1 . GLU A 1 54  ? -5.192  -0.871  -12.575 1.00 28.74 ? 79  GLU A OE1 1 
ATOM   411 O OE2 . GLU A 1 54  ? -5.789  0.964   -13.636 1.00 29.40 ? 79  GLU A OE2 1 
ATOM   412 N N   . ILE A 1 55  ? -7.794  2.153   -8.460  1.00 19.86 ? 80  ILE A N   1 
ATOM   413 C CA  . ILE A 1 55  ? -9.220  2.245   -8.169  1.00 20.58 ? 80  ILE A CA  1 
ATOM   414 C C   . ILE A 1 55  ? -9.945  2.769   -9.404  1.00 21.47 ? 80  ILE A C   1 
ATOM   415 O O   . ILE A 1 55  ? -9.705  3.885   -9.849  1.00 21.70 ? 80  ILE A O   1 
ATOM   416 C CB  . ILE A 1 55  ? -9.506  3.117   -6.922  1.00 20.27 ? 80  ILE A CB  1 
ATOM   417 C CG1 . ILE A 1 55  ? -8.644  2.642   -5.739  1.00 19.31 ? 80  ILE A CG1 1 
ATOM   418 C CG2 . ILE A 1 55  ? -11.001 3.079   -6.579  1.00 21.10 ? 80  ILE A CG2 1 
ATOM   419 C CD1 . ILE A 1 55  ? -8.780  3.463   -4.459  1.00 17.38 ? 80  ILE A CD1 1 
ATOM   420 N N   . LEU A 1 56  ? -10.810 1.933   -9.967  1.00 23.02 ? 81  LEU A N   1 
ATOM   421 C CA  . LEU A 1 56  ? -11.522 2.283   -11.193 1.00 24.36 ? 81  LEU A CA  1 
ATOM   422 C C   . LEU A 1 56  ? -12.837 2.994   -10.902 1.00 25.01 ? 81  LEU A C   1 
ATOM   423 O O   . LEU A 1 56  ? -13.279 3.840   -11.678 1.00 25.47 ? 81  LEU A O   1 
ATOM   424 C CB  . LEU A 1 56  ? -11.735 1.042   -12.064 1.00 24.47 ? 81  LEU A CB  1 
ATOM   425 C CG  . LEU A 1 56  ? -10.451 0.444   -12.668 1.00 25.61 ? 81  LEU A CG  1 
ATOM   426 C CD1 . LEU A 1 56  ? -10.677 -0.986  -13.149 1.00 26.69 ? 81  LEU A CD1 1 
ATOM   427 C CD2 . LEU A 1 56  ? -9.897  1.325   -13.796 1.00 27.06 ? 81  LEU A CD2 1 
ATOM   428 N N   . ALA A 1 57  ? -13.452 2.656   -9.775  1.00 25.56 ? 82  ALA A N   1 
ATOM   429 C CA  . ALA A 1 57  ? -14.712 3.273   -9.371  1.00 25.99 ? 82  ALA A CA  1 
ATOM   430 C C   . ALA A 1 57  ? -14.863 3.219   -7.863  1.00 26.42 ? 82  ALA A C   1 
ATOM   431 O O   . ALA A 1 57  ? -14.352 2.302   -7.211  1.00 26.20 ? 82  ALA A O   1 
ATOM   432 C CB  . ALA A 1 57  ? -15.890 2.585   -10.049 1.00 26.22 ? 82  ALA A CB  1 
ATOM   433 N N   . TRP A 1 58  ? -15.576 4.198   -7.318  1.00 27.07 ? 83  TRP A N   1 
ATOM   434 C CA  . TRP A 1 58  ? -15.832 4.266   -5.882  1.00 27.96 ? 83  TRP A CA  1 
ATOM   435 C C   . TRP A 1 58  ? -16.503 2.995   -5.342  1.00 27.65 ? 83  TRP A C   1 
ATOM   436 O O   . TRP A 1 58  ? -16.327 2.651   -4.174  1.00 28.26 ? 83  TRP A O   1 
ATOM   437 C CB  . TRP A 1 58  ? -16.665 5.513   -5.541  1.00 28.49 ? 83  TRP A CB  1 
ATOM   438 C CG  . TRP A 1 58  ? -18.141 5.304   -5.671  1.00 31.31 ? 83  TRP A CG  1 
ATOM   439 C CD1 . TRP A 1 58  ? -18.898 5.464   -6.797  1.00 32.93 ? 83  TRP A CD1 1 
ATOM   440 C CD2 . TRP A 1 58  ? -19.037 4.866   -4.640  1.00 33.58 ? 83  TRP A CD2 1 
ATOM   441 N NE1 . TRP A 1 58  ? -20.215 5.162   -6.527  1.00 34.82 ? 83  TRP A NE1 1 
ATOM   442 C CE2 . TRP A 1 58  ? -20.327 4.790   -5.212  1.00 34.49 ? 83  TRP A CE2 1 
ATOM   443 C CE3 . TRP A 1 58  ? -18.874 4.531   -3.287  1.00 34.57 ? 83  TRP A CE3 1 
ATOM   444 C CZ2 . TRP A 1 58  ? -21.452 4.398   -4.477  1.00 35.21 ? 83  TRP A CZ2 1 
ATOM   445 C CZ3 . TRP A 1 58  ? -19.994 4.139   -2.555  1.00 35.58 ? 83  TRP A CZ3 1 
ATOM   446 C CH2 . TRP A 1 58  ? -21.267 4.076   -3.156  1.00 35.85 ? 83  TRP A CH2 1 
ATOM   447 N N   . ASP A 1 59  ? -17.264 2.305   -6.191  1.00 26.94 ? 84  ASP A N   1 
ATOM   448 C CA  . ASP A 1 59  ? -18.047 1.142   -5.754  1.00 26.44 ? 84  ASP A CA  1 
ATOM   449 C C   . ASP A 1 59  ? -17.576 -0.200  -6.326  1.00 25.33 ? 84  ASP A C   1 
ATOM   450 O O   . ASP A 1 59  ? -18.324 -1.183  -6.330  1.00 25.58 ? 84  ASP A O   1 
ATOM   451 C CB  . ASP A 1 59  ? -19.541 1.357   -6.042  1.00 26.94 ? 84  ASP A CB  1 
ATOM   452 C CG  . ASP A 1 59  ? -19.824 1.732   -7.494  1.00 28.29 ? 84  ASP A CG  1 
ATOM   453 O OD1 . ASP A 1 59  ? -18.887 1.815   -8.321  1.00 29.40 ? 84  ASP A OD1 1 
ATOM   454 O OD2 . ASP A 1 59  ? -21.015 1.943   -7.813  1.00 30.49 ? 84  ASP A OD2 1 
ATOM   455 N N   . LYS A 1 60  ? -16.333 -0.234  -6.796  1.00 23.95 ? 85  LYS A N   1 
ATOM   456 C CA  . LYS A 1 60  ? -15.716 -1.457  -7.306  1.00 22.54 ? 85  LYS A CA  1 
ATOM   457 C C   . LYS A 1 60  ? -14.482 -1.735  -6.460  1.00 21.01 ? 85  LYS A C   1 
ATOM   458 O O   . LYS A 1 60  ? -13.782 -0.802  -6.077  1.00 20.75 ? 85  LYS A O   1 
ATOM   459 C CB  . LYS A 1 60  ? -15.287 -1.276  -8.761  1.00 23.38 ? 85  LYS A CB  1 
ATOM   460 C CG  . LYS A 1 60  ? -16.411 -1.254  -9.797  1.00 25.35 ? 85  LYS A CG  1 
ATOM   461 C CD  . LYS A 1 60  ? -15.870 -0.819  -11.168 1.00 28.46 ? 85  LYS A CD  1 
ATOM   462 C CE  . LYS A 1 60  ? -14.985 -1.882  -11.831 1.00 30.10 ? 85  LYS A CE  1 
ATOM   463 N NZ  . LYS A 1 60  ? -14.596 -1.509  -13.228 1.00 31.44 ? 85  LYS A NZ  1 
ATOM   464 N N   . ALA A 1 61  ? -14.215 -3.010  -6.184  1.00 19.16 ? 86  ALA A N   1 
ATOM   465 C CA  . ALA A 1 61  ? -13.055 -3.396  -5.381  1.00 17.38 ? 86  ALA A CA  1 
ATOM   466 C C   . ALA A 1 61  ? -11.774 -2.921  -6.066  1.00 16.50 ? 86  ALA A C   1 
ATOM   467 O O   . ALA A 1 61  ? -11.582 -3.182  -7.255  1.00 16.12 ? 86  ALA A O   1 
ATOM   468 C CB  . ALA A 1 61  ? -13.016 -4.904  -5.176  1.00 17.45 ? 86  ALA A CB  1 
ATOM   469 N N   . PRO A 1 62  ? -10.902 -2.206  -5.326  1.00 15.65 ? 87  PRO A N   1 
ATOM   470 C CA  . PRO A 1 62  ? -9.622  -1.811  -5.914  1.00 14.91 ? 87  PRO A CA  1 
ATOM   471 C C   . PRO A 1 62  ? -8.777  -3.014  -6.306  1.00 14.54 ? 87  PRO A C   1 
ATOM   472 O O   . PRO A 1 62  ? -9.038  -4.140  -5.869  1.00 14.18 ? 87  PRO A O   1 
ATOM   473 C CB  . PRO A 1 62  ? -8.931  -1.043  -4.777  1.00 14.72 ? 87  PRO A CB  1 
ATOM   474 C CG  . PRO A 1 62  ? -10.049 -0.574  -3.907  1.00 15.47 ? 87  PRO A CG  1 
ATOM   475 C CD  . PRO A 1 62  ? -11.060 -1.676  -3.959  1.00 15.33 ? 87  PRO A CD  1 
ATOM   476 N N   . ILE A 1 63  ? -7.781  -2.752  -7.144  1.00 14.46 ? 88  ILE A N   1 
ATOM   477 C CA  . ILE A 1 63  ? -6.782  -3.734  -7.529  1.00 14.93 ? 88  ILE A CA  1 
ATOM   478 C C   . ILE A 1 63  ? -5.489  -3.352  -6.811  1.00 14.40 ? 88  ILE A C   1 
ATOM   479 O O   . ILE A 1 63  ? -5.000  -2.231  -6.961  1.00 15.39 ? 88  ILE A O   1 
ATOM   480 C CB  . ILE A 1 63  ? -6.562  -3.747  -9.069  1.00 15.19 ? 88  ILE A CB  1 
ATOM   481 C CG1 . ILE A 1 63  ? -7.864  -4.144  -9.784  1.00 16.84 ? 88  ILE A CG1 1 
ATOM   482 C CG2 . ILE A 1 63  ? -5.409  -4.689  -9.457  1.00 16.24 ? 88  ILE A CG2 1 
ATOM   483 C CD1 . ILE A 1 63  ? -7.779  -4.154  -11.312 1.00 19.54 ? 88  ILE A CD1 1 
ATOM   484 N N   . LEU A 1 64  ? -4.960  -4.281  -6.027  1.00 14.04 ? 89  LEU A N   1 
ATOM   485 C CA  . LEU A 1 64  ? -3.627  -4.135  -5.444  1.00 13.82 ? 89  LEU A CA  1 
ATOM   486 C C   . LEU A 1 64  ? -2.635  -4.990  -6.219  1.00 14.02 ? 89  LEU A C   1 
ATOM   487 O O   . LEU A 1 64  ? -2.877  -6.173  -6.449  1.00 14.30 ? 89  LEU A O   1 
ATOM   488 C CB  . LEU A 1 64  ? -3.628  -4.562  -3.974  1.00 13.47 ? 89  LEU A CB  1 
ATOM   489 C CG  . LEU A 1 64  ? -2.263  -4.631  -3.257  1.00 12.98 ? 89  LEU A CG  1 
ATOM   490 C CD1 . LEU A 1 64  ? -1.604  -3.263  -3.208  1.00 13.96 ? 89  LEU A CD1 1 
ATOM   491 C CD2 . LEU A 1 64  ? -2.466  -5.173  -1.852  1.00 13.40 ? 89  LEU A CD2 1 
ATOM   492 N N   . ARG A 1 65  ? -1.517  -4.386  -6.616  1.00 14.75 ? 90  ARG A N   1 
ATOM   493 C CA  . ARG A 1 65  ? -0.435  -5.134  -7.253  1.00 15.32 ? 90  ARG A CA  1 
ATOM   494 C C   . ARG A 1 65  ? 0.871   -4.774  -6.585  1.00 15.23 ? 90  ARG A C   1 
ATOM   495 O O   . ARG A 1 65  ? 1.149   -3.594  -6.359  1.00 15.45 ? 90  ARG A O   1 
ATOM   496 C CB  . ARG A 1 65  ? -0.294  -4.790  -8.735  1.00 15.60 ? 90  ARG A CB  1 
ATOM   497 C CG  . ARG A 1 65  ? -1.550  -4.851  -9.561  1.00 18.16 ? 90  ARG A CG  1 
ATOM   498 C CD  . ARG A 1 65  ? -1.223  -4.408  -10.974 1.00 19.93 ? 90  ARG A CD  1 
ATOM   499 N NE  . ARG A 1 65  ? -2.436  -4.121  -11.726 1.00 24.00 ? 90  ARG A NE  1 
ATOM   500 C CZ  . ARG A 1 65  ? -3.127  -5.027  -12.403 1.00 24.18 ? 90  ARG A CZ  1 
ATOM   501 N NH1 . ARG A 1 65  ? -4.223  -4.656  -13.052 1.00 24.57 ? 90  ARG A NH1 1 
ATOM   502 N NH2 . ARG A 1 65  ? -2.726  -6.292  -12.435 1.00 26.09 ? 90  ARG A NH2 1 
ATOM   503 N N   . ASP A 1 66  ? 1.669   -5.792  -6.285  1.00 15.44 ? 91  ASP A N   1 
ATOM   504 C CA  . ASP A 1 66  ? 3.059   -5.582  -5.900  1.00 15.59 ? 91  ASP A CA  1 
ATOM   505 C C   . ASP A 1 66  ? 3.854   -5.171  -7.148  1.00 16.39 ? 91  ASP A C   1 
ATOM   506 O O   . ASP A 1 66  ? 3.640   -5.725  -8.229  1.00 16.54 ? 91  ASP A O   1 
ATOM   507 C CB  . ASP A 1 66  ? 3.630   -6.871  -5.323  1.00 15.47 ? 91  ASP A CB  1 
ATOM   508 C CG  . ASP A 1 66  ? 5.055   -6.711  -4.860  1.00 15.54 ? 91  ASP A CG  1 
ATOM   509 O OD1 . ASP A 1 66  ? 5.244   -6.408  -3.673  1.00 14.52 ? 91  ASP A OD1 1 
ATOM   510 O OD2 . ASP A 1 66  ? 5.983   -6.863  -5.689  1.00 16.62 ? 91  ASP A OD2 1 
ATOM   511 N N   . CYS A 1 67  ? 4.774   -4.220  -6.987  1.00 16.13 ? 92  CYS A N   1 
ATOM   512 C CA  . CYS A 1 67  ? 5.539   -3.669  -8.117  1.00 17.56 ? 92  CYS A CA  1 
ATOM   513 C C   . CYS A 1 67  ? 6.946   -4.248  -8.234  1.00 17.64 ? 92  CYS A C   1 
ATOM   514 O O   . CYS A 1 67  ? 7.868   -3.557  -8.678  1.00 19.02 ? 92  CYS A O   1 
ATOM   515 C CB  . CYS A 1 67  ? 5.642   -2.150  -7.992  1.00 17.53 ? 92  CYS A CB  1 
ATOM   516 S SG  . CYS A 1 67  ? 4.093   -1.278  -8.181  1.00 21.00 ? 92  CYS A SG  1 
ATOM   517 N N   . GLY A 1 68  ? 7.111   -5.506  -7.844  1.00 16.94 ? 93  GLY A N   1 
ATOM   518 C CA  . GLY A 1 68  ? 8.444   -6.116  -7.769  1.00 16.56 ? 93  GLY A CA  1 
ATOM   519 C C   . GLY A 1 68  ? 9.226   -5.596  -6.573  1.00 15.86 ? 93  GLY A C   1 
ATOM   520 O O   . GLY A 1 68  ? 10.384  -5.181  -6.696  1.00 15.97 ? 93  GLY A O   1 
ATOM   521 N N   . SER A 1 69  ? 8.582   -5.590  -5.408  1.00 15.09 ? 94  SER A N   1 
ATOM   522 C CA  . SER A 1 69  ? 9.227   -5.123  -4.187  1.00 14.66 ? 94  SER A CA  1 
ATOM   523 C C   . SER A 1 69  ? 10.261  -6.132  -3.677  1.00 14.40 ? 94  SER A C   1 
ATOM   524 O O   . SER A 1 69  ? 10.224  -7.319  -4.025  1.00 14.82 ? 94  SER A O   1 
ATOM   525 C CB  . SER A 1 69  ? 8.184   -4.855  -3.098  1.00 13.94 ? 94  SER A CB  1 
ATOM   526 O OG  . SER A 1 69  ? 7.662   -6.076  -2.620  1.00 14.95 ? 94  SER A OG  1 
ATOM   527 N N   . LEU A 1 70  ? 11.189  -5.651  -2.858  1.00 14.01 ? 95  LEU A N   1 
ATOM   528 C CA  . LEU A 1 70  ? 12.215  -6.515  -2.291  1.00 13.77 ? 95  LEU A CA  1 
ATOM   529 C C   . LEU A 1 70  ? 11.656  -7.381  -1.166  1.00 13.48 ? 95  LEU A C   1 
ATOM   530 O O   . LEU A 1 70  ? 11.880  -8.594  -1.127  1.00 13.81 ? 95  LEU A O   1 
ATOM   531 C CB  . LEU A 1 70  ? 13.401  -5.682  -1.794  1.00 13.64 ? 95  LEU A CB  1 
ATOM   532 C CG  . LEU A 1 70  ? 14.525  -6.447  -1.081  1.00 13.89 ? 95  LEU A CG  1 
ATOM   533 C CD1 . LEU A 1 70  ? 15.152  -7.526  -1.985  1.00 14.08 ? 95  LEU A CD1 1 
ATOM   534 C CD2 . LEU A 1 70  ? 15.568  -5.470  -0.586  1.00 13.68 ? 95  LEU A CD2 1 
ATOM   535 N N   . ASN A 1 71  ? 10.915  -6.757  -0.260  1.00 13.01 ? 96  ASN A N   1 
ATOM   536 C CA  . ASN A 1 71  ? 10.443  -7.439  0.942   1.00 13.09 ? 96  ASN A CA  1 
ATOM   537 C C   . ASN A 1 71  ? 8.994   -7.916  0.873   1.00 13.45 ? 96  ASN A C   1 
ATOM   538 O O   . ASN A 1 71  ? 8.456   -8.423  1.861   1.00 13.70 ? 96  ASN A O   1 
ATOM   539 C CB  . ASN A 1 71  ? 10.666  -6.546  2.161   1.00 13.04 ? 96  ASN A CB  1 
ATOM   540 C CG  . ASN A 1 71  ? 12.136  -6.397  2.505   1.00 13.20 ? 96  ASN A CG  1 
ATOM   541 O OD1 . ASN A 1 71  ? 12.881  -7.379  2.528   1.00 13.44 ? 96  ASN A OD1 1 
ATOM   542 N ND2 . ASN A 1 71  ? 12.562  -5.172  2.770   1.00 12.70 ? 96  ASN A ND2 1 
ATOM   543 N N   . GLY A 1 72  ? 8.373   -7.743  -0.289  1.00 13.60 ? 97  GLY A N   1 
ATOM   544 C CA  . GLY A 1 72  ? 7.058   -8.318  -0.538  1.00 13.44 ? 97  GLY A CA  1 
ATOM   545 C C   . GLY A 1 72  ? 5.870   -7.465  -0.143  1.00 13.56 ? 97  GLY A C   1 
ATOM   546 O O   . GLY A 1 72  ? 5.987   -6.480  0.584   1.00 12.92 ? 97  GLY A O   1 
ATOM   547 N N   . THR A 1 73  ? 4.718   -7.868  -0.655  1.00 14.01 ? 98  THR A N   1 
ATOM   548 C CA  . THR A 1 73  ? 3.428   -7.333  -0.241  1.00 14.64 ? 98  THR A CA  1 
ATOM   549 C C   . THR A 1 73  ? 2.591   -8.558  0.099   1.00 15.42 ? 98  THR A C   1 
ATOM   550 O O   . THR A 1 73  ? 2.567   -9.525  -0.667  1.00 14.99 ? 98  THR A O   1 
ATOM   551 C CB  . THR A 1 73  ? 2.761   -6.531  -1.377  1.00 14.38 ? 98  THR A CB  1 
ATOM   552 O OG1 . THR A 1 73  ? 3.613   -5.437  -1.746  1.00 13.71 ? 98  THR A OG1 1 
ATOM   553 C CG2 . THR A 1 73  ? 1.395   -5.984  -0.933  1.00 14.32 ? 98  THR A CG2 1 
ATOM   554 N N   . GLN A 1 74  ? 1.939   -8.530  1.258   1.00 16.91 ? 99  GLN A N   1 
ATOM   555 C CA  . GLN A 1 74  ? 1.159   -9.676  1.722   1.00 18.73 ? 99  GLN A CA  1 
ATOM   556 C C   . GLN A 1 74  ? -0.223  -9.259  2.194   1.00 19.91 ? 99  GLN A C   1 
ATOM   557 O O   . GLN A 1 74  ? -0.427  -8.133  2.651   1.00 18.62 ? 99  GLN A O   1 
ATOM   558 C CB  . GLN A 1 74  ? 1.879   -10.409 2.863   1.00 18.80 ? 99  GLN A CB  1 
ATOM   559 C CG  . GLN A 1 74  ? 3.294   -10.892 2.551   1.00 21.11 ? 99  GLN A CG  1 
ATOM   560 C CD  . GLN A 1 74  ? 3.955   -11.550 3.750   1.00 23.94 ? 99  GLN A CD  1 
ATOM   561 O OE1 . GLN A 1 74  ? 3.409   -12.481 4.343   1.00 26.60 ? 99  GLN A OE1 1 
ATOM   562 N NE2 . GLN A 1 74  ? 5.139   -11.066 4.116   1.00 24.76 ? 99  GLN A NE2 1 
ATOM   563 N N   . ILE A 1 75  ? -1.176  -10.178 2.070   1.00 22.01 ? 100 ILE A N   1 
ATOM   564 C CA  . ILE A 1 75  ? -2.518  -9.985  2.613   1.00 24.51 ? 100 ILE A CA  1 
ATOM   565 C C   . ILE A 1 75  ? -2.678  -10.929 3.795   1.00 26.24 ? 100 ILE A C   1 
ATOM   566 O O   . ILE A 1 75  ? -2.233  -12.075 3.727   1.00 26.63 ? 100 ILE A O   1 
ATOM   567 C CB  . ILE A 1 75  ? -3.613  -10.264 1.547   1.00 24.59 ? 100 ILE A CB  1 
ATOM   568 C CG1 . ILE A 1 75  ? -3.402  -9.391  0.303   1.00 24.94 ? 100 ILE A CG1 1 
ATOM   569 C CG2 . ILE A 1 75  ? -5.023  -10.074 2.128   1.00 25.15 ? 100 ILE A CG2 1 
ATOM   570 C CD1 . ILE A 1 75  ? -3.557  -7.900  0.530   1.00 25.71 ? 100 ILE A CD1 1 
ATOM   571 N N   . LEU A 1 76  ? -3.274  -10.431 4.880   1.00 28.36 ? 101 LEU A N   1 
ATOM   572 C CA  . LEU A 1 76  ? -3.528  -11.236 6.078   1.00 30.67 ? 101 LEU A CA  1 
ATOM   573 C C   . LEU A 1 76  ? -5.006  -11.620 6.167   1.00 32.00 ? 101 LEU A C   1 
ATOM   574 O O   . LEU A 1 76  ? -5.830  -11.112 5.399   1.00 32.50 ? 101 LEU A O   1 
ATOM   575 C CB  . LEU A 1 76  ? -3.075  -10.493 7.346   1.00 30.74 ? 101 LEU A CB  1 
ATOM   576 C CG  . LEU A 1 76  ? -1.616  -10.030 7.440   1.00 31.40 ? 101 LEU A CG  1 
ATOM   577 C CD1 . LEU A 1 76  ? -1.349  -9.338  8.772   1.00 32.92 ? 101 LEU A CD1 1 
ATOM   578 C CD2 . LEU A 1 76  ? -0.644  -11.192 7.247   1.00 32.41 ? 101 LEU A CD2 1 
ATOM   579 N N   . ARG A 1 77  ? -5.335  -12.505 7.111   1.00 33.65 ? 102 ARG A N   1 
ATOM   580 C CA  . ARG A 1 77  ? -6.707  -13.025 7.305   1.00 35.14 ? 102 ARG A CA  1 
ATOM   581 C C   . ARG A 1 77  ? -7.464  -13.361 5.999   1.00 35.88 ? 102 ARG A C   1 
ATOM   582 O O   . ARG A 1 77  ? -8.415  -12.660 5.633   1.00 36.39 ? 102 ARG A O   1 
ATOM   583 C CB  . ARG A 1 77  ? -7.552  -12.121 8.241   1.00 35.41 ? 102 ARG A CB  1 
ATOM   584 C CG  . ARG A 1 77  ? -7.785  -10.673 7.769   1.00 36.58 ? 102 ARG A CG  1 
ATOM   585 C CD  . ARG A 1 77  ? -9.199  -10.146 8.079   1.00 38.05 ? 102 ARG A CD  1 
ATOM   586 N NE  . ARG A 1 77  ? -9.755  -9.399  6.943   1.00 37.96 ? 102 ARG A NE  1 
ATOM   587 C CZ  . ARG A 1 77  ? -10.798 -8.568  6.997   1.00 37.96 ? 102 ARG A CZ  1 
ATOM   588 N NH1 . ARG A 1 77  ? -11.430 -8.335  8.143   1.00 38.06 ? 102 ARG A NH1 1 
ATOM   589 N NH2 . ARG A 1 77  ? -11.210 -7.957  5.891   1.00 37.18 ? 102 ARG A NH2 1 
ATOM   590 N N   . PRO A 1 78  ? -7.049  -14.435 5.289   1.00 36.49 ? 103 PRO A N   1 
ATOM   591 C CA  . PRO A 1 78  ? -5.921  -15.347 5.531   1.00 36.77 ? 103 PRO A CA  1 
ATOM   592 C C   . PRO A 1 78  ? -4.613  -14.885 4.862   1.00 36.95 ? 103 PRO A C   1 
ATOM   593 O O   . PRO A 1 78  ? -4.652  -13.994 4.005   1.00 37.16 ? 103 PRO A O   1 
ATOM   594 C CB  . PRO A 1 78  ? -6.404  -16.663 4.912   1.00 36.91 ? 103 PRO A CB  1 
ATOM   595 C CG  . PRO A 1 78  ? -7.346  -16.257 3.829   1.00 36.72 ? 103 PRO A CG  1 
ATOM   596 C CD  . PRO A 1 78  ? -7.879  -14.883 4.153   1.00 36.58 ? 103 PRO A CD  1 
ATOM   597 N N   . PRO A 1 79  ? -3.463  -15.486 5.248   1.00 36.98 ? 104 PRO A N   1 
ATOM   598 C CA  . PRO A 1 79  ? -2.171  -15.138 4.644   1.00 36.75 ? 104 PRO A CA  1 
ATOM   599 C C   . PRO A 1 79  ? -2.143  -15.373 3.136   1.00 36.36 ? 104 PRO A C   1 
ATOM   600 O O   . PRO A 1 79  ? -2.652  -16.390 2.657   1.00 36.64 ? 104 PRO A O   1 
ATOM   601 C CB  . PRO A 1 79  ? -1.186  -16.083 5.346   1.00 36.83 ? 104 PRO A CB  1 
ATOM   602 C CG  . PRO A 1 79  ? -1.828  -16.393 6.646   1.00 37.00 ? 104 PRO A CG  1 
ATOM   603 C CD  . PRO A 1 79  ? -3.297  -16.458 6.347   1.00 37.10 ? 104 PRO A CD  1 
ATOM   604 N N   . LYS A 1 80  ? -1.568  -14.417 2.407   1.00 35.55 ? 105 LYS A N   1 
ATOM   605 C CA  . LYS A 1 80  ? -1.417  -14.485 0.955   1.00 34.61 ? 105 LYS A CA  1 
ATOM   606 C C   . LYS A 1 80  ? -0.230  -13.620 0.540   1.00 33.65 ? 105 LYS A C   1 
ATOM   607 O O   . LYS A 1 80  ? -0.163  -12.448 0.906   1.00 33.70 ? 105 LYS A O   1 
ATOM   608 C CB  . LYS A 1 80  ? -2.691  -13.995 0.259   1.00 34.82 ? 105 LYS A CB  1 
ATOM   609 C CG  . LYS A 1 80  ? -2.667  -14.101 -1.263  1.00 35.43 ? 105 LYS A CG  1 
ATOM   610 C CD  . LYS A 1 80  ? -3.929  -13.517 -1.887  1.00 36.56 ? 105 LYS A CD  1 
ATOM   611 C CE  . LYS A 1 80  ? -3.881  -13.608 -3.406  1.00 37.36 ? 105 LYS A CE  1 
ATOM   612 N NZ  . LYS A 1 80  ? -5.129  -13.097 -4.046  1.00 38.04 ? 105 LYS A NZ  1 
ATOM   613 N N   . VAL A 1 81  ? 0.704   -14.204 -0.209  1.00 32.32 ? 106 VAL A N   1 
ATOM   614 C CA  . VAL A 1 81  ? 1.875   -13.479 -0.713  1.00 30.82 ? 106 VAL A CA  1 
ATOM   615 C C   . VAL A 1 81  ? 1.633   -13.090 -2.173  1.00 29.61 ? 106 VAL A C   1 
ATOM   616 O O   . VAL A 1 81  ? 1.366   -13.950 -3.013  1.00 29.23 ? 106 VAL A O   1 
ATOM   617 C CB  . VAL A 1 81  ? 3.175   -14.316 -0.594  1.00 31.00 ? 106 VAL A CB  1 
ATOM   618 C CG1 . VAL A 1 81  ? 4.403   -13.443 -0.831  1.00 30.85 ? 106 VAL A CG1 1 
ATOM   619 C CG2 . VAL A 1 81  ? 3.265   -14.987 0.771   1.00 31.44 ? 106 VAL A CG2 1 
ATOM   620 N N   . LEU A 1 82  ? 1.718   -11.795 -2.465  1.00 27.80 ? 107 LEU A N   1 
ATOM   621 C CA  . LEU A 1 82  ? 1.418   -11.290 -3.802  1.00 26.82 ? 107 LEU A CA  1 
ATOM   622 C C   . LEU A 1 82  ? 2.604   -11.420 -4.742  1.00 26.29 ? 107 LEU A C   1 
ATOM   623 O O   . LEU A 1 82  ? 3.712   -11.001 -4.417  1.00 26.41 ? 107 LEU A O   1 
ATOM   624 C CB  . LEU A 1 82  ? 0.969   -9.828  -3.736  1.00 26.66 ? 107 LEU A CB  1 
ATOM   625 C CG  . LEU A 1 82  ? -0.513  -9.526  -3.493  1.00 27.04 ? 107 LEU A CG  1 
ATOM   626 C CD1 . LEU A 1 82  ? -1.084  -10.266 -2.304  1.00 27.55 ? 107 LEU A CD1 1 
ATOM   627 C CD2 . LEU A 1 82  ? -0.717  -8.035  -3.345  1.00 25.74 ? 107 LEU A CD2 1 
ATOM   628 N N   . SER A 1 83  ? 2.363   -12.006 -5.910  1.00 25.55 ? 108 SER A N   1 
ATOM   629 C CA  . SER A 1 83  ? 3.384   -12.115 -6.950  1.00 24.86 ? 108 SER A CA  1 
ATOM   630 C C   . SER A 1 83  ? 3.418   -10.795 -7.720  1.00 23.63 ? 108 SER A C   1 
ATOM   631 O O   . SER A 1 83  ? 2.362   -10.234 -8.004  1.00 23.26 ? 108 SER A O   1 
ATOM   632 C CB  . SER A 1 83  ? 3.037   -13.275 -7.883  1.00 24.93 ? 108 SER A CB  1 
ATOM   633 O OG  . SER A 1 83  ? 4.130   -13.619 -8.715  1.00 27.35 ? 108 SER A OG  1 
ATOM   634 N N   . PRO A 1 84  ? 4.622   -10.287 -8.057  1.00 22.82 ? 109 PRO A N   1 
ATOM   635 C CA  . PRO A 1 84  ? 4.718   -9.003  -8.753  1.00 22.48 ? 109 PRO A CA  1 
ATOM   636 C C   . PRO A 1 84  ? 3.787   -8.899  -9.960  1.00 22.46 ? 109 PRO A C   1 
ATOM   637 O O   . PRO A 1 84  ? 3.738   -9.818  -10.787 1.00 22.47 ? 109 PRO A O   1 
ATOM   638 C CB  . PRO A 1 84  ? 6.184   -8.958  -9.201  1.00 22.50 ? 109 PRO A CB  1 
ATOM   639 C CG  . PRO A 1 84  ? 6.893   -9.737  -8.172  1.00 22.51 ? 109 PRO A CG  1 
ATOM   640 C CD  . PRO A 1 84  ? 5.958   -10.843 -7.760  1.00 22.86 ? 109 PRO A CD  1 
ATOM   641 N N   . GLY A 1 85  ? 3.041   -7.797  -10.023 1.00 22.16 ? 110 GLY A N   1 
ATOM   642 C CA  . GLY A 1 85  ? 2.155   -7.483  -11.146 1.00 22.05 ? 110 GLY A CA  1 
ATOM   643 C C   . GLY A 1 85  ? 0.771   -8.111  -11.118 1.00 22.02 ? 110 GLY A C   1 
ATOM   644 O O   . GLY A 1 85  ? -0.136  -7.632  -11.803 1.00 22.70 ? 110 GLY A O   1 
ATOM   645 N N   . VAL A 1 86  ? 0.607   -9.174  -10.336 1.00 21.87 ? 111 VAL A N   1 
ATOM   646 C CA  . VAL A 1 86  ? -0.643  -9.943  -10.311 1.00 21.67 ? 111 VAL A CA  1 
ATOM   647 C C   . VAL A 1 86  ? -1.727  -9.216  -9.509  1.00 21.51 ? 111 VAL A C   1 
ATOM   648 O O   . VAL A 1 86  ? -1.480  -8.758  -8.393  1.00 21.62 ? 111 VAL A O   1 
ATOM   649 C CB  . VAL A 1 86  ? -0.416  -11.367 -9.757  1.00 21.67 ? 111 VAL A CB  1 
ATOM   650 C CG1 . VAL A 1 86  ? -1.727  -12.155 -9.721  1.00 22.59 ? 111 VAL A CG1 1 
ATOM   651 C CG2 . VAL A 1 86  ? 0.620   -12.098 -10.606 1.00 21.95 ? 111 VAL A CG2 1 
ATOM   652 N N   . SER A 1 87  ? -2.922  -9.117  -10.091 1.00 20.90 ? 112 SER A N   1 
ATOM   653 C CA  . SER A 1 87  ? -4.039  -8.410  -9.468  1.00 20.68 ? 112 SER A CA  1 
ATOM   654 C C   . SER A 1 87  ? -4.578  -9.125  -8.228  1.00 19.74 ? 112 SER A C   1 
ATOM   655 O O   . SER A 1 87  ? -4.897  -10.321 -8.264  1.00 19.89 ? 112 SER A O   1 
ATOM   656 C CB  . SER A 1 87  ? -5.168  -8.198  -10.486 1.00 20.65 ? 112 SER A CB  1 
ATOM   657 O OG  . SER A 1 87  ? -6.372  -7.790  -9.847  1.00 23.70 ? 112 SER A OG  1 
ATOM   658 N N   . HIS A 1 88  ? -4.669  -8.378  -7.132  1.00 18.64 ? 113 HIS A N   1 
ATOM   659 C CA  . HIS A 1 88  ? -5.384  -8.809  -5.944  1.00 17.95 ? 113 HIS A CA  1 
ATOM   660 C C   . HIS A 1 88  ? -6.510  -7.814  -5.695  1.00 16.92 ? 113 HIS A C   1 
ATOM   661 O O   . HIS A 1 88  ? -6.274  -6.618  -5.658  1.00 16.64 ? 113 HIS A O   1 
ATOM   662 C CB  . HIS A 1 88  ? -4.463  -8.844  -4.722  1.00 18.57 ? 113 HIS A CB  1 
ATOM   663 C CG  . HIS A 1 88  ? -5.194  -9.074  -3.437  1.00 19.56 ? 113 HIS A CG  1 
ATOM   664 N ND1 . HIS A 1 88  ? -5.627  -10.322 -3.042  1.00 22.44 ? 113 HIS A ND1 1 
ATOM   665 C CD2 . HIS A 1 88  ? -5.597  -8.213  -2.473  1.00 21.77 ? 113 HIS A CD2 1 
ATOM   666 C CE1 . HIS A 1 88  ? -6.255  -10.222 -1.884  1.00 22.76 ? 113 HIS A CE1 1 
ATOM   667 N NE2 . HIS A 1 88  ? -6.251  -8.953  -1.517  1.00 22.48 ? 113 HIS A NE2 1 
ATOM   668 N N   . ARG A 1 89  ? -7.734  -8.301  -5.516  1.00 16.35 ? 114 ARG A N   1 
ATOM   669 C CA  . ARG A 1 89  ? -8.856  -7.398  -5.287  1.00 15.79 ? 114 ARG A CA  1 
ATOM   670 C C   . ARG A 1 89  ? -9.046  -7.125  -3.801  1.00 15.65 ? 114 ARG A C   1 
ATOM   671 O O   . ARG A 1 89  ? -9.171  -8.055  -3.008  1.00 16.55 ? 114 ARG A O   1 
ATOM   672 C CB  . ARG A 1 89  ? -10.141 -7.952  -5.919  1.00 15.83 ? 114 ARG A CB  1 
ATOM   673 C CG  . ARG A 1 89  ? -10.021 -8.251  -7.415  1.00 15.70 ? 114 ARG A CG  1 
ATOM   674 C CD  . ARG A 1 89  ? -9.612  -7.023  -8.240  1.00 15.67 ? 114 ARG A CD  1 
ATOM   675 N NE  . ARG A 1 89  ? -10.655 -6.001  -8.274  1.00 15.71 ? 114 ARG A NE  1 
ATOM   676 C CZ  . ARG A 1 89  ? -11.723 -6.051  -9.072  1.00 16.04 ? 114 ARG A CZ  1 
ATOM   677 N NH1 . ARG A 1 89  ? -12.623 -5.084  -9.033  1.00 16.42 ? 114 ARG A NH1 1 
ATOM   678 N NH2 . ARG A 1 89  ? -11.898 -7.068  -9.904  1.00 14.95 ? 114 ARG A NH2 1 
ATOM   679 N N   . LEU A 1 90  ? -9.057  -5.846  -3.437  1.00 15.20 ? 115 LEU A N   1 
ATOM   680 C CA  . LEU A 1 90  ? -9.120  -5.433  -2.039  1.00 15.32 ? 115 LEU A CA  1 
ATOM   681 C C   . LEU A 1 90  ? -10.548 -5.368  -1.537  1.00 15.68 ? 115 LEU A C   1 
ATOM   682 O O   . LEU A 1 90  ? -11.408 -4.756  -2.164  1.00 16.41 ? 115 LEU A O   1 
ATOM   683 C CB  . LEU A 1 90  ? -8.479  -4.059  -1.847  1.00 15.56 ? 115 LEU A CB  1 
ATOM   684 C CG  . LEU A 1 90  ? -6.955  -3.974  -1.916  1.00 14.31 ? 115 LEU A CG  1 
ATOM   685 C CD1 . LEU A 1 90  ? -6.510  -2.531  -1.784  1.00 16.68 ? 115 LEU A CD1 1 
ATOM   686 C CD2 . LEU A 1 90  ? -6.311  -4.841  -0.835  1.00 15.15 ? 115 LEU A CD2 1 
ATOM   687 N N   . ARG A 1 91  ? -10.778 -5.993  -0.390  1.00 16.04 ? 116 ARG A N   1 
ATOM   688 C CA  . ARG A 1 91  ? -12.042 -5.872  0.313   1.00 16.58 ? 116 ARG A CA  1 
ATOM   689 C C   . ARG A 1 91  ? -11.946 -4.787  1.374   1.00 16.93 ? 116 ARG A C   1 
ATOM   690 O O   . ARG A 1 91  ? -10.854 -4.449  1.845   1.00 17.01 ? 116 ARG A O   1 
ATOM   691 C CB  . ARG A 1 91  ? -12.420 -7.213  0.955   1.00 16.14 ? 116 ARG A CB  1 
ATOM   692 C CG  . ARG A 1 91  ? -11.495 -7.654  2.092   1.00 17.82 ? 116 ARG A CG  1 
ATOM   693 C CD  . ARG A 1 91  ? -11.614 -9.147  2.313   1.00 19.79 ? 116 ARG A CD  1 
ATOM   694 N NE  . ARG A 1 91  ? -11.201 -9.883  1.121   1.00 21.29 ? 116 ARG A NE  1 
ATOM   695 C CZ  . ARG A 1 91  ? -11.733 -11.031 0.714   1.00 21.01 ? 116 ARG A CZ  1 
ATOM   696 N NH1 . ARG A 1 91  ? -12.730 -11.590 1.395   1.00 21.74 ? 116 ARG A NH1 1 
ATOM   697 N NH2 . ARG A 1 91  ? -11.279 -11.615 -0.387  1.00 20.41 ? 116 ARG A NH2 1 
ATOM   698 N N   . ASP A 1 92  ? -13.093 -4.233  1.748   1.00 17.50 ? 117 ASP A N   1 
ATOM   699 C CA  . ASP A 1 92  ? -13.140 -3.272  2.842   1.00 18.29 ? 117 ASP A CA  1 
ATOM   700 C C   . ASP A 1 92  ? -12.520 -3.864  4.114   1.00 17.86 ? 117 ASP A C   1 
ATOM   701 O O   . ASP A 1 92  ? -12.810 -5.006  4.475   1.00 18.23 ? 117 ASP A O   1 
ATOM   702 C CB  . ASP A 1 92  ? -14.585 -2.839  3.099   1.00 18.82 ? 117 ASP A CB  1 
ATOM   703 C CG  . ASP A 1 92  ? -14.686 -1.687  4.079   1.00 21.00 ? 117 ASP A CG  1 
ATOM   704 O OD1 . ASP A 1 92  ? -13.828 -0.772  4.046   1.00 22.52 ? 117 ASP A OD1 1 
ATOM   705 O OD2 . ASP A 1 92  ? -15.633 -1.701  4.894   1.00 24.48 ? 117 ASP A OD2 1 
ATOM   706 N N   . GLN A 1 93  ? -11.648 -3.080  4.759   1.00 18.01 ? 118 GLN A N   1 
ATOM   707 C CA  . GLN A 1 93  ? -10.934 -3.451  6.001   1.00 17.81 ? 118 GLN A CA  1 
ATOM   708 C C   . GLN A 1 93  ? -9.794  -4.471  5.813   1.00 16.95 ? 118 GLN A C   1 
ATOM   709 O O   . GLN A 1 93  ? -9.272  -5.015  6.785   1.00 16.64 ? 118 GLN A O   1 
ATOM   710 C CB  . GLN A 1 93  ? -11.899 -3.880  7.121   1.00 18.36 ? 118 GLN A CB  1 
ATOM   711 C CG  . GLN A 1 93  ? -12.911 -2.805  7.486   1.00 20.84 ? 118 GLN A CG  1 
ATOM   712 C CD  . GLN A 1 93  ? -13.755 -3.160  8.699   1.00 24.07 ? 118 GLN A CD  1 
ATOM   713 O OE1 . GLN A 1 93  ? -13.405 -4.035  9.492   1.00 26.70 ? 118 GLN A OE1 1 
ATOM   714 N NE2 . GLN A 1 93  ? -14.872 -2.466  8.851   1.00 25.96 ? 118 GLN A NE2 1 
ATOM   715 N N   . GLU A 1 94  ? -9.414  -4.711  4.559   1.00 16.25 ? 119 GLU A N   1 
ATOM   716 C CA  . GLU A 1 94  ? -8.306  -5.596  4.232   1.00 15.96 ? 119 GLU A CA  1 
ATOM   717 C C   . GLU A 1 94  ? -7.058  -5.189  5.000   1.00 15.33 ? 119 GLU A C   1 
ATOM   718 O O   . GLU A 1 94  ? -6.705  -4.012  5.017   1.00 15.40 ? 119 GLU A O   1 
ATOM   719 C CB  . GLU A 1 94  ? -7.977  -5.512  2.745   1.00 16.08 ? 119 GLU A CB  1 
ATOM   720 C CG  . GLU A 1 94  ? -7.046  -6.603  2.283   1.00 18.50 ? 119 GLU A CG  1 
ATOM   721 C CD  . GLU A 1 94  ? -7.812  -7.797  1.813   1.00 20.91 ? 119 GLU A CD  1 
ATOM   722 O OE1 . GLU A 1 94  ? -7.949  -8.772  2.592   1.00 23.36 ? 119 GLU A OE1 1 
ATOM   723 O OE2 . GLU A 1 94  ? -8.326  -7.730  0.683   1.00 21.36 ? 119 GLU A OE2 1 
ATOM   724 N N   . LEU A 1 95  ? -6.417  -6.163  5.639   1.00 14.75 ? 120 LEU A N   1 
ATOM   725 C CA  . LEU A 1 95  ? -5.119  -5.937  6.273   1.00 14.50 ? 120 LEU A CA  1 
ATOM   726 C C   . LEU A 1 95  ? -4.022  -6.284  5.283   1.00 13.97 ? 120 LEU A C   1 
ATOM   727 O O   . LEU A 1 95  ? -4.050  -7.349  4.660   1.00 14.38 ? 120 LEU A O   1 
ATOM   728 C CB  . LEU A 1 95  ? -4.981  -6.759  7.556   1.00 14.73 ? 120 LEU A CB  1 
ATOM   729 C CG  . LEU A 1 95  ? -5.832  -6.309  8.748   1.00 16.07 ? 120 LEU A CG  1 
ATOM   730 C CD1 . LEU A 1 95  ? -5.702  -7.325  9.874   1.00 18.55 ? 120 LEU A CD1 1 
ATOM   731 C CD2 . LEU A 1 95  ? -5.458  -4.905  9.224   1.00 16.78 ? 120 LEU A CD2 1 
ATOM   732 N N   . ILE A 1 96  ? -3.060  -5.373  5.131   1.00 13.43 ? 121 ILE A N   1 
ATOM   733 C CA  . ILE A 1 96  ? -2.004  -5.528  4.135   1.00 13.11 ? 121 ILE A CA  1 
ATOM   734 C C   . ILE A 1 96  ? -0.662  -5.310  4.809   1.00 12.42 ? 121 ILE A C   1 
ATOM   735 O O   . ILE A 1 96  ? -0.529  -4.420  5.652   1.00 12.48 ? 121 ILE A O   1 
ATOM   736 C CB  . ILE A 1 96  ? -2.141  -4.502  2.966   1.00 13.19 ? 121 ILE A CB  1 
ATOM   737 C CG1 . ILE A 1 96  ? -3.547  -4.531  2.348   1.00 13.76 ? 121 ILE A CG1 1 
ATOM   738 C CG2 . ILE A 1 96  ? -1.060  -4.736  1.890   1.00 13.52 ? 121 ILE A CG2 1 
ATOM   739 C CD1 . ILE A 1 96  ? -3.908  -3.234  1.592   1.00 15.12 ? 121 ILE A CD1 1 
ATOM   740 N N   . LEU A 1 97  ? 0.323   -6.132  4.453   1.00 12.54 ? 122 LEU A N   1 
ATOM   741 C CA  . LEU A 1 97  ? 1.700   -5.861  4.842   1.00 12.95 ? 122 LEU A CA  1 
ATOM   742 C C   . LEU A 1 97  ? 2.468   -5.380  3.618   1.00 12.55 ? 122 LEU A C   1 
ATOM   743 O O   . LEU A 1 97  ? 2.474   -6.055  2.592   1.00 13.45 ? 122 LEU A O   1 
ATOM   744 C CB  . LEU A 1 97  ? 2.377   -7.119  5.392   1.00 13.36 ? 122 LEU A CB  1 
ATOM   745 C CG  . LEU A 1 97  ? 2.115   -7.590  6.820   1.00 15.62 ? 122 LEU A CG  1 
ATOM   746 C CD1 . LEU A 1 97  ? 2.773   -8.953  6.966   1.00 17.16 ? 122 LEU A CD1 1 
ATOM   747 C CD2 . LEU A 1 97  ? 2.697   -6.611  7.823   1.00 16.09 ? 122 LEU A CD2 1 
ATOM   748 N N   . PHE A 1 98  ? 3.085   -4.204  3.721   1.00 11.96 ? 123 PHE A N   1 
ATOM   749 C CA  . PHE A 1 98  ? 4.092   -3.787  2.748   1.00 11.86 ? 123 PHE A CA  1 
ATOM   750 C C   . PHE A 1 98  ? 5.407   -3.966  3.483   1.00 11.60 ? 123 PHE A C   1 
ATOM   751 O O   . PHE A 1 98  ? 5.649   -3.288  4.475   1.00 11.58 ? 123 PHE A O   1 
ATOM   752 C CB  . PHE A 1 98  ? 3.906   -2.326  2.317   1.00 11.72 ? 123 PHE A CB  1 
ATOM   753 C CG  . PHE A 1 98  ? 2.580   -2.047  1.644   1.00 12.20 ? 123 PHE A CG  1 
ATOM   754 C CD1 . PHE A 1 98  ? 2.288   -2.598  0.399   1.00 12.64 ? 123 PHE A CD1 1 
ATOM   755 C CD2 . PHE A 1 98  ? 1.638   -1.226  2.251   1.00 13.18 ? 123 PHE A CD2 1 
ATOM   756 C CE1 . PHE A 1 98  ? 1.061   -2.345  -0.227  1.00 13.25 ? 123 PHE A CE1 1 
ATOM   757 C CE2 . PHE A 1 98  ? 0.407   -0.964  1.629   1.00 14.58 ? 123 PHE A CE2 1 
ATOM   758 C CZ  . PHE A 1 98  ? 0.129   -1.521  0.393   1.00 14.01 ? 123 PHE A CZ  1 
ATOM   759 N N   . ALA A 1 99  ? 6.237   -4.898  3.018   1.00 11.63 ? 124 ALA A N   1 
ATOM   760 C CA  . ALA A 1 99  ? 7.392   -5.339  3.799   1.00 12.34 ? 124 ALA A CA  1 
ATOM   761 C C   . ALA A 1 99  ? 6.920   -5.749  5.206   1.00 12.80 ? 124 ALA A C   1 
ATOM   762 O O   . ALA A 1 99  ? 6.073   -6.641  5.338   1.00 13.03 ? 124 ALA A O   1 
ATOM   763 C CB  . ALA A 1 99  ? 8.469   -4.240  3.845   1.00 12.25 ? 124 ALA A CB  1 
ATOM   764 N N   . ASP A 1 100 ? 7.433   -5.090  6.242   1.00 12.71 ? 125 ASP A N   1 
ATOM   765 C CA  . ASP A 1 100 ? 7.037   -5.387  7.632   1.00 13.33 ? 125 ASP A CA  1 
ATOM   766 C C   . ASP A 1 100 ? 5.972   -4.437  8.180   1.00 13.54 ? 125 ASP A C   1 
ATOM   767 O O   . ASP A 1 100 ? 5.584   -4.552  9.353   1.00 14.37 ? 125 ASP A O   1 
ATOM   768 C CB  . ASP A 1 100 ? 8.267   -5.344  8.549   1.00 13.60 ? 125 ASP A CB  1 
ATOM   769 C CG  . ASP A 1 100 ? 8.966   -3.999  8.516   1.00 14.73 ? 125 ASP A CG  1 
ATOM   770 O OD1 . ASP A 1 100 ? 9.243   -3.436  9.591   1.00 16.90 ? 125 ASP A OD1 1 
ATOM   771 O OD2 . ASP A 1 100 ? 9.215   -3.484  7.411   1.00 16.76 ? 125 ASP A OD2 1 
ATOM   772 N N   . LEU A 1 101 ? 5.526   -3.490  7.356   1.00 12.99 ? 126 LEU A N   1 
ATOM   773 C CA  . LEU A 1 101 ? 4.580   -2.466  7.795   1.00 12.99 ? 126 LEU A CA  1 
ATOM   774 C C   . LEU A 1 101 ? 3.123   -2.878  7.613   1.00 12.87 ? 126 LEU A C   1 
ATOM   775 O O   . LEU A 1 101 ? 2.650   -3.076  6.484   1.00 12.76 ? 126 LEU A O   1 
ATOM   776 C CB  . LEU A 1 101 ? 4.846   -1.133  7.088   1.00 13.67 ? 126 LEU A CB  1 
ATOM   777 C CG  . LEU A 1 101 ? 6.017   -0.269  7.547   1.00 15.44 ? 126 LEU A CG  1 
ATOM   778 C CD1 . LEU A 1 101 ? 5.984   1.015   6.741   1.00 17.72 ? 126 LEU A CD1 1 
ATOM   779 C CD2 . LEU A 1 101 ? 5.940   0.029   9.051   1.00 16.72 ? 126 LEU A CD2 1 
ATOM   780 N N   . LEU A 1 102 ? 2.413   -2.989  8.739   1.00 12.74 ? 127 LEU A N   1 
ATOM   781 C CA  . LEU A 1 102 ? 0.985   -3.309  8.722   1.00 13.26 ? 127 LEU A CA  1 
ATOM   782 C C   . LEU A 1 102 ? 0.125   -2.101  8.360   1.00 12.64 ? 127 LEU A C   1 
ATOM   783 O O   . LEU A 1 102 ? 0.300   -0.997  8.906   1.00 13.15 ? 127 LEU A O   1 
ATOM   784 C CB  . LEU A 1 102 ? 0.536   -3.894  10.070  1.00 13.04 ? 127 LEU A CB  1 
ATOM   785 C CG  . LEU A 1 102 ? -0.885  -4.461  10.079  1.00 15.53 ? 127 LEU A CG  1 
ATOM   786 C CD1 . LEU A 1 102 ? -1.008  -5.676  9.152   1.00 16.61 ? 127 LEU A CD1 1 
ATOM   787 C CD2 . LEU A 1 102 ? -1.317  -4.805  11.498  1.00 16.68 ? 127 LEU A CD2 1 
ATOM   788 N N   . CYS A 1 103 ? -0.789  -2.323  7.414   1.00 12.64 ? 128 CYS A N   1 
ATOM   789 C CA  . CYS A 1 103 ? -1.679  -1.287  6.905   1.00 12.86 ? 128 CYS A CA  1 
ATOM   790 C C   . CYS A 1 103 ? -3.099  -1.835  6.794   1.00 12.55 ? 128 CYS A C   1 
ATOM   791 O O   . CYS A 1 103 ? -3.306  -3.052  6.808   1.00 12.20 ? 128 CYS A O   1 
ATOM   792 C CB  . CYS A 1 103 ? -1.208  -0.793  5.532   1.00 12.88 ? 128 CYS A CB  1 
ATOM   793 S SG  . CYS A 1 103 ? 0.491   -0.182  5.512   1.00 15.10 ? 128 CYS A SG  1 
ATOM   794 N N   . GLN A 1 104 ? -4.075  -0.938  6.691   1.00 12.72 ? 129 GLN A N   1 
ATOM   795 C CA  . GLN A 1 104 ? -5.463  -1.353  6.514   1.00 13.38 ? 129 GLN A CA  1 
ATOM   796 C C   . GLN A 1 104 ? -6.158  -0.455  5.502   1.00 13.44 ? 129 GLN A C   1 
ATOM   797 O O   . GLN A 1 104 ? -6.057  0.778   5.580   1.00 13.36 ? 129 GLN A O   1 
ATOM   798 C CB  . GLN A 1 104 ? -6.218  -1.346  7.850   1.00 13.62 ? 129 GLN A CB  1 
ATOM   799 C CG  . GLN A 1 104 ? -7.604  -1.977  7.753   1.00 15.22 ? 129 GLN A CG  1 
ATOM   800 C CD  . GLN A 1 104 ? -8.158  -2.388  9.106   1.00 17.46 ? 129 GLN A CD  1 
ATOM   801 O OE1 . GLN A 1 104 ? -8.814  -3.432  9.240   1.00 20.50 ? 129 GLN A OE1 1 
ATOM   802 N NE2 . GLN A 1 104 ? -7.891  -1.579  10.116  1.00 15.51 ? 129 GLN A NE2 1 
ATOM   803 N N   . TYR A 1 105 ? -6.849  -1.076  4.549   1.00 14.01 ? 130 TYR A N   1 
ATOM   804 C CA  . TYR A 1 105 ? -7.591  -0.344  3.527   1.00 14.81 ? 130 TYR A CA  1 
ATOM   805 C C   . TYR A 1 105 ? -9.047  -0.154  3.963   1.00 15.71 ? 130 TYR A C   1 
ATOM   806 O O   . TYR A 1 105 ? -9.673  -1.089  4.463   1.00 15.46 ? 130 TYR A O   1 
ATOM   807 C CB  . TYR A 1 105 ? -7.522  -1.073  2.169   1.00 14.74 ? 130 TYR A CB  1 
ATOM   808 C CG  . TYR A 1 105 ? -8.648  -0.669  1.238   1.00 14.72 ? 130 TYR A CG  1 
ATOM   809 C CD1 . TYR A 1 105 ? -8.605  0.539   0.539   1.00 14.87 ? 130 TYR A CD1 1 
ATOM   810 C CD2 . TYR A 1 105 ? -9.771  -1.482  1.089   1.00 15.70 ? 130 TYR A CD2 1 
ATOM   811 C CE1 . TYR A 1 105 ? -9.660  0.924   -0.296  1.00 15.01 ? 130 TYR A CE1 1 
ATOM   812 C CE2 . TYR A 1 105 ? -10.823 -1.110  0.267   1.00 16.23 ? 130 TYR A CE2 1 
ATOM   813 C CZ  . TYR A 1 105 ? -10.761 0.089   -0.421  1.00 15.92 ? 130 TYR A CZ  1 
ATOM   814 O OH  . TYR A 1 105 ? -11.804 0.446   -1.239  1.00 17.91 ? 130 TYR A OH  1 
ATOM   815 N N   . HIS A 1 106 ? -9.566  1.056   3.768   1.00 17.17 ? 131 HIS A N   1 
ATOM   816 C CA  . HIS A 1 106 ? -10.961 1.375   4.083   1.00 19.26 ? 131 HIS A CA  1 
ATOM   817 C C   . HIS A 1 106 ? -11.674 2.007   2.897   1.00 20.87 ? 131 HIS A C   1 
ATOM   818 O O   . HIS A 1 106 ? -11.165 2.945   2.289   1.00 20.77 ? 131 HIS A O   1 
ATOM   819 C CB  . HIS A 1 106 ? -11.044 2.349   5.262   1.00 19.04 ? 131 HIS A CB  1 
ATOM   820 C CG  . HIS A 1 106 ? -10.431 1.830   6.519   1.00 18.92 ? 131 HIS A CG  1 
ATOM   821 N ND1 . HIS A 1 106 ? -11.147 1.119   7.457   1.00 18.69 ? 131 HIS A ND1 1 
ATOM   822 C CD2 . HIS A 1 106 ? -9.164  1.906   6.988   1.00 18.50 ? 131 HIS A CD2 1 
ATOM   823 C CE1 . HIS A 1 106 ? -10.346 0.786   8.455   1.00 19.47 ? 131 HIS A CE1 1 
ATOM   824 N NE2 . HIS A 1 106 ? -9.137  1.251   8.193   1.00 18.26 ? 131 HIS A NE2 1 
ATOM   825 N N   . ARG A 1 107 ? -12.851 1.475   2.579   1.00 23.55 ? 132 ARG A N   1 
ATOM   826 C CA  . ARG A 1 107 ? -13.803 2.142   1.692   1.00 26.41 ? 132 ARG A CA  1 
ATOM   827 C C   . ARG A 1 107 ? -14.353 3.394   2.369   1.00 27.44 ? 132 ARG A C   1 
ATOM   828 O O   . ARG A 1 107 ? -14.542 3.409   3.582   1.00 28.00 ? 132 ARG A O   1 
ATOM   829 C CB  . ARG A 1 107 ? -14.971 1.203   1.385   1.00 26.96 ? 132 ARG A CB  1 
ATOM   830 C CG  . ARG A 1 107 ? -14.878 0.509   0.058   1.00 30.41 ? 132 ARG A CG  1 
ATOM   831 C CD  . ARG A 1 107 ? -15.654 1.256   -1.032  1.00 35.14 ? 132 ARG A CD  1 
ATOM   832 N NE  . ARG A 1 107 ? -16.944 0.625   -1.297  1.00 38.53 ? 132 ARG A NE  1 
ATOM   833 C CZ  . ARG A 1 107 ? -18.132 1.177   -1.053  1.00 40.38 ? 132 ARG A CZ  1 
ATOM   834 N NH1 . ARG A 1 107 ? -19.243 0.502   -1.338  1.00 41.05 ? 132 ARG A NH1 1 
ATOM   835 N NH2 . ARG A 1 107 ? -18.220 2.399   -0.536  1.00 41.46 ? 132 ARG A NH2 1 
ATOM   836 N N   . LEU A 1 108 ? -14.604 4.441   1.587   1.00 29.07 ? 133 LEU A N   1 
ATOM   837 C CA  . LEU A 1 108 ? -15.286 5.630   2.105   1.00 30.30 ? 133 LEU A CA  1 
ATOM   838 C C   . LEU A 1 108 ? -16.735 5.650   1.620   1.00 30.82 ? 133 LEU A C   1 
ATOM   839 O O   . LEU A 1 108 ? -17.533 4.774   1.972   1.00 31.66 ? 133 LEU A O   1 
ATOM   840 C CB  . LEU A 1 108 ? -14.570 6.919   1.687   1.00 30.57 ? 133 LEU A CB  1 
ATOM   841 C CG  . LEU A 1 108 ? -13.142 7.220   2.162   1.00 31.37 ? 133 LEU A CG  1 
ATOM   842 C CD1 . LEU A 1 108 ? -12.710 8.593   1.663   1.00 32.76 ? 133 LEU A CD1 1 
ATOM   843 C CD2 . LEU A 1 108 ? -13.007 7.142   3.679   1.00 32.21 ? 133 LEU A CD2 1 
ATOM   844 N N   . MET B 2 1   ? 17.634  7.939   -4.012  1.00 37.00 ? 1   MET B N   1 
ATOM   845 C CA  . MET B 2 1   ? 17.496  7.271   -2.681  1.00 36.81 ? 1   MET B CA  1 
ATOM   846 C C   . MET B 2 1   ? 18.306  5.979   -2.626  1.00 36.01 ? 1   MET B C   1 
ATOM   847 O O   . MET B 2 1   ? 18.547  5.343   -3.659  1.00 36.29 ? 1   MET B O   1 
ATOM   848 C CB  . MET B 2 1   ? 16.025  6.972   -2.376  1.00 37.26 ? 1   MET B CB  1 
ATOM   849 C CG  . MET B 2 1   ? 15.099  8.173   -2.461  1.00 38.88 ? 1   MET B CG  1 
ATOM   850 S SD  . MET B 2 1   ? 13.480  7.839   -1.737  1.00 42.99 ? 1   MET B SD  1 
ATOM   851 C CE  . MET B 2 1   ? 13.804  8.198   -0.009  1.00 42.20 ? 1   MET B CE  1 
ATOM   852 N N   . GLU B 2 2   ? 18.715  5.590   -1.420  1.00 34.88 ? 2   GLU B N   1 
ATOM   853 C CA  . GLU B 2 2   ? 19.488  4.364   -1.221  1.00 33.50 ? 2   GLU B CA  1 
ATOM   854 C C   . GLU B 2 2   ? 18.668  3.103   -1.526  1.00 31.73 ? 2   GLU B C   1 
ATOM   855 O O   . GLU B 2 2   ? 17.429  3.153   -1.591  1.00 31.90 ? 2   GLU B O   1 
ATOM   856 C CB  . GLU B 2 2   ? 20.073  4.302   0.201   1.00 34.19 ? 2   GLU B CB  1 
ATOM   857 C CG  . GLU B 2 2   ? 19.040  4.198   1.331   1.00 36.26 ? 2   GLU B CG  1 
ATOM   858 C CD  . GLU B 2 2   ? 19.641  3.744   2.665   1.00 39.40 ? 2   GLU B CD  1 
ATOM   859 O OE1 . GLU B 2 2   ? 18.952  2.993   3.401   1.00 40.33 ? 2   GLU B OE1 1 
ATOM   860 O OE2 . GLU B 2 2   ? 20.790  4.135   2.986   1.00 40.52 ? 2   GLU B OE2 1 
ATOM   861 N N   . ASP B 2 3   ? 19.372  1.989   -1.718  1.00 29.00 ? 3   ASP B N   1 
ATOM   862 C CA  . ASP B 2 3   ? 18.752  0.684   -1.948  1.00 26.57 ? 3   ASP B CA  1 
ATOM   863 C C   . ASP B 2 3   ? 17.827  0.302   -0.804  1.00 24.41 ? 3   ASP B C   1 
ATOM   864 O O   . ASP B 2 3   ? 18.043  0.694   0.345   1.00 23.60 ? 3   ASP B O   1 
ATOM   865 C CB  . ASP B 2 3   ? 19.817  -0.406  -2.100  1.00 26.98 ? 3   ASP B CB  1 
ATOM   866 C CG  . ASP B 2 3   ? 20.594  -0.303  -3.404  1.00 28.07 ? 3   ASP B CG  1 
ATOM   867 O OD1 . ASP B 2 3   ? 20.129  0.371   -4.351  1.00 30.55 ? 3   ASP B OD1 1 
ATOM   868 O OD2 . ASP B 2 3   ? 21.677  -0.914  -3.480  1.00 29.54 ? 3   ASP B OD2 1 
HETATM 869 N N   . TPO B 2 4   ? 16.793  -0.462  -1.136  1.00 22.03 ? 4   TPO B N   1 
HETATM 870 C CA  . TPO B 2 4   ? 15.884  -0.994  -0.129  1.00 19.79 ? 4   TPO B CA  1 
HETATM 871 C CB  . TPO B 2 4   ? 14.680  -1.621  -0.824  1.00 19.40 ? 4   TPO B CB  1 
HETATM 872 C CG2 . TPO B 2 4   ? 13.577  -1.989  0.171   1.00 18.56 ? 4   TPO B CG2 1 
HETATM 873 O OG1 . TPO B 2 4   ? 14.161  -0.696  -1.779  1.00 18.78 ? 4   TPO B OG1 1 
HETATM 874 P P   . TPO B 2 4   ? 14.199  -1.001  -3.367  1.00 18.26 ? 4   TPO B P   1 
HETATM 875 O O1P . TPO B 2 4   ? 15.680  -1.177  -3.674  1.00 20.78 ? 4   TPO B O1P 1 
HETATM 876 O O2P . TPO B 2 4   ? 13.580  0.232   -3.963  1.00 18.53 ? 4   TPO B O2P 1 
HETATM 877 O O3P . TPO B 2 4   ? 13.456  -2.296  -3.572  1.00 19.04 ? 4   TPO B O3P 1 
HETATM 878 C C   . TPO B 2 4   ? 16.610  -2.003  0.709   1.00 18.84 ? 4   TPO B C   1 
HETATM 879 O O   . TPO B 2 4   ? 17.383  -2.817  0.196   1.00 18.95 ? 4   TPO B O   1 
ATOM   880 N N   . GLN B 2 5   ? 16.366  -1.964  2.016   1.00 17.72 ? 5   GLN B N   1 
ATOM   881 C CA  . GLN B 2 5   ? 17.033  -2.869  2.941   1.00 16.88 ? 5   GLN B CA  1 
ATOM   882 C C   . GLN B 2 5   ? 16.255  -4.170  3.111   1.00 16.12 ? 5   GLN B C   1 
ATOM   883 O O   . GLN B 2 5   ? 15.097  -4.157  3.532   1.00 15.74 ? 5   GLN B O   1 
ATOM   884 C CB  . GLN B 2 5   ? 17.238  -2.187  4.296   1.00 17.21 ? 5   GLN B CB  1 
ATOM   885 C CG  . GLN B 2 5   ? 18.019  -0.866  4.199   1.00 17.54 ? 5   GLN B CG  1 
ATOM   886 C CD  . GLN B 2 5   ? 19.430  -1.080  3.685   1.00 19.65 ? 5   GLN B CD  1 
ATOM   887 O OE1 . GLN B 2 5   ? 20.204  -1.816  4.285   1.00 19.61 ? 5   GLN B OE1 1 
ATOM   888 N NE2 . GLN B 2 5   ? 19.756  -0.465  2.556   1.00 20.83 ? 5   GLN B NE2 1 
ATOM   889 N N   . ALA B 2 6   ? 16.893  -5.290  2.782   1.00 15.24 ? 6   ALA B N   1 
ATOM   890 C CA  . ALA B 2 6   ? 16.265  -6.600  2.944   1.00 14.83 ? 6   ALA B CA  1 
ATOM   891 C C   . ALA B 2 6   ? 16.011  -6.880  4.421   1.00 14.91 ? 6   ALA B C   1 
ATOM   892 O O   . ALA B 2 6   ? 16.808  -6.498  5.278   1.00 14.92 ? 6   ALA B O   1 
ATOM   893 C CB  . ALA B 2 6   ? 17.137  -7.687  2.339   1.00 15.35 ? 6   ALA B CB  1 
ATOM   894 N N   . ILE B 2 7   ? 14.891  -7.530  4.720   1.00 14.38 ? 7   ILE B N   1 
ATOM   895 C CA  . ILE B 2 7   ? 14.617  -7.954  6.089   1.00 14.46 ? 7   ILE B CA  1 
ATOM   896 C C   . ILE B 2 7   ? 15.471  -9.177  6.428   1.00 15.12 ? 7   ILE B C   1 
ATOM   897 O O   . ILE B 2 7   ? 15.351  -10.231 5.797   1.00 15.44 ? 7   ILE B O   1 
ATOM   898 C CB  . ILE B 2 7   ? 13.109  -8.218  6.323   1.00 14.39 ? 7   ILE B CB  1 
ATOM   899 C CG1 . ILE B 2 7   ? 12.344  -6.882  6.301   1.00 14.64 ? 7   ILE B CG1 1 
ATOM   900 C CG2 . ILE B 2 7   ? 12.883  -8.947  7.663   1.00 13.43 ? 7   ILE B CG2 1 
ATOM   901 C CD1 . ILE B 2 7   ? 10.841  -7.016  6.108   1.00 15.99 ? 7   ILE B CD1 1 
ATOM   902 N N   . ASP B 2 8   ? 16.359  -9.004  7.404   1.00 15.40 ? 8   ASP B N   1 
ATOM   903 C CA  . ASP B 2 8   ? 17.244  -10.077 7.849   1.00 16.01 ? 8   ASP B CA  1 
ATOM   904 C C   . ASP B 2 8   ? 17.104  -10.282 9.336   1.00 16.31 ? 8   ASP B C   1 
ATOM   905 O O   . ASP B 2 8   ? 16.728  -9.352  10.046  1.00 16.25 ? 8   ASP B O   1 
ATOM   906 C CB  . ASP B 2 8   ? 18.695  -9.746  7.522   1.00 16.40 ? 8   ASP B CB  1 
ATOM   907 C CG  . ASP B 2 8   ? 18.972  -9.781  6.037   1.00 17.10 ? 8   ASP B CG  1 
ATOM   908 O OD1 . ASP B 2 8   ? 19.327  -8.721  5.484   1.00 18.58 ? 8   ASP B OD1 1 
ATOM   909 O OD2 . ASP B 2 8   ? 18.812  -10.866 5.430   1.00 17.72 ? 8   ASP B OD2 1 
ATOM   910 O OXT . ASP B 2 8   ? 17.379  -11.376 9.828   1.00 17.21 ? 8   ASP B OXT 1 
HETATM 911 O O   . HOH C 3 .   ? -7.964  -11.205 -5.732  1.00 23.58 ? 1   HOH A O   1 
HETATM 912 O O   . HOH C 3 .   ? -3.873  7.265   -12.484 1.00 32.02 ? 2   HOH A O   1 
HETATM 913 O O   . HOH C 3 .   ? 2.578   2.448   18.584  1.00 16.71 ? 3   HOH A O   1 
HETATM 914 O O   . HOH C 3 .   ? 4.430   -12.423 -11.135 1.00 30.26 ? 5   HOH A O   1 
HETATM 915 O O   . HOH C 3 .   ? -7.302  0.970   10.093  1.00 20.59 ? 7   HOH A O   1 
HETATM 916 O O   . HOH C 3 .   ? -14.736 -6.927  3.987   1.00 28.64 ? 8   HOH A O   1 
HETATM 917 O O   . HOH C 3 .   ? 12.771  -10.204 2.358   1.00 27.80 ? 9   HOH A O   1 
HETATM 918 O O   . HOH C 3 .   ? 9.554   9.697   1.321   1.00 38.45 ? 10  HOH A O   1 
HETATM 919 O O   . HOH C 3 .   ? 11.398  -10.745 -2.959  1.00 27.60 ? 11  HOH A O   1 
HETATM 920 O O   . HOH C 3 .   ? -16.004 13.708  -7.803  1.00 32.51 ? 12  HOH A O   1 
HETATM 921 O O   . HOH C 3 .   ? -8.410  -1.925  12.843  1.00 40.49 ? 13  HOH A O   1 
HETATM 922 O O   . HOH C 3 .   ? 2.676   4.454   10.703  1.00 25.73 ? 14  HOH A O   1 
HETATM 923 O O   . HOH C 3 .   ? 4.799   10.086  4.249   1.00 32.25 ? 15  HOH A O   1 
HETATM 924 O O   . HOH C 3 .   ? -11.431 -2.070  -9.819  1.00 30.47 ? 16  HOH A O   1 
HETATM 925 O O   . HOH C 3 .   ? 11.904  10.564  1.954   1.00 46.64 ? 18  HOH A O   1 
HETATM 926 O O   . HOH C 3 .   ? 14.313  5.332   4.842   1.00 34.47 ? 19  HOH A O   1 
HETATM 927 O O   . HOH C 3 .   ? 8.000   16.453  -1.570  1.00 42.46 ? 20  HOH A O   1 
HETATM 928 O O   . HOH C 3 .   ? 6.619   15.365  0.436   1.00 46.10 ? 21  HOH A O   1 
HETATM 929 O O   . HOH C 3 .   ? -8.179  4.034   11.624  1.00 34.63 ? 22  HOH A O   1 
HETATM 930 O O   . HOH C 3 .   ? -13.963 -3.665  -1.993  1.00 22.17 ? 23  HOH A O   1 
HETATM 931 O O   . HOH C 3 .   ? -17.975 -2.955  4.574   1.00 28.30 ? 24  HOH A O   1 
HETATM 932 O O   . HOH C 3 .   ? 2.470   0.058   10.232  1.00 19.11 ? 25  HOH A O   1 
HETATM 933 O O   . HOH C 3 .   ? 5.328   -9.778  -2.882  1.00 19.50 ? 139 HOH A O   1 
HETATM 934 O O   . HOH C 3 .   ? -9.140  -9.475  -0.791  1.00 28.77 ? 140 HOH A O   1 
HETATM 935 O O   . HOH C 3 .   ? 1.142   -4.266  14.728  1.00 35.17 ? 141 HOH A O   1 
HETATM 936 O O   . HOH C 3 .   ? 7.613   -9.340  6.627   1.00 39.64 ? 142 HOH A O   1 
HETATM 937 O O   . HOH C 3 .   ? 5.920   -8.621  3.130   1.00 18.35 ? 143 HOH A O   1 
HETATM 938 O O   . HOH C 3 .   ? 10.541  -3.897  -0.022  1.00 14.20 ? 144 HOH A O   1 
HETATM 939 O O   . HOH C 3 .   ? -14.259 18.629  -5.360  1.00 28.91 ? 145 HOH A O   1 
HETATM 940 O O   . HOH C 3 .   ? -22.349 -0.366  -8.906  1.00 51.16 ? 146 HOH A O   1 
HETATM 941 O O   . HOH C 3 .   ? 2.213   10.460  0.268   1.00 29.80 ? 147 HOH A O   1 
HETATM 942 O O   . HOH C 3 .   ? -13.753 3.779   8.231   1.00 39.30 ? 148 HOH A O   1 
HETATM 943 O O   . HOH C 3 .   ? -6.800  3.425   -13.705 1.00 39.35 ? 149 HOH A O   1 
HETATM 944 O O   . HOH C 3 .   ? -0.249  -13.343 -6.393  1.00 30.36 ? 150 HOH A O   1 
HETATM 945 O O   . HOH C 3 .   ? -5.237  17.894  -6.419  1.00 41.43 ? 151 HOH A O   1 
HETATM 946 O O   . HOH C 3 .   ? 7.828   7.542   11.707  1.00 37.85 ? 152 HOH A O   1 
HETATM 947 O O   . HOH C 3 .   ? -13.799 0.309   6.695   1.00 30.34 ? 153 HOH A O   1 
HETATM 948 O O   . HOH C 3 .   ? -12.106 12.955  -7.757  1.00 32.74 ? 154 HOH A O   1 
HETATM 949 O O   . HOH C 3 .   ? -3.840  -12.224 -6.512  1.00 36.68 ? 155 HOH A O   1 
HETATM 950 O O   . HOH C 3 .   ? -11.432 -0.457  11.252  1.00 41.82 ? 156 HOH A O   1 
HETATM 951 O O   . HOH C 3 .   ? 13.308  7.495   3.542   1.00 41.03 ? 157 HOH A O   1 
HETATM 952 O O   . HOH C 3 .   ? 7.516   11.289  2.700   1.00 44.29 ? 158 HOH A O   1 
HETATM 953 O O   . HOH C 3 .   ? 4.726   4.143   18.355  1.00 18.43 ? 159 HOH A O   1 
HETATM 954 O O   . HOH C 3 .   ? 9.237   -3.656  12.164  1.00 23.12 ? 160 HOH A O   1 
HETATM 955 O O   . HOH C 3 .   ? -7.388  -8.793  5.421   1.00 27.04 ? 161 HOH A O   1 
HETATM 956 O O   . HOH C 3 .   ? -10.680 10.212  -6.728  1.00 29.32 ? 162 HOH A O   1 
HETATM 957 O O   . HOH C 3 .   ? -12.003 0.042   -8.354  1.00 25.04 ? 163 HOH A O   1 
HETATM 958 O O   . HOH C 3 .   ? 5.091   6.987   18.180  1.00 18.77 ? 164 HOH A O   1 
HETATM 959 O O   . HOH C 3 .   ? 0.750   -8.329  -7.018  1.00 16.96 ? 165 HOH A O   1 
HETATM 960 O O   . HOH C 3 .   ? -11.871 2.625   -2.647  1.00 25.52 ? 166 HOH A O   1 
HETATM 961 O O   . HOH C 3 .   ? -13.577 1.413   -4.416  1.00 25.66 ? 167 HOH A O   1 
HETATM 962 O O   . HOH C 3 .   ? 5.307   7.149   11.105  1.00 29.08 ? 168 HOH A O   1 
HETATM 963 O O   . HOH C 3 .   ? 7.717   -8.812  -4.560  1.00 27.98 ? 169 HOH A O   1 
HETATM 964 O O   . HOH C 3 .   ? -3.378  8.374   -2.872  1.00 40.19 ? 170 HOH A O   1 
HETATM 965 O O   . HOH C 3 .   ? 6.198   12.691  0.696   1.00 36.28 ? 171 HOH A O   1 
HETATM 966 O O   . HOH C 3 .   ? 2.298   -1.855  13.910  1.00 20.85 ? 172 HOH A O   1 
HETATM 967 O O   . HOH C 3 .   ? 3.516   -2.078  11.403  1.00 18.37 ? 173 HOH A O   1 
HETATM 968 O O   . HOH C 3 .   ? -4.942  8.771   -7.776  1.00 44.10 ? 174 HOH A O   1 
HETATM 969 O O   . HOH C 3 .   ? -5.999  -13.423 1.824   1.00 34.11 ? 175 HOH A O   1 
HETATM 970 O O   . HOH C 3 .   ? -13.859 -1.113  -2.150  1.00 31.21 ? 176 HOH A O   1 
HETATM 971 O O   . HOH C 3 .   ? -18.211 -1.988  -12.610 1.00 38.50 ? 177 HOH A O   1 
HETATM 972 O O   . HOH C 3 .   ? -7.487  14.245  -1.101  1.00 36.67 ? 178 HOH A O   1 
HETATM 973 O O   . HOH C 3 .   ? -14.885 2.634   5.933   1.00 45.67 ? 179 HOH A O   1 
HETATM 974 O O   . HOH D 3 .   ? 15.313  -10.796 3.127   1.00 22.97 ? 9   HOH B O   1 
HETATM 975 O O   . HOH D 3 .   ? 11.721  0.113   -6.069  1.00 19.43 ? 10  HOH B O   1 
HETATM 976 O O   . HOH D 3 .   ? 22.273  -1.195  5.435   1.00 35.39 ? 17  HOH B O   1 
HETATM 977 O O   . HOH D 3 .   ? 16.363  4.499   3.396   1.00 32.74 ? 37  HOH B O   1 
HETATM 978 O O   . HOH D 3 .   ? 17.559  -0.486  -5.758  1.00 40.26 ? 44  HOH B O   1 
HETATM 979 O O   . HOH D 3 .   ? 18.178  -3.522  -2.461  1.00 26.48 ? 49  HOH B O   1 
HETATM 980 O O   . HOH D 3 .   ? 16.368  2.032   2.188   1.00 32.99 ? 50  HOH B O   1 
HETATM 981 O O   . HOH D 3 .   ? 22.255  -0.481  0.999   1.00 31.14 ? 61  HOH B O   1 
# 
